data_6HIA
# 
_entry.id   6HIA 
# 
_audit_conform.dict_name       mmcif_pdbx.dic 
_audit_conform.dict_version    5.383 
_audit_conform.dict_location   http://mmcif.pdb.org/dictionaries/ascii/mmcif_pdbx.dic 
# 
loop_
_database_2.database_id 
_database_2.database_code 
_database_2.pdbx_database_accession 
_database_2.pdbx_DOI 
PDB   6HIA         pdb_00006hia 10.2210/pdb6hia/pdb 
WWPDB D_1200011654 ?            ?                   
# 
loop_
_pdbx_audit_revision_history.ordinal 
_pdbx_audit_revision_history.data_content_type 
_pdbx_audit_revision_history.major_revision 
_pdbx_audit_revision_history.minor_revision 
_pdbx_audit_revision_history.revision_date 
1 'Structure model' 1 0 2019-02-20 
2 'Structure model' 1 1 2020-11-04 
3 'Structure model' 1 2 2024-01-17 
# 
_pdbx_audit_revision_details.ordinal             1 
_pdbx_audit_revision_details.revision_ordinal    1 
_pdbx_audit_revision_details.data_content_type   'Structure model' 
_pdbx_audit_revision_details.provider            repository 
_pdbx_audit_revision_details.type                'Initial release' 
_pdbx_audit_revision_details.description         ? 
_pdbx_audit_revision_details.details             ? 
# 
loop_
_pdbx_audit_revision_group.ordinal 
_pdbx_audit_revision_group.revision_ordinal 
_pdbx_audit_revision_group.data_content_type 
_pdbx_audit_revision_group.group 
1 2 'Structure model' 'Database references'    
2 3 'Structure model' 'Data collection'        
3 3 'Structure model' 'Database references'    
4 3 'Structure model' 'Refinement description' 
# 
loop_
_pdbx_audit_revision_category.ordinal 
_pdbx_audit_revision_category.revision_ordinal 
_pdbx_audit_revision_category.data_content_type 
_pdbx_audit_revision_category.category 
1 2 'Structure model' citation                      
2 2 'Structure model' citation_author               
3 3 'Structure model' chem_comp_atom                
4 3 'Structure model' chem_comp_bond                
5 3 'Structure model' database_2                    
6 3 'Structure model' pdbx_initial_refinement_model 
# 
loop_
_pdbx_audit_revision_item.ordinal 
_pdbx_audit_revision_item.revision_ordinal 
_pdbx_audit_revision_item.data_content_type 
_pdbx_audit_revision_item.item 
1  2 'Structure model' '_citation.country'                   
2  2 'Structure model' '_citation.journal_abbrev'            
3  2 'Structure model' '_citation.journal_id_CSD'            
4  2 'Structure model' '_citation.journal_id_ISSN'           
5  2 'Structure model' '_citation.journal_volume'            
6  2 'Structure model' '_citation.page_first'                
7  2 'Structure model' '_citation.page_last'                 
8  2 'Structure model' '_citation.pdbx_database_id_DOI'      
9  2 'Structure model' '_citation.pdbx_database_id_PubMed'   
10 2 'Structure model' '_citation.title'                     
11 2 'Structure model' '_citation.year'                      
12 3 'Structure model' '_database_2.pdbx_DOI'                
13 3 'Structure model' '_database_2.pdbx_database_accession' 
# 
_pdbx_database_status.status_code                     REL 
_pdbx_database_status.status_code_sf                  REL 
_pdbx_database_status.status_code_mr                  ? 
_pdbx_database_status.entry_id                        6HIA 
_pdbx_database_status.recvd_initial_deposition_date   2018-08-29 
_pdbx_database_status.SG_entry                        N 
_pdbx_database_status.deposit_site                    PDBE 
_pdbx_database_status.process_site                    PDBE 
_pdbx_database_status.status_code_cs                  ? 
_pdbx_database_status.methods_development_category    ? 
_pdbx_database_status.pdb_format_compatible           Y 
_pdbx_database_status.status_code_nmr_data            ? 
# 
loop_
_audit_author.name 
_audit_author.pdbx_ordinal 
_audit_author.identifier_ORCID 
'Sledz, P.'    1 ? 
'Caflisch, A.' 2 ? 
# 
_citation.abstract                  ? 
_citation.abstract_id_CAS           ? 
_citation.book_id_ISBN              ? 
_citation.book_publisher            ? 
_citation.book_publisher_city       ? 
_citation.book_title                ? 
_citation.coordinate_linkage        ? 
_citation.country                   US 
_citation.database_id_Medline       ? 
_citation.details                   ? 
_citation.id                        primary 
_citation.journal_abbrev            'Acs Med.Chem.Lett.' 
_citation.journal_id_ASTM           ? 
_citation.journal_id_CSD            ? 
_citation.journal_id_ISSN           1948-5875 
_citation.journal_full              ? 
_citation.journal_issue             ? 
_citation.journal_volume            11 
_citation.language                  ? 
_citation.page_first                1573 
_citation.page_last                 1580 
_citation.title                     'Hitting a Moving Target: Simulation and Crystallography Study of ATAD2 Bromodomain Blockers.' 
_citation.year                      2020 
_citation.database_id_CSD           ? 
_citation.pdbx_database_id_DOI      10.1021/acsmedchemlett.0c00080 
_citation.pdbx_database_id_PubMed   32832026 
_citation.unpublished_flag          ? 
# 
loop_
_citation_author.citation_id 
_citation_author.name 
_citation_author.ordinal 
_citation_author.identifier_ORCID 
primary 'Dolbois, A.'        1  ? 
primary 'Batiste, L.'        2  ? 
primary 'Wiedmer, L.'        3  ? 
primary 'Dong, J.'           4  ? 
primary 'Brutsch, M.'        5  ? 
primary 'Huang, D.'          6  ? 
primary 'Deerain, N.M.'      7  ? 
primary 'Spiliotopoulos, D.' 8  ? 
primary 'Cheng-Sanchez, I.'  9  ? 
primary 'Laul, E.'           10 ? 
primary 'Nevado, C.'         11 ? 
primary 'Sledz, P.'          12 ? 
primary 'Caflisch, A.'       13 ? 
# 
loop_
_entity.id 
_entity.type 
_entity.src_method 
_entity.pdbx_description 
_entity.formula_weight 
_entity.pdbx_number_of_molecules 
_entity.pdbx_ec 
_entity.pdbx_mutation 
_entity.pdbx_fragment 
_entity.details 
1 polymer     man 'ATPase family AAA domain-containing protein 2'                                                     15453.514 1 
3.6.1.3 ? ? ? 
2 non-polymer syn '(2~{R})-~{N}-[5-(5-azanylpyridin-3-yl)-4-ethanoyl-1,3-thiazol-2-yl]-2-carbamimidamido-propanamide' 347.395   1 
?       ? ? ? 
3 non-polymer syn 'SULFATE ION'                                                                                       96.063    1 
?       ? ? ? 
4 water       nat water                                                                                               18.015    
153 ?       ? ? ? 
# 
_entity_name_com.entity_id   1 
_entity_name_com.name        'AAA nuclear coregulator cancer-associated protein,ANCCA' 
# 
_entity_poly.entity_id                      1 
_entity_poly.type                           'polypeptide(L)' 
_entity_poly.nstd_linkage                   no 
_entity_poly.nstd_monomer                   no 
_entity_poly.pdbx_seq_one_letter_code       
;SMQEEDTFRELRIFLRNVTHRLAIDKRFRVFTKPVDPDEVPDYVTVIKQPMDLSSVISKIDLHKYLTVKDYLRDIDLICS
NALEYNPDRDPGDRLIRHRACALRDTAYAIIKEELDEDFEQLCEEIQESR
;
_entity_poly.pdbx_seq_one_letter_code_can   
;SMQEEDTFRELRIFLRNVTHRLAIDKRFRVFTKPVDPDEVPDYVTVIKQPMDLSSVISKIDLHKYLTVKDYLRDIDLICS
NALEYNPDRDPGDRLIRHRACALRDTAYAIIKEELDEDFEQLCEEIQESR
;
_entity_poly.pdbx_strand_id                 A 
_entity_poly.pdbx_target_identifier         ? 
# 
loop_
_pdbx_entity_nonpoly.entity_id 
_pdbx_entity_nonpoly.name 
_pdbx_entity_nonpoly.comp_id 
2 '(2~{R})-~{N}-[5-(5-azanylpyridin-3-yl)-4-ethanoyl-1,3-thiazol-2-yl]-2-carbamimidamido-propanamide' G7N 
3 'SULFATE ION'                                                                                       SO4 
4 water                                                                                               HOH 
# 
loop_
_entity_poly_seq.entity_id 
_entity_poly_seq.num 
_entity_poly_seq.mon_id 
_entity_poly_seq.hetero 
1 1   SER n 
1 2   MET n 
1 3   GLN n 
1 4   GLU n 
1 5   GLU n 
1 6   ASP n 
1 7   THR n 
1 8   PHE n 
1 9   ARG n 
1 10  GLU n 
1 11  LEU n 
1 12  ARG n 
1 13  ILE n 
1 14  PHE n 
1 15  LEU n 
1 16  ARG n 
1 17  ASN n 
1 18  VAL n 
1 19  THR n 
1 20  HIS n 
1 21  ARG n 
1 22  LEU n 
1 23  ALA n 
1 24  ILE n 
1 25  ASP n 
1 26  LYS n 
1 27  ARG n 
1 28  PHE n 
1 29  ARG n 
1 30  VAL n 
1 31  PHE n 
1 32  THR n 
1 33  LYS n 
1 34  PRO n 
1 35  VAL n 
1 36  ASP n 
1 37  PRO n 
1 38  ASP n 
1 39  GLU n 
1 40  VAL n 
1 41  PRO n 
1 42  ASP n 
1 43  TYR n 
1 44  VAL n 
1 45  THR n 
1 46  VAL n 
1 47  ILE n 
1 48  LYS n 
1 49  GLN n 
1 50  PRO n 
1 51  MET n 
1 52  ASP n 
1 53  LEU n 
1 54  SER n 
1 55  SER n 
1 56  VAL n 
1 57  ILE n 
1 58  SER n 
1 59  LYS n 
1 60  ILE n 
1 61  ASP n 
1 62  LEU n 
1 63  HIS n 
1 64  LYS n 
1 65  TYR n 
1 66  LEU n 
1 67  THR n 
1 68  VAL n 
1 69  LYS n 
1 70  ASP n 
1 71  TYR n 
1 72  LEU n 
1 73  ARG n 
1 74  ASP n 
1 75  ILE n 
1 76  ASP n 
1 77  LEU n 
1 78  ILE n 
1 79  CYS n 
1 80  SER n 
1 81  ASN n 
1 82  ALA n 
1 83  LEU n 
1 84  GLU n 
1 85  TYR n 
1 86  ASN n 
1 87  PRO n 
1 88  ASP n 
1 89  ARG n 
1 90  ASP n 
1 91  PRO n 
1 92  GLY n 
1 93  ASP n 
1 94  ARG n 
1 95  LEU n 
1 96  ILE n 
1 97  ARG n 
1 98  HIS n 
1 99  ARG n 
1 100 ALA n 
1 101 CYS n 
1 102 ALA n 
1 103 LEU n 
1 104 ARG n 
1 105 ASP n 
1 106 THR n 
1 107 ALA n 
1 108 TYR n 
1 109 ALA n 
1 110 ILE n 
1 111 ILE n 
1 112 LYS n 
1 113 GLU n 
1 114 GLU n 
1 115 LEU n 
1 116 ASP n 
1 117 GLU n 
1 118 ASP n 
1 119 PHE n 
1 120 GLU n 
1 121 GLN n 
1 122 LEU n 
1 123 CYS n 
1 124 GLU n 
1 125 GLU n 
1 126 ILE n 
1 127 GLN n 
1 128 GLU n 
1 129 SER n 
1 130 ARG n 
# 
_entity_src_gen.entity_id                          1 
_entity_src_gen.pdbx_src_id                        1 
_entity_src_gen.pdbx_alt_source_flag               sample 
_entity_src_gen.pdbx_seq_type                      'Biological sequence' 
_entity_src_gen.pdbx_beg_seq_num                   1 
_entity_src_gen.pdbx_end_seq_num                   130 
_entity_src_gen.gene_src_common_name               Human 
_entity_src_gen.gene_src_genus                     ? 
_entity_src_gen.pdbx_gene_src_gene                 'ATAD2, L16, PRO2000' 
_entity_src_gen.gene_src_species                   ? 
_entity_src_gen.gene_src_strain                    ? 
_entity_src_gen.gene_src_tissue                    ? 
_entity_src_gen.gene_src_tissue_fraction           ? 
_entity_src_gen.gene_src_details                   ? 
_entity_src_gen.pdbx_gene_src_fragment             ? 
_entity_src_gen.pdbx_gene_src_scientific_name      'Homo sapiens' 
_entity_src_gen.pdbx_gene_src_ncbi_taxonomy_id     9606 
_entity_src_gen.pdbx_gene_src_variant              ? 
_entity_src_gen.pdbx_gene_src_cell_line            ? 
_entity_src_gen.pdbx_gene_src_atcc                 ? 
_entity_src_gen.pdbx_gene_src_organ                ? 
_entity_src_gen.pdbx_gene_src_organelle            ? 
_entity_src_gen.pdbx_gene_src_cell                 ? 
_entity_src_gen.pdbx_gene_src_cellular_location    ? 
_entity_src_gen.host_org_common_name               ? 
_entity_src_gen.pdbx_host_org_scientific_name      'Escherichia coli' 
_entity_src_gen.pdbx_host_org_ncbi_taxonomy_id     562 
_entity_src_gen.host_org_genus                     ? 
_entity_src_gen.pdbx_host_org_gene                 ? 
_entity_src_gen.pdbx_host_org_organ                ? 
_entity_src_gen.host_org_species                   ? 
_entity_src_gen.pdbx_host_org_tissue               ? 
_entity_src_gen.pdbx_host_org_tissue_fraction      ? 
_entity_src_gen.pdbx_host_org_strain               ? 
_entity_src_gen.pdbx_host_org_variant              ? 
_entity_src_gen.pdbx_host_org_cell_line            ? 
_entity_src_gen.pdbx_host_org_atcc                 ? 
_entity_src_gen.pdbx_host_org_culture_collection   ? 
_entity_src_gen.pdbx_host_org_cell                 ? 
_entity_src_gen.pdbx_host_org_organelle            ? 
_entity_src_gen.pdbx_host_org_cellular_location    ? 
_entity_src_gen.pdbx_host_org_vector_type          ? 
_entity_src_gen.pdbx_host_org_vector               ? 
_entity_src_gen.host_org_details                   ? 
_entity_src_gen.expression_system_id               ? 
_entity_src_gen.plasmid_name                       ? 
_entity_src_gen.plasmid_details                    ? 
_entity_src_gen.pdbx_description                   ? 
# 
loop_
_chem_comp.id 
_chem_comp.type 
_chem_comp.mon_nstd_flag 
_chem_comp.name 
_chem_comp.pdbx_synonyms 
_chem_comp.formula 
_chem_comp.formula_weight 
ALA 'L-peptide linking' y ALANINE                                                                                             ? 
'C3 H7 N O2'      89.093  
ARG 'L-peptide linking' y ARGININE                                                                                            ? 
'C6 H15 N4 O2 1'  175.209 
ASN 'L-peptide linking' y ASPARAGINE                                                                                          ? 
'C4 H8 N2 O3'     132.118 
ASP 'L-peptide linking' y 'ASPARTIC ACID'                                                                                     ? 
'C4 H7 N O4'      133.103 
CYS 'L-peptide linking' y CYSTEINE                                                                                            ? 
'C3 H7 N O2 S'    121.158 
G7N non-polymer         . '(2~{R})-~{N}-[5-(5-azanylpyridin-3-yl)-4-ethanoyl-1,3-thiazol-2-yl]-2-carbamimidamido-propanamide' ? 
'C14 H17 N7 O2 S' 347.395 
GLN 'L-peptide linking' y GLUTAMINE                                                                                           ? 
'C5 H10 N2 O3'    146.144 
GLU 'L-peptide linking' y 'GLUTAMIC ACID'                                                                                     ? 
'C5 H9 N O4'      147.129 
GLY 'peptide linking'   y GLYCINE                                                                                             ? 
'C2 H5 N O2'      75.067  
HIS 'L-peptide linking' y HISTIDINE                                                                                           ? 
'C6 H10 N3 O2 1'  156.162 
HOH non-polymer         . WATER                                                                                               ? 
'H2 O'            18.015  
ILE 'L-peptide linking' y ISOLEUCINE                                                                                          ? 
'C6 H13 N O2'     131.173 
LEU 'L-peptide linking' y LEUCINE                                                                                             ? 
'C6 H13 N O2'     131.173 
LYS 'L-peptide linking' y LYSINE                                                                                              ? 
'C6 H15 N2 O2 1'  147.195 
MET 'L-peptide linking' y METHIONINE                                                                                          ? 
'C5 H11 N O2 S'   149.211 
PHE 'L-peptide linking' y PHENYLALANINE                                                                                       ? 
'C9 H11 N O2'     165.189 
PRO 'L-peptide linking' y PROLINE                                                                                             ? 
'C5 H9 N O2'      115.130 
SER 'L-peptide linking' y SERINE                                                                                              ? 
'C3 H7 N O3'      105.093 
SO4 non-polymer         . 'SULFATE ION'                                                                                       ? 
'O4 S -2'         96.063  
THR 'L-peptide linking' y THREONINE                                                                                           ? 
'C4 H9 N O3'      119.119 
TYR 'L-peptide linking' y TYROSINE                                                                                            ? 
'C9 H11 N O3'     181.189 
VAL 'L-peptide linking' y VALINE                                                                                              ? 
'C5 H11 N O2'     117.146 
# 
loop_
_pdbx_poly_seq_scheme.asym_id 
_pdbx_poly_seq_scheme.entity_id 
_pdbx_poly_seq_scheme.seq_id 
_pdbx_poly_seq_scheme.mon_id 
_pdbx_poly_seq_scheme.ndb_seq_num 
_pdbx_poly_seq_scheme.pdb_seq_num 
_pdbx_poly_seq_scheme.auth_seq_num 
_pdbx_poly_seq_scheme.pdb_mon_id 
_pdbx_poly_seq_scheme.auth_mon_id 
_pdbx_poly_seq_scheme.pdb_strand_id 
_pdbx_poly_seq_scheme.pdb_ins_code 
_pdbx_poly_seq_scheme.hetero 
A 1 1   SER 1   979  979  SER SER A . n 
A 1 2   MET 2   980  980  MET MET A . n 
A 1 3   GLN 3   981  981  GLN GLN A . n 
A 1 4   GLU 4   982  982  GLU GLU A . n 
A 1 5   GLU 5   983  983  GLU GLU A . n 
A 1 6   ASP 6   984  984  ASP ASP A . n 
A 1 7   THR 7   985  985  THR THR A . n 
A 1 8   PHE 8   986  986  PHE PHE A . n 
A 1 9   ARG 9   987  987  ARG ARG A . n 
A 1 10  GLU 10  988  988  GLU GLU A . n 
A 1 11  LEU 11  989  989  LEU LEU A . n 
A 1 12  ARG 12  990  990  ARG ARG A . n 
A 1 13  ILE 13  991  991  ILE ILE A . n 
A 1 14  PHE 14  992  992  PHE PHE A . n 
A 1 15  LEU 15  993  993  LEU LEU A . n 
A 1 16  ARG 16  994  994  ARG ARG A . n 
A 1 17  ASN 17  995  995  ASN ASN A . n 
A 1 18  VAL 18  996  996  VAL VAL A . n 
A 1 19  THR 19  997  997  THR THR A . n 
A 1 20  HIS 20  998  998  HIS HIS A . n 
A 1 21  ARG 21  999  999  ARG ARG A . n 
A 1 22  LEU 22  1000 1000 LEU LEU A . n 
A 1 23  ALA 23  1001 1001 ALA ALA A . n 
A 1 24  ILE 24  1002 1002 ILE ILE A . n 
A 1 25  ASP 25  1003 1003 ASP ASP A . n 
A 1 26  LYS 26  1004 1004 LYS LYS A . n 
A 1 27  ARG 27  1005 1005 ARG ARG A . n 
A 1 28  PHE 28  1006 1006 PHE PHE A . n 
A 1 29  ARG 29  1007 1007 ARG ARG A . n 
A 1 30  VAL 30  1008 1008 VAL VAL A . n 
A 1 31  PHE 31  1009 1009 PHE PHE A . n 
A 1 32  THR 32  1010 1010 THR THR A . n 
A 1 33  LYS 33  1011 1011 LYS LYS A . n 
A 1 34  PRO 34  1012 1012 PRO PRO A . n 
A 1 35  VAL 35  1013 1013 VAL VAL A . n 
A 1 36  ASP 36  1014 1014 ASP ASP A . n 
A 1 37  PRO 37  1015 1015 PRO PRO A . n 
A 1 38  ASP 38  1016 1016 ASP ASP A . n 
A 1 39  GLU 39  1017 1017 GLU GLU A . n 
A 1 40  VAL 40  1018 1018 VAL VAL A . n 
A 1 41  PRO 41  1019 1019 PRO PRO A . n 
A 1 42  ASP 42  1020 1020 ASP ASP A . n 
A 1 43  TYR 43  1021 1021 TYR TYR A . n 
A 1 44  VAL 44  1022 1022 VAL VAL A . n 
A 1 45  THR 45  1023 1023 THR THR A . n 
A 1 46  VAL 46  1024 1024 VAL VAL A . n 
A 1 47  ILE 47  1025 1025 ILE ILE A . n 
A 1 48  LYS 48  1026 1026 LYS LYS A . n 
A 1 49  GLN 49  1027 1027 GLN GLN A . n 
A 1 50  PRO 50  1028 1028 PRO PRO A . n 
A 1 51  MET 51  1029 1029 MET MET A . n 
A 1 52  ASP 52  1030 1030 ASP ASP A . n 
A 1 53  LEU 53  1031 1031 LEU LEU A . n 
A 1 54  SER 54  1032 1032 SER SER A . n 
A 1 55  SER 55  1033 1033 SER SER A . n 
A 1 56  VAL 56  1034 1034 VAL VAL A . n 
A 1 57  ILE 57  1035 1035 ILE ILE A . n 
A 1 58  SER 58  1036 1036 SER SER A . n 
A 1 59  LYS 59  1037 1037 LYS LYS A . n 
A 1 60  ILE 60  1038 1038 ILE ILE A . n 
A 1 61  ASP 61  1039 1039 ASP ASP A . n 
A 1 62  LEU 62  1040 1040 LEU LEU A . n 
A 1 63  HIS 63  1041 1041 HIS HIS A . n 
A 1 64  LYS 64  1042 1042 LYS LYS A . n 
A 1 65  TYR 65  1043 1043 TYR TYR A . n 
A 1 66  LEU 66  1044 1044 LEU LEU A . n 
A 1 67  THR 67  1045 1045 THR THR A . n 
A 1 68  VAL 68  1046 1046 VAL VAL A . n 
A 1 69  LYS 69  1047 1047 LYS LYS A . n 
A 1 70  ASP 70  1048 1048 ASP ASP A . n 
A 1 71  TYR 71  1049 1049 TYR TYR A . n 
A 1 72  LEU 72  1050 1050 LEU LEU A . n 
A 1 73  ARG 73  1051 1051 ARG ARG A . n 
A 1 74  ASP 74  1052 1052 ASP ASP A . n 
A 1 75  ILE 75  1053 1053 ILE ILE A . n 
A 1 76  ASP 76  1054 1054 ASP ASP A . n 
A 1 77  LEU 77  1055 1055 LEU LEU A . n 
A 1 78  ILE 78  1056 1056 ILE ILE A . n 
A 1 79  CYS 79  1057 1057 CYS CYS A . n 
A 1 80  SER 80  1058 1058 SER SER A . n 
A 1 81  ASN 81  1059 1059 ASN ASN A . n 
A 1 82  ALA 82  1060 1060 ALA ALA A . n 
A 1 83  LEU 83  1061 1061 LEU LEU A . n 
A 1 84  GLU 84  1062 1062 GLU GLU A . n 
A 1 85  TYR 85  1063 1063 TYR TYR A . n 
A 1 86  ASN 86  1064 1064 ASN ASN A . n 
A 1 87  PRO 87  1065 1065 PRO PRO A . n 
A 1 88  ASP 88  1066 1066 ASP ASP A . n 
A 1 89  ARG 89  1067 1067 ARG ARG A . n 
A 1 90  ASP 90  1068 1068 ASP ASP A . n 
A 1 91  PRO 91  1069 1069 PRO PRO A . n 
A 1 92  GLY 92  1070 1070 GLY GLY A . n 
A 1 93  ASP 93  1071 1071 ASP ASP A . n 
A 1 94  ARG 94  1072 1072 ARG ARG A . n 
A 1 95  LEU 95  1073 1073 LEU LEU A . n 
A 1 96  ILE 96  1074 1074 ILE ILE A . n 
A 1 97  ARG 97  1075 1075 ARG ARG A . n 
A 1 98  HIS 98  1076 1076 HIS HIS A . n 
A 1 99  ARG 99  1077 1077 ARG ARG A . n 
A 1 100 ALA 100 1078 1078 ALA ALA A . n 
A 1 101 CYS 101 1079 1079 CYS CYS A . n 
A 1 102 ALA 102 1080 1080 ALA ALA A . n 
A 1 103 LEU 103 1081 1081 LEU LEU A . n 
A 1 104 ARG 104 1082 1082 ARG ARG A . n 
A 1 105 ASP 105 1083 1083 ASP ASP A . n 
A 1 106 THR 106 1084 1084 THR THR A . n 
A 1 107 ALA 107 1085 1085 ALA ALA A . n 
A 1 108 TYR 108 1086 1086 TYR TYR A . n 
A 1 109 ALA 109 1087 1087 ALA ALA A . n 
A 1 110 ILE 110 1088 1088 ILE ILE A . n 
A 1 111 ILE 111 1089 1089 ILE ILE A . n 
A 1 112 LYS 112 1090 1090 LYS LYS A . n 
A 1 113 GLU 113 1091 1091 GLU GLU A . n 
A 1 114 GLU 114 1092 1092 GLU GLU A . n 
A 1 115 LEU 115 1093 1093 LEU LEU A . n 
A 1 116 ASP 116 1094 1094 ASP ASP A . n 
A 1 117 GLU 117 1095 1095 GLU GLU A . n 
A 1 118 ASP 118 1096 1096 ASP ASP A . n 
A 1 119 PHE 119 1097 1097 PHE PHE A . n 
A 1 120 GLU 120 1098 1098 GLU GLU A . n 
A 1 121 GLN 121 1099 1099 GLN GLN A . n 
A 1 122 LEU 122 1100 1100 LEU LEU A . n 
A 1 123 CYS 123 1101 1101 CYS CYS A . n 
A 1 124 GLU 124 1102 1102 GLU GLU A . n 
A 1 125 GLU 125 1103 1103 GLU GLU A . n 
A 1 126 ILE 126 1104 1104 ILE ILE A . n 
A 1 127 GLN 127 1105 1105 GLN GLN A . n 
A 1 128 GLU 128 1106 1106 GLU GLU A . n 
A 1 129 SER 129 1107 1107 SER SER A . n 
A 1 130 ARG 130 1108 1108 ARG ARG A . n 
# 
loop_
_pdbx_nonpoly_scheme.asym_id 
_pdbx_nonpoly_scheme.entity_id 
_pdbx_nonpoly_scheme.mon_id 
_pdbx_nonpoly_scheme.ndb_seq_num 
_pdbx_nonpoly_scheme.pdb_seq_num 
_pdbx_nonpoly_scheme.auth_seq_num 
_pdbx_nonpoly_scheme.pdb_mon_id 
_pdbx_nonpoly_scheme.auth_mon_id 
_pdbx_nonpoly_scheme.pdb_strand_id 
_pdbx_nonpoly_scheme.pdb_ins_code 
B 2 G7N 1   1201 1   G7N DRG A . 
C 3 SO4 1   1202 1   SO4 SO4 A . 
D 4 HOH 1   1301 124 HOH HOH A . 
D 4 HOH 2   1302 103 HOH HOH A . 
D 4 HOH 3   1303 117 HOH HOH A . 
D 4 HOH 4   1304 89  HOH HOH A . 
D 4 HOH 5   1305 95  HOH HOH A . 
D 4 HOH 6   1306 132 HOH HOH A . 
D 4 HOH 7   1307 141 HOH HOH A . 
D 4 HOH 8   1308 23  HOH HOH A . 
D 4 HOH 9   1309 46  HOH HOH A . 
D 4 HOH 10  1310 90  HOH HOH A . 
D 4 HOH 11  1311 41  HOH HOH A . 
D 4 HOH 12  1312 52  HOH HOH A . 
D 4 HOH 13  1313 72  HOH HOH A . 
D 4 HOH 14  1314 129 HOH HOH A . 
D 4 HOH 15  1315 47  HOH HOH A . 
D 4 HOH 16  1316 109 HOH HOH A . 
D 4 HOH 17  1317 24  HOH HOH A . 
D 4 HOH 18  1318 91  HOH HOH A . 
D 4 HOH 19  1319 147 HOH HOH A . 
D 4 HOH 20  1320 134 HOH HOH A . 
D 4 HOH 21  1321 16  HOH HOH A . 
D 4 HOH 22  1322 42  HOH HOH A . 
D 4 HOH 23  1323 112 HOH HOH A . 
D 4 HOH 24  1324 7   HOH HOH A . 
D 4 HOH 25  1325 15  HOH HOH A . 
D 4 HOH 26  1326 49  HOH HOH A . 
D 4 HOH 27  1327 58  HOH HOH A . 
D 4 HOH 28  1328 14  HOH HOH A . 
D 4 HOH 29  1329 31  HOH HOH A . 
D 4 HOH 30  1330 3   HOH HOH A . 
D 4 HOH 31  1331 40  HOH HOH A . 
D 4 HOH 32  1332 67  HOH HOH A . 
D 4 HOH 33  1333 105 HOH HOH A . 
D 4 HOH 34  1334 18  HOH HOH A . 
D 4 HOH 35  1335 73  HOH HOH A . 
D 4 HOH 36  1336 78  HOH HOH A . 
D 4 HOH 37  1337 62  HOH HOH A . 
D 4 HOH 38  1338 84  HOH HOH A . 
D 4 HOH 39  1339 38  HOH HOH A . 
D 4 HOH 40  1340 76  HOH HOH A . 
D 4 HOH 41  1341 50  HOH HOH A . 
D 4 HOH 42  1342 29  HOH HOH A . 
D 4 HOH 43  1343 60  HOH HOH A . 
D 4 HOH 44  1344 10  HOH HOH A . 
D 4 HOH 45  1345 104 HOH HOH A . 
D 4 HOH 46  1346 88  HOH HOH A . 
D 4 HOH 47  1347 39  HOH HOH A . 
D 4 HOH 48  1348 28  HOH HOH A . 
D 4 HOH 49  1349 116 HOH HOH A . 
D 4 HOH 50  1350 59  HOH HOH A . 
D 4 HOH 51  1351 53  HOH HOH A . 
D 4 HOH 52  1352 120 HOH HOH A . 
D 4 HOH 53  1353 71  HOH HOH A . 
D 4 HOH 54  1354 45  HOH HOH A . 
D 4 HOH 55  1355 61  HOH HOH A . 
D 4 HOH 56  1356 27  HOH HOH A . 
D 4 HOH 57  1357 123 HOH HOH A . 
D 4 HOH 58  1358 99  HOH HOH A . 
D 4 HOH 59  1359 97  HOH HOH A . 
D 4 HOH 60  1360 9   HOH HOH A . 
D 4 HOH 61  1361 37  HOH HOH A . 
D 4 HOH 62  1362 111 HOH HOH A . 
D 4 HOH 63  1363 1   HOH HOH A . 
D 4 HOH 64  1364 125 HOH HOH A . 
D 4 HOH 65  1365 74  HOH HOH A . 
D 4 HOH 66  1366 115 HOH HOH A . 
D 4 HOH 67  1367 8   HOH HOH A . 
D 4 HOH 68  1368 6   HOH HOH A . 
D 4 HOH 69  1369 2   HOH HOH A . 
D 4 HOH 70  1370 121 HOH HOH A . 
D 4 HOH 71  1371 20  HOH HOH A . 
D 4 HOH 72  1372 145 HOH HOH A . 
D 4 HOH 73  1373 32  HOH HOH A . 
D 4 HOH 74  1374 17  HOH HOH A . 
D 4 HOH 75  1375 12  HOH HOH A . 
D 4 HOH 76  1376 22  HOH HOH A . 
D 4 HOH 77  1377 126 HOH HOH A . 
D 4 HOH 78  1378 108 HOH HOH A . 
D 4 HOH 79  1379 34  HOH HOH A . 
D 4 HOH 80  1380 21  HOH HOH A . 
D 4 HOH 81  1381 94  HOH HOH A . 
D 4 HOH 82  1382 43  HOH HOH A . 
D 4 HOH 83  1383 75  HOH HOH A . 
D 4 HOH 84  1384 36  HOH HOH A . 
D 4 HOH 85  1385 4   HOH HOH A . 
D 4 HOH 86  1386 48  HOH HOH A . 
D 4 HOH 87  1387 11  HOH HOH A . 
D 4 HOH 88  1388 5   HOH HOH A . 
D 4 HOH 89  1389 54  HOH HOH A . 
D 4 HOH 90  1390 142 HOH HOH A . 
D 4 HOH 91  1391 127 HOH HOH A . 
D 4 HOH 92  1392 69  HOH HOH A . 
D 4 HOH 93  1393 149 HOH HOH A . 
D 4 HOH 94  1394 25  HOH HOH A . 
D 4 HOH 95  1395 87  HOH HOH A . 
D 4 HOH 96  1396 30  HOH HOH A . 
D 4 HOH 97  1397 65  HOH HOH A . 
D 4 HOH 98  1398 135 HOH HOH A . 
D 4 HOH 99  1399 130 HOH HOH A . 
D 4 HOH 100 1400 82  HOH HOH A . 
D 4 HOH 101 1401 146 HOH HOH A . 
D 4 HOH 102 1402 51  HOH HOH A . 
D 4 HOH 103 1403 83  HOH HOH A . 
D 4 HOH 104 1404 100 HOH HOH A . 
D 4 HOH 105 1405 93  HOH HOH A . 
D 4 HOH 106 1406 153 HOH HOH A . 
D 4 HOH 107 1407 96  HOH HOH A . 
D 4 HOH 108 1408 26  HOH HOH A . 
D 4 HOH 109 1409 152 HOH HOH A . 
D 4 HOH 110 1410 98  HOH HOH A . 
D 4 HOH 111 1411 70  HOH HOH A . 
D 4 HOH 112 1412 19  HOH HOH A . 
D 4 HOH 113 1413 137 HOH HOH A . 
D 4 HOH 114 1414 136 HOH HOH A . 
D 4 HOH 115 1415 85  HOH HOH A . 
D 4 HOH 116 1416 57  HOH HOH A . 
D 4 HOH 117 1417 114 HOH HOH A . 
D 4 HOH 118 1418 63  HOH HOH A . 
D 4 HOH 119 1419 133 HOH HOH A . 
D 4 HOH 120 1420 119 HOH HOH A . 
D 4 HOH 121 1421 131 HOH HOH A . 
D 4 HOH 122 1422 13  HOH HOH A . 
D 4 HOH 123 1423 110 HOH HOH A . 
D 4 HOH 124 1424 79  HOH HOH A . 
D 4 HOH 125 1425 86  HOH HOH A . 
D 4 HOH 126 1426 118 HOH HOH A . 
D 4 HOH 127 1427 35  HOH HOH A . 
D 4 HOH 128 1428 81  HOH HOH A . 
D 4 HOH 129 1429 113 HOH HOH A . 
D 4 HOH 130 1430 144 HOH HOH A . 
D 4 HOH 131 1431 122 HOH HOH A . 
D 4 HOH 132 1432 68  HOH HOH A . 
D 4 HOH 133 1433 66  HOH HOH A . 
D 4 HOH 134 1434 150 HOH HOH A . 
D 4 HOH 135 1435 80  HOH HOH A . 
D 4 HOH 136 1436 148 HOH HOH A . 
D 4 HOH 137 1437 128 HOH HOH A . 
D 4 HOH 138 1438 56  HOH HOH A . 
D 4 HOH 139 1439 106 HOH HOH A . 
D 4 HOH 140 1440 138 HOH HOH A . 
D 4 HOH 141 1441 55  HOH HOH A . 
D 4 HOH 142 1442 151 HOH HOH A . 
D 4 HOH 143 1443 64  HOH HOH A . 
D 4 HOH 144 1444 44  HOH HOH A . 
D 4 HOH 145 1445 139 HOH HOH A . 
D 4 HOH 146 1446 77  HOH HOH A . 
D 4 HOH 147 1447 107 HOH HOH A . 
D 4 HOH 148 1448 140 HOH HOH A . 
D 4 HOH 149 1449 102 HOH HOH A . 
D 4 HOH 150 1450 33  HOH HOH A . 
D 4 HOH 151 1451 101 HOH HOH A . 
D 4 HOH 152 1452 143 HOH HOH A . 
D 4 HOH 153 1453 92  HOH HOH A . 
# 
loop_
_pdbx_unobs_or_zero_occ_atoms.id 
_pdbx_unobs_or_zero_occ_atoms.PDB_model_num 
_pdbx_unobs_or_zero_occ_atoms.polymer_flag 
_pdbx_unobs_or_zero_occ_atoms.occupancy_flag 
_pdbx_unobs_or_zero_occ_atoms.auth_asym_id 
_pdbx_unobs_or_zero_occ_atoms.auth_comp_id 
_pdbx_unobs_or_zero_occ_atoms.auth_seq_id 
_pdbx_unobs_or_zero_occ_atoms.PDB_ins_code 
_pdbx_unobs_or_zero_occ_atoms.auth_atom_id 
_pdbx_unobs_or_zero_occ_atoms.label_alt_id 
_pdbx_unobs_or_zero_occ_atoms.label_asym_id 
_pdbx_unobs_or_zero_occ_atoms.label_comp_id 
_pdbx_unobs_or_zero_occ_atoms.label_seq_id 
_pdbx_unobs_or_zero_occ_atoms.label_atom_id 
1  1 Y 1 A MET 980  ? CG  ? A MET 2  CG  
2  1 Y 1 A MET 980  ? SD  ? A MET 2  SD  
3  1 Y 1 A MET 980  ? CE  ? A MET 2  CE  
4  1 Y 1 A LYS 1004 ? CG  ? A LYS 26 CG  
5  1 Y 1 A LYS 1004 ? CD  ? A LYS 26 CD  
6  1 Y 1 A LYS 1004 ? CE  ? A LYS 26 CE  
7  1 Y 1 A LYS 1004 ? NZ  ? A LYS 26 NZ  
8  1 Y 1 A ASP 1016 ? CG  ? A ASP 38 CG  
9  1 Y 1 A ASP 1016 ? OD1 ? A ASP 38 OD1 
10 1 Y 1 A ASP 1016 ? OD2 ? A ASP 38 OD2 
# 
loop_
_software.citation_id 
_software.classification 
_software.compiler_name 
_software.compiler_version 
_software.contact_author 
_software.contact_author_email 
_software.date 
_software.description 
_software.dependencies 
_software.hardware 
_software.language 
_software.location 
_software.mods 
_software.name 
_software.os 
_software.os_version 
_software.type 
_software.version 
_software.pdbx_ordinal 
? refinement       ? ? ? ? ? ? ? ? ? ? ? PHENIX ? ? ? '(1.14_3211: ???)' 1 
? 'data reduction' ? ? ? ? ? ? ? ? ? ? ? XDS    ? ? ? .                  2 
? 'data scaling'   ? ? ? ? ? ? ? ? ? ? ? XDS    ? ? ? .                  3 
? phasing          ? ? ? ? ? ? ? ? ? ? ? PHASER ? ? ? .                  4 
# 
_cell.angle_alpha                  90.00 
_cell.angle_alpha_esd              ? 
_cell.angle_beta                   90.00 
_cell.angle_beta_esd               ? 
_cell.angle_gamma                  120.00 
_cell.angle_gamma_esd              ? 
_cell.entry_id                     6HIA 
_cell.details                      ? 
_cell.formula_units_Z              ? 
_cell.length_a                     79.139 
_cell.length_a_esd                 ? 
_cell.length_b                     79.139 
_cell.length_b_esd                 ? 
_cell.length_c                     138.031 
_cell.length_c_esd                 ? 
_cell.volume                       ? 
_cell.volume_esd                   ? 
_cell.Z_PDB                        12 
_cell.reciprocal_angle_alpha       ? 
_cell.reciprocal_angle_beta        ? 
_cell.reciprocal_angle_gamma       ? 
_cell.reciprocal_angle_alpha_esd   ? 
_cell.reciprocal_angle_beta_esd    ? 
_cell.reciprocal_angle_gamma_esd   ? 
_cell.reciprocal_length_a          ? 
_cell.reciprocal_length_b          ? 
_cell.reciprocal_length_c          ? 
_cell.reciprocal_length_a_esd      ? 
_cell.reciprocal_length_b_esd      ? 
_cell.reciprocal_length_c_esd      ? 
_cell.pdbx_unique_axis             ? 
# 
_symmetry.entry_id                         6HIA 
_symmetry.cell_setting                     ? 
_symmetry.Int_Tables_number                179 
_symmetry.space_group_name_Hall            ? 
_symmetry.space_group_name_H-M             'P 65 2 2' 
_symmetry.pdbx_full_space_group_name_H-M   ? 
# 
_exptl.absorpt_coefficient_mu     ? 
_exptl.absorpt_correction_T_max   ? 
_exptl.absorpt_correction_T_min   ? 
_exptl.absorpt_correction_type    ? 
_exptl.absorpt_process_details    ? 
_exptl.entry_id                   6HIA 
_exptl.crystals_number            1 
_exptl.details                    ? 
_exptl.method                     'X-RAY DIFFRACTION' 
_exptl.method_details             ? 
# 
_exptl_crystal.colour                      ? 
_exptl_crystal.density_diffrn              ? 
_exptl_crystal.density_Matthews            4.04 
_exptl_crystal.density_method              ? 
_exptl_crystal.density_percent_sol         69.53 
_exptl_crystal.description                 ? 
_exptl_crystal.F_000                       ? 
_exptl_crystal.id                          1 
_exptl_crystal.preparation                 ? 
_exptl_crystal.size_max                    ? 
_exptl_crystal.size_mid                    ? 
_exptl_crystal.size_min                    ? 
_exptl_crystal.size_rad                    ? 
_exptl_crystal.colour_lustre               ? 
_exptl_crystal.colour_modifier             ? 
_exptl_crystal.colour_primary              ? 
_exptl_crystal.density_meas                ? 
_exptl_crystal.density_meas_esd            ? 
_exptl_crystal.density_meas_gt             ? 
_exptl_crystal.density_meas_lt             ? 
_exptl_crystal.density_meas_temp           ? 
_exptl_crystal.density_meas_temp_esd       ? 
_exptl_crystal.density_meas_temp_gt        ? 
_exptl_crystal.density_meas_temp_lt        ? 
_exptl_crystal.pdbx_crystal_image_url      ? 
_exptl_crystal.pdbx_crystal_image_format   ? 
_exptl_crystal.pdbx_mosaicity              ? 
_exptl_crystal.pdbx_mosaicity_esd          ? 
# 
_exptl_crystal_grow.apparatus       ? 
_exptl_crystal_grow.atmosphere      ? 
_exptl_crystal_grow.crystal_id      1 
_exptl_crystal_grow.details         ? 
_exptl_crystal_grow.method          'VAPOR DIFFUSION, HANGING DROP' 
_exptl_crystal_grow.method_ref      ? 
_exptl_crystal_grow.pH              5.5 
_exptl_crystal_grow.pressure        ? 
_exptl_crystal_grow.pressure_esd    ? 
_exptl_crystal_grow.seeding         ? 
_exptl_crystal_grow.seeding_ref     ? 
_exptl_crystal_grow.temp            277 
_exptl_crystal_grow.temp_details    ? 
_exptl_crystal_grow.temp_esd        ? 
_exptl_crystal_grow.time            ? 
_exptl_crystal_grow.pdbx_details    '2M (NH4)2SO4, 0.1M Bis-Tris pH 5.5' 
_exptl_crystal_grow.pdbx_pH_range   ? 
# 
_diffrn.ambient_environment              ? 
_diffrn.ambient_temp                     100 
_diffrn.ambient_temp_details             ? 
_diffrn.ambient_temp_esd                 ? 
_diffrn.crystal_id                       1 
_diffrn.crystal_support                  ? 
_diffrn.crystal_treatment                ? 
_diffrn.details                          ? 
_diffrn.id                               1 
_diffrn.ambient_pressure                 ? 
_diffrn.ambient_pressure_esd             ? 
_diffrn.ambient_pressure_gt              ? 
_diffrn.ambient_pressure_lt              ? 
_diffrn.ambient_temp_gt                  ? 
_diffrn.ambient_temp_lt                  ? 
_diffrn.pdbx_serial_crystal_experiment   ? 
# 
_diffrn_detector.details                      ? 
_diffrn_detector.detector                     PIXEL 
_diffrn_detector.diffrn_id                    1 
_diffrn_detector.type                         'DECTRIS PILATUS 6M-F' 
_diffrn_detector.area_resol_mean              ? 
_diffrn_detector.dtime                        ? 
_diffrn_detector.pdbx_frames_total            ? 
_diffrn_detector.pdbx_collection_time_total   ? 
_diffrn_detector.pdbx_collection_date         2017-09-21 
_diffrn_detector.pdbx_frequency               ? 
# 
_diffrn_radiation.collimation                      ? 
_diffrn_radiation.diffrn_id                        1 
_diffrn_radiation.filter_edge                      ? 
_diffrn_radiation.inhomogeneity                    ? 
_diffrn_radiation.monochromator                    ? 
_diffrn_radiation.polarisn_norm                    ? 
_diffrn_radiation.polarisn_ratio                   ? 
_diffrn_radiation.probe                            ? 
_diffrn_radiation.type                             ? 
_diffrn_radiation.xray_symbol                      ? 
_diffrn_radiation.wavelength_id                    1 
_diffrn_radiation.pdbx_monochromatic_or_laue_m_l   M 
_diffrn_radiation.pdbx_wavelength_list             ? 
_diffrn_radiation.pdbx_wavelength                  ? 
_diffrn_radiation.pdbx_diffrn_protocol             'SINGLE WAVELENGTH' 
_diffrn_radiation.pdbx_analyzer                    ? 
_diffrn_radiation.pdbx_scattering_type             x-ray 
# 
_diffrn_radiation_wavelength.id           1 
_diffrn_radiation_wavelength.wavelength   0.999990 
_diffrn_radiation_wavelength.wt           1.0 
# 
_diffrn_source.current                     ? 
_diffrn_source.details                     ? 
_diffrn_source.diffrn_id                   1 
_diffrn_source.power                       ? 
_diffrn_source.size                        ? 
_diffrn_source.source                      SYNCHROTRON 
_diffrn_source.target                      ? 
_diffrn_source.type                        'SLS BEAMLINE X06DA' 
_diffrn_source.voltage                     ? 
_diffrn_source.take-off_angle              ? 
_diffrn_source.pdbx_wavelength_list        0.999990 
_diffrn_source.pdbx_wavelength             ? 
_diffrn_source.pdbx_synchrotron_beamline   X06DA 
_diffrn_source.pdbx_synchrotron_site       SLS 
# 
_reflns.B_iso_Wilson_estimate            ? 
_reflns.entry_id                         6HIA 
_reflns.data_reduction_details           ? 
_reflns.data_reduction_method            ? 
_reflns.d_resolution_high                1.897 
_reflns.d_resolution_low                 39.569 
_reflns.details                          ? 
_reflns.limit_h_max                      ? 
_reflns.limit_h_min                      ? 
_reflns.limit_k_max                      ? 
_reflns.limit_k_min                      ? 
_reflns.limit_l_max                      ? 
_reflns.limit_l_min                      ? 
_reflns.number_all                       ? 
_reflns.number_obs                       38116 
_reflns.observed_criterion               ? 
_reflns.observed_criterion_F_max         ? 
_reflns.observed_criterion_F_min         ? 
_reflns.observed_criterion_I_max         ? 
_reflns.observed_criterion_I_min         ? 
_reflns.observed_criterion_sigma_F       ? 
_reflns.observed_criterion_sigma_I       ? 
_reflns.percent_possible_obs             99.4 
_reflns.R_free_details                   ? 
_reflns.Rmerge_F_all                     ? 
_reflns.Rmerge_F_obs                     ? 
_reflns.Friedel_coverage                 ? 
_reflns.number_gt                        ? 
_reflns.threshold_expression             ? 
_reflns.pdbx_redundancy                  5.75 
_reflns.pdbx_Rmerge_I_obs                ? 
_reflns.pdbx_Rmerge_I_all                ? 
_reflns.pdbx_Rsym_value                  ? 
_reflns.pdbx_netI_over_av_sigmaI         ? 
_reflns.pdbx_netI_over_sigmaI            21.15 
_reflns.pdbx_res_netI_over_av_sigmaI_2   ? 
_reflns.pdbx_res_netI_over_sigmaI_2      ? 
_reflns.pdbx_chi_squared                 ? 
_reflns.pdbx_scaling_rejects             ? 
_reflns.pdbx_d_res_high_opt              ? 
_reflns.pdbx_d_res_low_opt               ? 
_reflns.pdbx_d_res_opt_method            ? 
_reflns.phase_calculation_details        ? 
_reflns.pdbx_Rrim_I_all                  0.060 
_reflns.pdbx_Rpim_I_all                  ? 
_reflns.pdbx_d_opt                       ? 
_reflns.pdbx_number_measured_all         ? 
_reflns.pdbx_diffrn_id                   1 
_reflns.pdbx_ordinal                     1 
_reflns.pdbx_CC_half                     1.0 
_reflns.pdbx_R_split                     ? 
# 
_reflns_shell.d_res_high                  1.90 
_reflns_shell.d_res_low                   2.01 
_reflns_shell.meanI_over_sigI_all         ? 
_reflns_shell.meanI_over_sigI_obs         1.95 
_reflns_shell.number_measured_all         ? 
_reflns_shell.number_measured_obs         ? 
_reflns_shell.number_possible             ? 
_reflns_shell.number_unique_all           ? 
_reflns_shell.number_unique_obs           6072 
_reflns_shell.percent_possible_all        98.1 
_reflns_shell.percent_possible_obs        ? 
_reflns_shell.Rmerge_F_all                ? 
_reflns_shell.Rmerge_F_obs                ? 
_reflns_shell.Rmerge_I_all                ? 
_reflns_shell.Rmerge_I_obs                ? 
_reflns_shell.meanI_over_sigI_gt          ? 
_reflns_shell.meanI_over_uI_all           ? 
_reflns_shell.meanI_over_uI_gt            ? 
_reflns_shell.number_measured_gt          ? 
_reflns_shell.number_unique_gt            ? 
_reflns_shell.percent_possible_gt         ? 
_reflns_shell.Rmerge_F_gt                 ? 
_reflns_shell.Rmerge_I_gt                 ? 
_reflns_shell.pdbx_redundancy             5.59 
_reflns_shell.pdbx_Rsym_value             ? 
_reflns_shell.pdbx_chi_squared            ? 
_reflns_shell.pdbx_netI_over_sigmaI_all   ? 
_reflns_shell.pdbx_netI_over_sigmaI_obs   ? 
_reflns_shell.pdbx_Rrim_I_all             0.857 
_reflns_shell.pdbx_Rpim_I_all             ? 
_reflns_shell.pdbx_rejects                ? 
_reflns_shell.pdbx_ordinal                1 
_reflns_shell.pdbx_diffrn_id              1 
_reflns_shell.pdbx_CC_half                0.773 
_reflns_shell.pdbx_R_split                ? 
# 
_refine.aniso_B[1][1]                            ? 
_refine.aniso_B[1][2]                            ? 
_refine.aniso_B[1][3]                            ? 
_refine.aniso_B[2][2]                            ? 
_refine.aniso_B[2][3]                            ? 
_refine.aniso_B[3][3]                            ? 
_refine.B_iso_max                                ? 
_refine.B_iso_mean                               ? 
_refine.B_iso_min                                ? 
_refine.correlation_coeff_Fo_to_Fc               ? 
_refine.correlation_coeff_Fo_to_Fc_free          ? 
_refine.details                                  ? 
_refine.diff_density_max                         ? 
_refine.diff_density_max_esd                     ? 
_refine.diff_density_min                         ? 
_refine.diff_density_min_esd                     ? 
_refine.diff_density_rms                         ? 
_refine.diff_density_rms_esd                     ? 
_refine.entry_id                                 6HIA 
_refine.pdbx_refine_id                           'X-RAY DIFFRACTION' 
_refine.ls_abs_structure_details                 ? 
_refine.ls_abs_structure_Flack                   ? 
_refine.ls_abs_structure_Flack_esd               ? 
_refine.ls_abs_structure_Rogers                  ? 
_refine.ls_abs_structure_Rogers_esd              ? 
_refine.ls_d_res_high                            1.897 
_refine.ls_d_res_low                             39.569 
_refine.ls_extinction_coef                       ? 
_refine.ls_extinction_coef_esd                   ? 
_refine.ls_extinction_expression                 ? 
_refine.ls_extinction_method                     ? 
_refine.ls_goodness_of_fit_all                   ? 
_refine.ls_goodness_of_fit_all_esd               ? 
_refine.ls_goodness_of_fit_obs                   ? 
_refine.ls_goodness_of_fit_obs_esd               ? 
_refine.ls_hydrogen_treatment                    ? 
_refine.ls_matrix_type                           ? 
_refine.ls_number_constraints                    ? 
_refine.ls_number_parameters                     ? 
_refine.ls_number_reflns_all                     ? 
_refine.ls_number_reflns_obs                     37722 
_refine.ls_number_reflns_R_free                  1875 
_refine.ls_number_reflns_R_work                  ? 
_refine.ls_number_restraints                     ? 
_refine.ls_percent_reflns_obs                    98.49 
_refine.ls_percent_reflns_R_free                 4.97 
_refine.ls_R_factor_all                          ? 
_refine.ls_R_factor_obs                          0.2064 
_refine.ls_R_factor_R_free                       0.2315 
_refine.ls_R_factor_R_free_error                 ? 
_refine.ls_R_factor_R_free_error_details         ? 
_refine.ls_R_factor_R_work                       0.2051 
_refine.ls_R_Fsqd_factor_obs                     ? 
_refine.ls_R_I_factor_obs                        ? 
_refine.ls_redundancy_reflns_all                 ? 
_refine.ls_redundancy_reflns_obs                 ? 
_refine.ls_restrained_S_all                      ? 
_refine.ls_restrained_S_obs                      ? 
_refine.ls_shift_over_esd_max                    ? 
_refine.ls_shift_over_esd_mean                   ? 
_refine.ls_structure_factor_coef                 ? 
_refine.ls_weighting_details                     ? 
_refine.ls_weighting_scheme                      ? 
_refine.ls_wR_factor_all                         ? 
_refine.ls_wR_factor_obs                         ? 
_refine.ls_wR_factor_R_free                      ? 
_refine.ls_wR_factor_R_work                      ? 
_refine.occupancy_max                            ? 
_refine.occupancy_min                            ? 
_refine.solvent_model_details                    ? 
_refine.solvent_model_param_bsol                 ? 
_refine.solvent_model_param_ksol                 ? 
_refine.ls_R_factor_gt                           ? 
_refine.ls_goodness_of_fit_gt                    ? 
_refine.ls_goodness_of_fit_ref                   ? 
_refine.ls_shift_over_su_max                     ? 
_refine.ls_shift_over_su_max_lt                  ? 
_refine.ls_shift_over_su_mean                    ? 
_refine.ls_shift_over_su_mean_lt                 ? 
_refine.pdbx_ls_sigma_I                          ? 
_refine.pdbx_ls_sigma_F                          1.33 
_refine.pdbx_ls_sigma_Fsqd                       ? 
_refine.pdbx_data_cutoff_high_absF               ? 
_refine.pdbx_data_cutoff_high_rms_absF           ? 
_refine.pdbx_data_cutoff_low_absF                ? 
_refine.pdbx_isotropic_thermal_model             ? 
_refine.pdbx_ls_cross_valid_method               'FREE R-VALUE' 
_refine.pdbx_method_to_determine_struct          'MOLECULAR REPLACEMENT' 
_refine.pdbx_starting_model                      5f36 
_refine.pdbx_stereochemistry_target_values       ? 
_refine.pdbx_R_Free_selection_details            ? 
_refine.pdbx_stereochem_target_val_spec_case     ? 
_refine.pdbx_overall_ESU_R                       ? 
_refine.pdbx_overall_ESU_R_Free                  ? 
_refine.pdbx_solvent_vdw_probe_radii             1.11 
_refine.pdbx_solvent_ion_probe_radii             ? 
_refine.pdbx_solvent_shrinkage_radii             0.90 
_refine.pdbx_real_space_R                        ? 
_refine.pdbx_density_correlation                 ? 
_refine.pdbx_pd_number_of_powder_patterns        ? 
_refine.pdbx_pd_number_of_points                 ? 
_refine.pdbx_pd_meas_number_of_points            ? 
_refine.pdbx_pd_proc_ls_prof_R_factor            ? 
_refine.pdbx_pd_proc_ls_prof_wR_factor           ? 
_refine.pdbx_pd_Marquardt_correlation_coeff      ? 
_refine.pdbx_pd_Fsqrd_R_factor                   ? 
_refine.pdbx_pd_ls_matrix_band_width             ? 
_refine.pdbx_overall_phase_error                 27.06 
_refine.pdbx_overall_SU_R_free_Cruickshank_DPI   ? 
_refine.pdbx_overall_SU_R_free_Blow_DPI          ? 
_refine.pdbx_overall_SU_R_Blow_DPI               ? 
_refine.pdbx_TLS_residual_ADP_flag               ? 
_refine.pdbx_diffrn_id                           1 
_refine.overall_SU_B                             ? 
_refine.overall_SU_ML                            0.31 
_refine.overall_SU_R_Cruickshank_DPI             ? 
_refine.overall_SU_R_free                        ? 
_refine.overall_FOM_free_R_set                   ? 
_refine.overall_FOM_work_R_set                   ? 
_refine.pdbx_average_fsc_overall                 ? 
_refine.pdbx_average_fsc_work                    ? 
_refine.pdbx_average_fsc_free                    ? 
# 
_refine_hist.pdbx_refine_id                   'X-RAY DIFFRACTION' 
_refine_hist.cycle_id                         LAST 
_refine_hist.pdbx_number_atoms_protein        1074 
_refine_hist.pdbx_number_atoms_nucleic_acid   0 
_refine_hist.pdbx_number_atoms_ligand         29 
_refine_hist.number_atoms_solvent             153 
_refine_hist.number_atoms_total               1256 
_refine_hist.d_res_high                       1.897 
_refine_hist.d_res_low                        39.569 
# 
loop_
_refine_ls_restr.pdbx_refine_id 
_refine_ls_restr.criterion 
_refine_ls_restr.dev_ideal 
_refine_ls_restr.dev_ideal_target 
_refine_ls_restr.number 
_refine_ls_restr.rejects 
_refine_ls_restr.type 
_refine_ls_restr.weight 
_refine_ls_restr.pdbx_restraint_function 
'X-RAY DIFFRACTION' ? 0.007 ? 1123 ? f_bond_d           ? ? 
'X-RAY DIFFRACTION' ? 1.065 ? 1522 ? f_angle_d          ? ? 
'X-RAY DIFFRACTION' ? 9.285 ? 984  ? f_dihedral_angle_d ? ? 
'X-RAY DIFFRACTION' ? 0.048 ? 169  ? f_chiral_restr     ? ? 
'X-RAY DIFFRACTION' ? 0.004 ? 201  ? f_plane_restr      ? ? 
# 
loop_
_refine_ls_shell.pdbx_refine_id 
_refine_ls_shell.d_res_high 
_refine_ls_shell.d_res_low 
_refine_ls_shell.number_reflns_all 
_refine_ls_shell.number_reflns_obs 
_refine_ls_shell.number_reflns_R_free 
_refine_ls_shell.number_reflns_R_work 
_refine_ls_shell.percent_reflns_obs 
_refine_ls_shell.percent_reflns_R_free 
_refine_ls_shell.R_factor_all 
_refine_ls_shell.R_factor_obs 
_refine_ls_shell.R_factor_R_free 
_refine_ls_shell.R_factor_R_free_error 
_refine_ls_shell.R_factor_R_work 
_refine_ls_shell.redundancy_reflns_all 
_refine_ls_shell.redundancy_reflns_obs 
_refine_ls_shell.wR_factor_all 
_refine_ls_shell.wR_factor_obs 
_refine_ls_shell.wR_factor_R_free 
_refine_ls_shell.wR_factor_R_work 
_refine_ls_shell.pdbx_total_number_of_bins_used 
_refine_ls_shell.pdbx_phase_error 
_refine_ls_shell.pdbx_fsc_work 
_refine_ls_shell.pdbx_fsc_free 
'X-RAY DIFFRACTION' 1.8972 1.9485  . . 126 2358 85.00  . . . 0.5430 . 0.5122 . . . . . . . . . . 
'X-RAY DIFFRACTION' 1.9485 2.0058  . . 145 2809 100.00 . . . 0.3211 . 0.3057 . . . . . . . . . . 
'X-RAY DIFFRACTION' 2.0058 2.0706  . . 147 2802 100.00 . . . 0.2760 . 0.2512 . . . . . . . . . . 
'X-RAY DIFFRACTION' 2.0706 2.1446  . . 145 2804 100.00 . . . 0.2598 . 0.2326 . . . . . . . . . . 
'X-RAY DIFFRACTION' 2.1446 2.2304  . . 137 2737 98.00  . . . 0.3003 . 0.2510 . . . . . . . . . . 
'X-RAY DIFFRACTION' 2.2304 2.3319  . . 144 2771 98.00  . . . 0.3170 . 0.2771 . . . . . . . . . . 
'X-RAY DIFFRACTION' 2.3319 2.4549  . . 152 2778 100.00 . . . 0.2087 . 0.1973 . . . . . . . . . . 
'X-RAY DIFFRACTION' 2.4549 2.6086  . . 148 2792 100.00 . . . 0.2063 . 0.2060 . . . . . . . . . . 
'X-RAY DIFFRACTION' 2.6086 2.8100  . . 147 2802 100.00 . . . 0.2774 . 0.2035 . . . . . . . . . . 
'X-RAY DIFFRACTION' 2.8100 3.0927  . . 145 2790 100.00 . . . 0.2147 . 0.2036 . . . . . . . . . . 
'X-RAY DIFFRACTION' 3.0927 3.5400  . . 150 2806 100.00 . . . 0.1864 . 0.1867 . . . . . . . . . . 
'X-RAY DIFFRACTION' 3.5400 4.4590  . . 149 2790 100.00 . . . 0.2015 . 0.1642 . . . . . . . . . . 
'X-RAY DIFFRACTION' 4.4590 39.5781 . . 140 2808 100.00 . . . 0.2118 . 0.1798 . . . . . . . . . . 
# 
_struct.entry_id                     6HIA 
_struct.title                        'The ATAD2 bromodomain in complex with compound 13' 
_struct.pdbx_model_details           ? 
_struct.pdbx_formula_weight          ? 
_struct.pdbx_formula_weight_method   ? 
_struct.pdbx_model_type_details      ? 
_struct.pdbx_CASP_flag               N 
# 
_struct_keywords.entry_id        6HIA 
_struct_keywords.text            'Bromodomain, ATAD2, inhibitor, complex, CYTOSOLIC PROTEIN' 
_struct_keywords.pdbx_keywords   'CYTOSOLIC PROTEIN' 
# 
loop_
_struct_asym.id 
_struct_asym.pdbx_blank_PDB_chainid_flag 
_struct_asym.pdbx_modified 
_struct_asym.entity_id 
_struct_asym.details 
A N N 1 ? 
B N N 2 ? 
C N N 3 ? 
D N N 4 ? 
# 
_struct_ref.id                         1 
_struct_ref.db_name                    UNP 
_struct_ref.db_code                    ATAD2_HUMAN 
_struct_ref.pdbx_db_accession          Q6PL18 
_struct_ref.pdbx_db_isoform            ? 
_struct_ref.entity_id                  1 
_struct_ref.pdbx_seq_one_letter_code   
;QEEDTFRELRIFLRNVTHRLAIDKRFRVFTKPVDPDEVPDYVTVIKQPMDLSSVISKIDLHKYLTVKDYLRDIDLICSNA
LEYNPDRDPGDRLIRHRACALRDTAYAIIKEELDEDFEQLCEEIQESR
;
_struct_ref.pdbx_align_begin           981 
# 
_struct_ref_seq.align_id                      1 
_struct_ref_seq.ref_id                        1 
_struct_ref_seq.pdbx_PDB_id_code              6HIA 
_struct_ref_seq.pdbx_strand_id                A 
_struct_ref_seq.seq_align_beg                 3 
_struct_ref_seq.pdbx_seq_align_beg_ins_code   ? 
_struct_ref_seq.seq_align_end                 130 
_struct_ref_seq.pdbx_seq_align_end_ins_code   ? 
_struct_ref_seq.pdbx_db_accession             Q6PL18 
_struct_ref_seq.db_align_beg                  981 
_struct_ref_seq.pdbx_db_align_beg_ins_code    ? 
_struct_ref_seq.db_align_end                  1108 
_struct_ref_seq.pdbx_db_align_end_ins_code    ? 
_struct_ref_seq.pdbx_auth_seq_align_beg       981 
_struct_ref_seq.pdbx_auth_seq_align_end       1108 
# 
loop_
_struct_ref_seq_dif.align_id 
_struct_ref_seq_dif.pdbx_pdb_id_code 
_struct_ref_seq_dif.mon_id 
_struct_ref_seq_dif.pdbx_pdb_strand_id 
_struct_ref_seq_dif.seq_num 
_struct_ref_seq_dif.pdbx_pdb_ins_code 
_struct_ref_seq_dif.pdbx_seq_db_name 
_struct_ref_seq_dif.pdbx_seq_db_accession_code 
_struct_ref_seq_dif.db_mon_id 
_struct_ref_seq_dif.pdbx_seq_db_seq_num 
_struct_ref_seq_dif.details 
_struct_ref_seq_dif.pdbx_auth_seq_num 
_struct_ref_seq_dif.pdbx_ordinal 
1 6HIA SER A 1 ? UNP Q6PL18 ? ? 'expression tag' 979 1 
1 6HIA MET A 2 ? UNP Q6PL18 ? ? 'expression tag' 980 2 
# 
_pdbx_struct_assembly.id                   1 
_pdbx_struct_assembly.details              author_and_software_defined_assembly 
_pdbx_struct_assembly.method_details       PISA 
_pdbx_struct_assembly.oligomeric_details   monomeric 
_pdbx_struct_assembly.oligomeric_count     1 
# 
loop_
_pdbx_struct_assembly_prop.biol_id 
_pdbx_struct_assembly_prop.type 
_pdbx_struct_assembly_prop.value 
_pdbx_struct_assembly_prop.details 
1 'ABSA (A^2)' 180  ? 
1 MORE         -13  ? 
1 'SSA (A^2)'  7880 ? 
# 
_pdbx_struct_assembly_gen.assembly_id       1 
_pdbx_struct_assembly_gen.oper_expression   1 
_pdbx_struct_assembly_gen.asym_id_list      A,B,C,D 
# 
_pdbx_struct_assembly_auth_evidence.id                     1 
_pdbx_struct_assembly_auth_evidence.assembly_id            1 
_pdbx_struct_assembly_auth_evidence.experimental_support   'gel filtration' 
_pdbx_struct_assembly_auth_evidence.details                ? 
# 
_pdbx_struct_oper_list.id                   1 
_pdbx_struct_oper_list.type                 'identity operation' 
_pdbx_struct_oper_list.name                 1_555 
_pdbx_struct_oper_list.symmetry_operation   x,y,z 
_pdbx_struct_oper_list.matrix[1][1]         1.0000000000 
_pdbx_struct_oper_list.matrix[1][2]         0.0000000000 
_pdbx_struct_oper_list.matrix[1][3]         0.0000000000 
_pdbx_struct_oper_list.vector[1]            0.0000000000 
_pdbx_struct_oper_list.matrix[2][1]         0.0000000000 
_pdbx_struct_oper_list.matrix[2][2]         1.0000000000 
_pdbx_struct_oper_list.matrix[2][3]         0.0000000000 
_pdbx_struct_oper_list.vector[2]            0.0000000000 
_pdbx_struct_oper_list.matrix[3][1]         0.0000000000 
_pdbx_struct_oper_list.matrix[3][2]         0.0000000000 
_pdbx_struct_oper_list.matrix[3][3]         1.0000000000 
_pdbx_struct_oper_list.vector[3]            0.0000000000 
# 
loop_
_struct_conf.conf_type_id 
_struct_conf.id 
_struct_conf.pdbx_PDB_helix_id 
_struct_conf.beg_label_comp_id 
_struct_conf.beg_label_asym_id 
_struct_conf.beg_label_seq_id 
_struct_conf.pdbx_beg_PDB_ins_code 
_struct_conf.end_label_comp_id 
_struct_conf.end_label_asym_id 
_struct_conf.end_label_seq_id 
_struct_conf.pdbx_end_PDB_ins_code 
_struct_conf.beg_auth_comp_id 
_struct_conf.beg_auth_asym_id 
_struct_conf.beg_auth_seq_id 
_struct_conf.end_auth_comp_id 
_struct_conf.end_auth_asym_id 
_struct_conf.end_auth_seq_id 
_struct_conf.pdbx_PDB_helix_class 
_struct_conf.details 
_struct_conf.pdbx_PDB_helix_length 
HELX_P HELX_P1 AA1 SER A 1   ? ILE A 24  ? SER A 979  ILE A 1002 1 ? 24 
HELX_P HELX_P2 AA2 ASP A 25  ? THR A 32  ? ASP A 1003 THR A 1010 5 ? 8  
HELX_P HELX_P3 AA3 ASP A 42  ? ILE A 47  ? ASP A 1020 ILE A 1025 1 ? 6  
HELX_P HELX_P4 AA4 ASP A 52  ? LEU A 62  ? ASP A 1030 LEU A 1040 1 ? 11 
HELX_P HELX_P5 AA5 THR A 67  ? ASN A 86  ? THR A 1045 ASN A 1064 1 ? 20 
HELX_P HELX_P6 AA6 ASP A 90  ? LEU A 115 ? ASP A 1068 LEU A 1093 1 ? 26 
HELX_P HELX_P7 AA7 ASP A 116 ? SER A 129 ? ASP A 1094 SER A 1107 1 ? 14 
# 
_struct_conf_type.id          HELX_P 
_struct_conf_type.criteria    ? 
_struct_conf_type.reference   ? 
# 
loop_
_struct_site.id 
_struct_site.pdbx_evidence_code 
_struct_site.pdbx_auth_asym_id 
_struct_site.pdbx_auth_comp_id 
_struct_site.pdbx_auth_seq_id 
_struct_site.pdbx_auth_ins_code 
_struct_site.pdbx_num_residues 
_struct_site.details 
AC1 Software A G7N 1201 ? 10 'binding site for residue G7N A 1201' 
AC2 Software A SO4 1202 ? 5  'binding site for residue SO4 A 1202' 
# 
loop_
_struct_site_gen.id 
_struct_site_gen.site_id 
_struct_site_gen.pdbx_num_res 
_struct_site_gen.label_comp_id 
_struct_site_gen.label_asym_id 
_struct_site_gen.label_seq_id 
_struct_site_gen.pdbx_auth_ins_code 
_struct_site_gen.auth_comp_id 
_struct_site_gen.auth_asym_id 
_struct_site_gen.auth_seq_id 
_struct_site_gen.label_atom_id 
_struct_site_gen.label_alt_id 
_struct_site_gen.symmetry 
_struct_site_gen.details 
1  AC1 10 VAL A 30 ? VAL A 1008 . ? 1_555 ? 
2  AC1 10 VAL A 35 ? VAL A 1013 . ? 1_555 ? 
3  AC1 10 TYR A 85 ? TYR A 1063 . ? 1_555 ? 
4  AC1 10 ASN A 86 ? ASN A 1064 . ? 1_555 ? 
5  AC1 10 GLY A 92 ? GLY A 1070 . ? 1_555 ? 
6  AC1 10 ASP A 93 ? ASP A 1071 . ? 1_555 ? 
7  AC1 10 HOH D .  ? HOH A 1305 . ? 1_555 ? 
8  AC1 10 HOH D .  ? HOH A 1311 . ? 1_555 ? 
9  AC1 10 HOH D .  ? HOH A 1319 . ? 1_555 ? 
10 AC1 10 HOH D .  ? HOH A 1396 . ? 1_555 ? 
11 AC2 5  ARG A 9  ? ARG A 987  . ? 1_555 ? 
12 AC2 5  ARG A 12 ? ARG A 990  . ? 1_555 ? 
13 AC2 5  ARG A 16 ? ARG A 994  . ? 1_555 ? 
14 AC2 5  ARG A 89 ? ARG A 1067 . ? 6_444 ? 
15 AC2 5  HOH D .  ? HOH A 1346 . ? 1_555 ? 
# 
loop_
_pdbx_validate_close_contact.id 
_pdbx_validate_close_contact.PDB_model_num 
_pdbx_validate_close_contact.auth_atom_id_1 
_pdbx_validate_close_contact.auth_asym_id_1 
_pdbx_validate_close_contact.auth_comp_id_1 
_pdbx_validate_close_contact.auth_seq_id_1 
_pdbx_validate_close_contact.PDB_ins_code_1 
_pdbx_validate_close_contact.label_alt_id_1 
_pdbx_validate_close_contact.auth_atom_id_2 
_pdbx_validate_close_contact.auth_asym_id_2 
_pdbx_validate_close_contact.auth_comp_id_2 
_pdbx_validate_close_contact.auth_seq_id_2 
_pdbx_validate_close_contact.PDB_ins_code_2 
_pdbx_validate_close_contact.label_alt_id_2 
_pdbx_validate_close_contact.dist 
1 1 O   A HOH 1413 ? ? O A HOH 1445 ? ? 1.81 
2 1 O   A HOH 1393 ? ? O A HOH 1407 ? ? 1.88 
3 1 OE1 A GLN 981  ? ? O A HOH 1301 ? ? 2.03 
4 1 OD1 A ASP 1068 ? ? O A HOH 1302 ? ? 2.05 
5 1 OE2 A GLU 1106 ? ? O A HOH 1303 ? ? 2.09 
# 
_pdbx_struct_special_symmetry.id              1 
_pdbx_struct_special_symmetry.PDB_model_num   1 
_pdbx_struct_special_symmetry.auth_asym_id    A 
_pdbx_struct_special_symmetry.auth_comp_id    HOH 
_pdbx_struct_special_symmetry.auth_seq_id     1402 
_pdbx_struct_special_symmetry.PDB_ins_code    ? 
_pdbx_struct_special_symmetry.label_asym_id   D 
_pdbx_struct_special_symmetry.label_comp_id   HOH 
_pdbx_struct_special_symmetry.label_seq_id    . 
# 
loop_
_pdbx_distant_solvent_atoms.id 
_pdbx_distant_solvent_atoms.PDB_model_num 
_pdbx_distant_solvent_atoms.auth_atom_id 
_pdbx_distant_solvent_atoms.label_alt_id 
_pdbx_distant_solvent_atoms.auth_asym_id 
_pdbx_distant_solvent_atoms.auth_comp_id 
_pdbx_distant_solvent_atoms.auth_seq_id 
_pdbx_distant_solvent_atoms.PDB_ins_code 
_pdbx_distant_solvent_atoms.neighbor_macromolecule_distance 
_pdbx_distant_solvent_atoms.neighbor_ligand_distance 
1 1 O ? A HOH 1451 ? 6.01 . 
2 1 O ? A HOH 1452 ? 6.18 . 
3 1 O ? A HOH 1453 ? 6.34 . 
# 
loop_
_chem_comp_atom.comp_id 
_chem_comp_atom.atom_id 
_chem_comp_atom.type_symbol 
_chem_comp_atom.pdbx_aromatic_flag 
_chem_comp_atom.pdbx_stereo_config 
_chem_comp_atom.pdbx_ordinal 
ALA N    N N N 1   
ALA CA   C N S 2   
ALA C    C N N 3   
ALA O    O N N 4   
ALA CB   C N N 5   
ALA OXT  O N N 6   
ALA H    H N N 7   
ALA H2   H N N 8   
ALA HA   H N N 9   
ALA HB1  H N N 10  
ALA HB2  H N N 11  
ALA HB3  H N N 12  
ALA HXT  H N N 13  
ARG N    N N N 14  
ARG CA   C N S 15  
ARG C    C N N 16  
ARG O    O N N 17  
ARG CB   C N N 18  
ARG CG   C N N 19  
ARG CD   C N N 20  
ARG NE   N N N 21  
ARG CZ   C N N 22  
ARG NH1  N N N 23  
ARG NH2  N N N 24  
ARG OXT  O N N 25  
ARG H    H N N 26  
ARG H2   H N N 27  
ARG HA   H N N 28  
ARG HB2  H N N 29  
ARG HB3  H N N 30  
ARG HG2  H N N 31  
ARG HG3  H N N 32  
ARG HD2  H N N 33  
ARG HD3  H N N 34  
ARG HE   H N N 35  
ARG HH11 H N N 36  
ARG HH12 H N N 37  
ARG HH21 H N N 38  
ARG HH22 H N N 39  
ARG HXT  H N N 40  
ASN N    N N N 41  
ASN CA   C N S 42  
ASN C    C N N 43  
ASN O    O N N 44  
ASN CB   C N N 45  
ASN CG   C N N 46  
ASN OD1  O N N 47  
ASN ND2  N N N 48  
ASN OXT  O N N 49  
ASN H    H N N 50  
ASN H2   H N N 51  
ASN HA   H N N 52  
ASN HB2  H N N 53  
ASN HB3  H N N 54  
ASN HD21 H N N 55  
ASN HD22 H N N 56  
ASN HXT  H N N 57  
ASP N    N N N 58  
ASP CA   C N S 59  
ASP C    C N N 60  
ASP O    O N N 61  
ASP CB   C N N 62  
ASP CG   C N N 63  
ASP OD1  O N N 64  
ASP OD2  O N N 65  
ASP OXT  O N N 66  
ASP H    H N N 67  
ASP H2   H N N 68  
ASP HA   H N N 69  
ASP HB2  H N N 70  
ASP HB3  H N N 71  
ASP HD2  H N N 72  
ASP HXT  H N N 73  
CYS N    N N N 74  
CYS CA   C N R 75  
CYS C    C N N 76  
CYS O    O N N 77  
CYS CB   C N N 78  
CYS SG   S N N 79  
CYS OXT  O N N 80  
CYS H    H N N 81  
CYS H2   H N N 82  
CYS HA   H N N 83  
CYS HB2  H N N 84  
CYS HB3  H N N 85  
CYS HG   H N N 86  
CYS HXT  H N N 87  
G7N N    N N N 88  
G7N CA   C N R 89  
G7N C    C N N 90  
G7N O    O N N 91  
G7N CB   C N N 92  
G7N CAB  C Y N 93  
G7N CAC  C Y N 94  
G7N CAD  C Y N 95  
G7N CAE  C Y N 96  
G7N CAG  C Y N 97  
G7N CAL  C N N 98  
G7N CAN  C Y N 99  
G7N CAP  C Y N 100 
G7N CAQ  C Y N 101 
G7N CAV  C N N 102 
G7N CAW  C N N 103 
G7N NAA  N N N 104 
G7N NAH  N N N 105 
G7N NAM  N N N 106 
G7N NAO  N Y N 107 
G7N NAR  N Y N 108 
G7N NAU  N N N 109 
G7N OAX  O N N 110 
G7N SAF  S Y N 111 
G7N H1   H N N 112 
G7N H2   H N N 113 
G7N H3   H N N 114 
G7N H4   H N N 115 
G7N H5   H N N 116 
G7N H6   H N N 117 
G7N H7   H N N 118 
G7N H8   H N N 119 
G7N H9   H N N 120 
G7N H10  H N N 121 
G7N H11  H N N 122 
G7N H12  H N N 123 
G7N H13  H N N 124 
G7N H14  H N N 125 
G7N H15  H N N 126 
G7N H16  H N N 127 
G7N H17  H N N 128 
GLN N    N N N 129 
GLN CA   C N S 130 
GLN C    C N N 131 
GLN O    O N N 132 
GLN CB   C N N 133 
GLN CG   C N N 134 
GLN CD   C N N 135 
GLN OE1  O N N 136 
GLN NE2  N N N 137 
GLN OXT  O N N 138 
GLN H    H N N 139 
GLN H2   H N N 140 
GLN HA   H N N 141 
GLN HB2  H N N 142 
GLN HB3  H N N 143 
GLN HG2  H N N 144 
GLN HG3  H N N 145 
GLN HE21 H N N 146 
GLN HE22 H N N 147 
GLN HXT  H N N 148 
GLU N    N N N 149 
GLU CA   C N S 150 
GLU C    C N N 151 
GLU O    O N N 152 
GLU CB   C N N 153 
GLU CG   C N N 154 
GLU CD   C N N 155 
GLU OE1  O N N 156 
GLU OE2  O N N 157 
GLU OXT  O N N 158 
GLU H    H N N 159 
GLU H2   H N N 160 
GLU HA   H N N 161 
GLU HB2  H N N 162 
GLU HB3  H N N 163 
GLU HG2  H N N 164 
GLU HG3  H N N 165 
GLU HE2  H N N 166 
GLU HXT  H N N 167 
GLY N    N N N 168 
GLY CA   C N N 169 
GLY C    C N N 170 
GLY O    O N N 171 
GLY OXT  O N N 172 
GLY H    H N N 173 
GLY H2   H N N 174 
GLY HA2  H N N 175 
GLY HA3  H N N 176 
GLY HXT  H N N 177 
HIS N    N N N 178 
HIS CA   C N S 179 
HIS C    C N N 180 
HIS O    O N N 181 
HIS CB   C N N 182 
HIS CG   C Y N 183 
HIS ND1  N Y N 184 
HIS CD2  C Y N 185 
HIS CE1  C Y N 186 
HIS NE2  N Y N 187 
HIS OXT  O N N 188 
HIS H    H N N 189 
HIS H2   H N N 190 
HIS HA   H N N 191 
HIS HB2  H N N 192 
HIS HB3  H N N 193 
HIS HD1  H N N 194 
HIS HD2  H N N 195 
HIS HE1  H N N 196 
HIS HE2  H N N 197 
HIS HXT  H N N 198 
HOH O    O N N 199 
HOH H1   H N N 200 
HOH H2   H N N 201 
ILE N    N N N 202 
ILE CA   C N S 203 
ILE C    C N N 204 
ILE O    O N N 205 
ILE CB   C N S 206 
ILE CG1  C N N 207 
ILE CG2  C N N 208 
ILE CD1  C N N 209 
ILE OXT  O N N 210 
ILE H    H N N 211 
ILE H2   H N N 212 
ILE HA   H N N 213 
ILE HB   H N N 214 
ILE HG12 H N N 215 
ILE HG13 H N N 216 
ILE HG21 H N N 217 
ILE HG22 H N N 218 
ILE HG23 H N N 219 
ILE HD11 H N N 220 
ILE HD12 H N N 221 
ILE HD13 H N N 222 
ILE HXT  H N N 223 
LEU N    N N N 224 
LEU CA   C N S 225 
LEU C    C N N 226 
LEU O    O N N 227 
LEU CB   C N N 228 
LEU CG   C N N 229 
LEU CD1  C N N 230 
LEU CD2  C N N 231 
LEU OXT  O N N 232 
LEU H    H N N 233 
LEU H2   H N N 234 
LEU HA   H N N 235 
LEU HB2  H N N 236 
LEU HB3  H N N 237 
LEU HG   H N N 238 
LEU HD11 H N N 239 
LEU HD12 H N N 240 
LEU HD13 H N N 241 
LEU HD21 H N N 242 
LEU HD22 H N N 243 
LEU HD23 H N N 244 
LEU HXT  H N N 245 
LYS N    N N N 246 
LYS CA   C N S 247 
LYS C    C N N 248 
LYS O    O N N 249 
LYS CB   C N N 250 
LYS CG   C N N 251 
LYS CD   C N N 252 
LYS CE   C N N 253 
LYS NZ   N N N 254 
LYS OXT  O N N 255 
LYS H    H N N 256 
LYS H2   H N N 257 
LYS HA   H N N 258 
LYS HB2  H N N 259 
LYS HB3  H N N 260 
LYS HG2  H N N 261 
LYS HG3  H N N 262 
LYS HD2  H N N 263 
LYS HD3  H N N 264 
LYS HE2  H N N 265 
LYS HE3  H N N 266 
LYS HZ1  H N N 267 
LYS HZ2  H N N 268 
LYS HZ3  H N N 269 
LYS HXT  H N N 270 
MET N    N N N 271 
MET CA   C N S 272 
MET C    C N N 273 
MET O    O N N 274 
MET CB   C N N 275 
MET CG   C N N 276 
MET SD   S N N 277 
MET CE   C N N 278 
MET OXT  O N N 279 
MET H    H N N 280 
MET H2   H N N 281 
MET HA   H N N 282 
MET HB2  H N N 283 
MET HB3  H N N 284 
MET HG2  H N N 285 
MET HG3  H N N 286 
MET HE1  H N N 287 
MET HE2  H N N 288 
MET HE3  H N N 289 
MET HXT  H N N 290 
PHE N    N N N 291 
PHE CA   C N S 292 
PHE C    C N N 293 
PHE O    O N N 294 
PHE CB   C N N 295 
PHE CG   C Y N 296 
PHE CD1  C Y N 297 
PHE CD2  C Y N 298 
PHE CE1  C Y N 299 
PHE CE2  C Y N 300 
PHE CZ   C Y N 301 
PHE OXT  O N N 302 
PHE H    H N N 303 
PHE H2   H N N 304 
PHE HA   H N N 305 
PHE HB2  H N N 306 
PHE HB3  H N N 307 
PHE HD1  H N N 308 
PHE HD2  H N N 309 
PHE HE1  H N N 310 
PHE HE2  H N N 311 
PHE HZ   H N N 312 
PHE HXT  H N N 313 
PRO N    N N N 314 
PRO CA   C N S 315 
PRO C    C N N 316 
PRO O    O N N 317 
PRO CB   C N N 318 
PRO CG   C N N 319 
PRO CD   C N N 320 
PRO OXT  O N N 321 
PRO H    H N N 322 
PRO HA   H N N 323 
PRO HB2  H N N 324 
PRO HB3  H N N 325 
PRO HG2  H N N 326 
PRO HG3  H N N 327 
PRO HD2  H N N 328 
PRO HD3  H N N 329 
PRO HXT  H N N 330 
SER N    N N N 331 
SER CA   C N S 332 
SER C    C N N 333 
SER O    O N N 334 
SER CB   C N N 335 
SER OG   O N N 336 
SER OXT  O N N 337 
SER H    H N N 338 
SER H2   H N N 339 
SER HA   H N N 340 
SER HB2  H N N 341 
SER HB3  H N N 342 
SER HG   H N N 343 
SER HXT  H N N 344 
SO4 S    S N N 345 
SO4 O1   O N N 346 
SO4 O2   O N N 347 
SO4 O3   O N N 348 
SO4 O4   O N N 349 
THR N    N N N 350 
THR CA   C N S 351 
THR C    C N N 352 
THR O    O N N 353 
THR CB   C N R 354 
THR OG1  O N N 355 
THR CG2  C N N 356 
THR OXT  O N N 357 
THR H    H N N 358 
THR H2   H N N 359 
THR HA   H N N 360 
THR HB   H N N 361 
THR HG1  H N N 362 
THR HG21 H N N 363 
THR HG22 H N N 364 
THR HG23 H N N 365 
THR HXT  H N N 366 
TYR N    N N N 367 
TYR CA   C N S 368 
TYR C    C N N 369 
TYR O    O N N 370 
TYR CB   C N N 371 
TYR CG   C Y N 372 
TYR CD1  C Y N 373 
TYR CD2  C Y N 374 
TYR CE1  C Y N 375 
TYR CE2  C Y N 376 
TYR CZ   C Y N 377 
TYR OH   O N N 378 
TYR OXT  O N N 379 
TYR H    H N N 380 
TYR H2   H N N 381 
TYR HA   H N N 382 
TYR HB2  H N N 383 
TYR HB3  H N N 384 
TYR HD1  H N N 385 
TYR HD2  H N N 386 
TYR HE1  H N N 387 
TYR HE2  H N N 388 
TYR HH   H N N 389 
TYR HXT  H N N 390 
VAL N    N N N 391 
VAL CA   C N S 392 
VAL C    C N N 393 
VAL O    O N N 394 
VAL CB   C N N 395 
VAL CG1  C N N 396 
VAL CG2  C N N 397 
VAL OXT  O N N 398 
VAL H    H N N 399 
VAL H2   H N N 400 
VAL HA   H N N 401 
VAL HB   H N N 402 
VAL HG11 H N N 403 
VAL HG12 H N N 404 
VAL HG13 H N N 405 
VAL HG21 H N N 406 
VAL HG22 H N N 407 
VAL HG23 H N N 408 
VAL HXT  H N N 409 
# 
loop_
_chem_comp_bond.comp_id 
_chem_comp_bond.atom_id_1 
_chem_comp_bond.atom_id_2 
_chem_comp_bond.value_order 
_chem_comp_bond.pdbx_aromatic_flag 
_chem_comp_bond.pdbx_stereo_config 
_chem_comp_bond.pdbx_ordinal 
ALA N   CA   sing N N 1   
ALA N   H    sing N N 2   
ALA N   H2   sing N N 3   
ALA CA  C    sing N N 4   
ALA CA  CB   sing N N 5   
ALA CA  HA   sing N N 6   
ALA C   O    doub N N 7   
ALA C   OXT  sing N N 8   
ALA CB  HB1  sing N N 9   
ALA CB  HB2  sing N N 10  
ALA CB  HB3  sing N N 11  
ALA OXT HXT  sing N N 12  
ARG N   CA   sing N N 13  
ARG N   H    sing N N 14  
ARG N   H2   sing N N 15  
ARG CA  C    sing N N 16  
ARG CA  CB   sing N N 17  
ARG CA  HA   sing N N 18  
ARG C   O    doub N N 19  
ARG C   OXT  sing N N 20  
ARG CB  CG   sing N N 21  
ARG CB  HB2  sing N N 22  
ARG CB  HB3  sing N N 23  
ARG CG  CD   sing N N 24  
ARG CG  HG2  sing N N 25  
ARG CG  HG3  sing N N 26  
ARG CD  NE   sing N N 27  
ARG CD  HD2  sing N N 28  
ARG CD  HD3  sing N N 29  
ARG NE  CZ   sing N N 30  
ARG NE  HE   sing N N 31  
ARG CZ  NH1  sing N N 32  
ARG CZ  NH2  doub N N 33  
ARG NH1 HH11 sing N N 34  
ARG NH1 HH12 sing N N 35  
ARG NH2 HH21 sing N N 36  
ARG NH2 HH22 sing N N 37  
ARG OXT HXT  sing N N 38  
ASN N   CA   sing N N 39  
ASN N   H    sing N N 40  
ASN N   H2   sing N N 41  
ASN CA  C    sing N N 42  
ASN CA  CB   sing N N 43  
ASN CA  HA   sing N N 44  
ASN C   O    doub N N 45  
ASN C   OXT  sing N N 46  
ASN CB  CG   sing N N 47  
ASN CB  HB2  sing N N 48  
ASN CB  HB3  sing N N 49  
ASN CG  OD1  doub N N 50  
ASN CG  ND2  sing N N 51  
ASN ND2 HD21 sing N N 52  
ASN ND2 HD22 sing N N 53  
ASN OXT HXT  sing N N 54  
ASP N   CA   sing N N 55  
ASP N   H    sing N N 56  
ASP N   H2   sing N N 57  
ASP CA  C    sing N N 58  
ASP CA  CB   sing N N 59  
ASP CA  HA   sing N N 60  
ASP C   O    doub N N 61  
ASP C   OXT  sing N N 62  
ASP CB  CG   sing N N 63  
ASP CB  HB2  sing N N 64  
ASP CB  HB3  sing N N 65  
ASP CG  OD1  doub N N 66  
ASP CG  OD2  sing N N 67  
ASP OD2 HD2  sing N N 68  
ASP OXT HXT  sing N N 69  
CYS N   CA   sing N N 70  
CYS N   H    sing N N 71  
CYS N   H2   sing N N 72  
CYS CA  C    sing N N 73  
CYS CA  CB   sing N N 74  
CYS CA  HA   sing N N 75  
CYS C   O    doub N N 76  
CYS C   OXT  sing N N 77  
CYS CB  SG   sing N N 78  
CYS CB  HB2  sing N N 79  
CYS CB  HB3  sing N N 80  
CYS SG  HG   sing N N 81  
CYS OXT HXT  sing N N 82  
G7N NAA CAB  sing N N 83  
G7N CAB CAC  doub Y N 84  
G7N CAB CAN  sing Y N 85  
G7N CAC CAD  sing Y N 86  
G7N CAN NAO  doub Y N 87  
G7N CAD CAE  sing N N 88  
G7N CAD CAP  doub Y N 89  
G7N NAO CAP  sing Y N 90  
G7N CAV CAW  sing N N 91  
G7N CAE CAQ  doub Y N 92  
G7N CAE SAF  sing Y N 93  
G7N CAW CAQ  sing N N 94  
G7N CAW OAX  doub N N 95  
G7N CAQ NAR  sing Y N 96  
G7N SAF CAG  sing Y N 97  
G7N NAR CAG  doub Y N 98  
G7N CAG NAH  sing N N 99  
G7N O   C    doub N N 100 
G7N CB  CA   sing N N 101 
G7N NAH C    sing N N 102 
G7N C   CA   sing N N 103 
G7N CA  N    sing N N 104 
G7N N   CAL  sing N N 105 
G7N CAL NAM  doub N N 106 
G7N CAL NAU  sing N N 107 
G7N N   H1   sing N N 108 
G7N CA  H2   sing N N 109 
G7N CB  H3   sing N N 110 
G7N CB  H4   sing N N 111 
G7N CB  H5   sing N N 112 
G7N CAC H6   sing N N 113 
G7N CAN H7   sing N N 114 
G7N CAP H8   sing N N 115 
G7N CAV H9   sing N N 116 
G7N CAV H10  sing N N 117 
G7N CAV H11  sing N N 118 
G7N NAA H12  sing N N 119 
G7N NAA H13  sing N N 120 
G7N NAH H14  sing N N 121 
G7N NAM H15  sing N N 122 
G7N NAU H16  sing N N 123 
G7N NAU H17  sing N N 124 
GLN N   CA   sing N N 125 
GLN N   H    sing N N 126 
GLN N   H2   sing N N 127 
GLN CA  C    sing N N 128 
GLN CA  CB   sing N N 129 
GLN CA  HA   sing N N 130 
GLN C   O    doub N N 131 
GLN C   OXT  sing N N 132 
GLN CB  CG   sing N N 133 
GLN CB  HB2  sing N N 134 
GLN CB  HB3  sing N N 135 
GLN CG  CD   sing N N 136 
GLN CG  HG2  sing N N 137 
GLN CG  HG3  sing N N 138 
GLN CD  OE1  doub N N 139 
GLN CD  NE2  sing N N 140 
GLN NE2 HE21 sing N N 141 
GLN NE2 HE22 sing N N 142 
GLN OXT HXT  sing N N 143 
GLU N   CA   sing N N 144 
GLU N   H    sing N N 145 
GLU N   H2   sing N N 146 
GLU CA  C    sing N N 147 
GLU CA  CB   sing N N 148 
GLU CA  HA   sing N N 149 
GLU C   O    doub N N 150 
GLU C   OXT  sing N N 151 
GLU CB  CG   sing N N 152 
GLU CB  HB2  sing N N 153 
GLU CB  HB3  sing N N 154 
GLU CG  CD   sing N N 155 
GLU CG  HG2  sing N N 156 
GLU CG  HG3  sing N N 157 
GLU CD  OE1  doub N N 158 
GLU CD  OE2  sing N N 159 
GLU OE2 HE2  sing N N 160 
GLU OXT HXT  sing N N 161 
GLY N   CA   sing N N 162 
GLY N   H    sing N N 163 
GLY N   H2   sing N N 164 
GLY CA  C    sing N N 165 
GLY CA  HA2  sing N N 166 
GLY CA  HA3  sing N N 167 
GLY C   O    doub N N 168 
GLY C   OXT  sing N N 169 
GLY OXT HXT  sing N N 170 
HIS N   CA   sing N N 171 
HIS N   H    sing N N 172 
HIS N   H2   sing N N 173 
HIS CA  C    sing N N 174 
HIS CA  CB   sing N N 175 
HIS CA  HA   sing N N 176 
HIS C   O    doub N N 177 
HIS C   OXT  sing N N 178 
HIS CB  CG   sing N N 179 
HIS CB  HB2  sing N N 180 
HIS CB  HB3  sing N N 181 
HIS CG  ND1  sing Y N 182 
HIS CG  CD2  doub Y N 183 
HIS ND1 CE1  doub Y N 184 
HIS ND1 HD1  sing N N 185 
HIS CD2 NE2  sing Y N 186 
HIS CD2 HD2  sing N N 187 
HIS CE1 NE2  sing Y N 188 
HIS CE1 HE1  sing N N 189 
HIS NE2 HE2  sing N N 190 
HIS OXT HXT  sing N N 191 
HOH O   H1   sing N N 192 
HOH O   H2   sing N N 193 
ILE N   CA   sing N N 194 
ILE N   H    sing N N 195 
ILE N   H2   sing N N 196 
ILE CA  C    sing N N 197 
ILE CA  CB   sing N N 198 
ILE CA  HA   sing N N 199 
ILE C   O    doub N N 200 
ILE C   OXT  sing N N 201 
ILE CB  CG1  sing N N 202 
ILE CB  CG2  sing N N 203 
ILE CB  HB   sing N N 204 
ILE CG1 CD1  sing N N 205 
ILE CG1 HG12 sing N N 206 
ILE CG1 HG13 sing N N 207 
ILE CG2 HG21 sing N N 208 
ILE CG2 HG22 sing N N 209 
ILE CG2 HG23 sing N N 210 
ILE CD1 HD11 sing N N 211 
ILE CD1 HD12 sing N N 212 
ILE CD1 HD13 sing N N 213 
ILE OXT HXT  sing N N 214 
LEU N   CA   sing N N 215 
LEU N   H    sing N N 216 
LEU N   H2   sing N N 217 
LEU CA  C    sing N N 218 
LEU CA  CB   sing N N 219 
LEU CA  HA   sing N N 220 
LEU C   O    doub N N 221 
LEU C   OXT  sing N N 222 
LEU CB  CG   sing N N 223 
LEU CB  HB2  sing N N 224 
LEU CB  HB3  sing N N 225 
LEU CG  CD1  sing N N 226 
LEU CG  CD2  sing N N 227 
LEU CG  HG   sing N N 228 
LEU CD1 HD11 sing N N 229 
LEU CD1 HD12 sing N N 230 
LEU CD1 HD13 sing N N 231 
LEU CD2 HD21 sing N N 232 
LEU CD2 HD22 sing N N 233 
LEU CD2 HD23 sing N N 234 
LEU OXT HXT  sing N N 235 
LYS N   CA   sing N N 236 
LYS N   H    sing N N 237 
LYS N   H2   sing N N 238 
LYS CA  C    sing N N 239 
LYS CA  CB   sing N N 240 
LYS CA  HA   sing N N 241 
LYS C   O    doub N N 242 
LYS C   OXT  sing N N 243 
LYS CB  CG   sing N N 244 
LYS CB  HB2  sing N N 245 
LYS CB  HB3  sing N N 246 
LYS CG  CD   sing N N 247 
LYS CG  HG2  sing N N 248 
LYS CG  HG3  sing N N 249 
LYS CD  CE   sing N N 250 
LYS CD  HD2  sing N N 251 
LYS CD  HD3  sing N N 252 
LYS CE  NZ   sing N N 253 
LYS CE  HE2  sing N N 254 
LYS CE  HE3  sing N N 255 
LYS NZ  HZ1  sing N N 256 
LYS NZ  HZ2  sing N N 257 
LYS NZ  HZ3  sing N N 258 
LYS OXT HXT  sing N N 259 
MET N   CA   sing N N 260 
MET N   H    sing N N 261 
MET N   H2   sing N N 262 
MET CA  C    sing N N 263 
MET CA  CB   sing N N 264 
MET CA  HA   sing N N 265 
MET C   O    doub N N 266 
MET C   OXT  sing N N 267 
MET CB  CG   sing N N 268 
MET CB  HB2  sing N N 269 
MET CB  HB3  sing N N 270 
MET CG  SD   sing N N 271 
MET CG  HG2  sing N N 272 
MET CG  HG3  sing N N 273 
MET SD  CE   sing N N 274 
MET CE  HE1  sing N N 275 
MET CE  HE2  sing N N 276 
MET CE  HE3  sing N N 277 
MET OXT HXT  sing N N 278 
PHE N   CA   sing N N 279 
PHE N   H    sing N N 280 
PHE N   H2   sing N N 281 
PHE CA  C    sing N N 282 
PHE CA  CB   sing N N 283 
PHE CA  HA   sing N N 284 
PHE C   O    doub N N 285 
PHE C   OXT  sing N N 286 
PHE CB  CG   sing N N 287 
PHE CB  HB2  sing N N 288 
PHE CB  HB3  sing N N 289 
PHE CG  CD1  doub Y N 290 
PHE CG  CD2  sing Y N 291 
PHE CD1 CE1  sing Y N 292 
PHE CD1 HD1  sing N N 293 
PHE CD2 CE2  doub Y N 294 
PHE CD2 HD2  sing N N 295 
PHE CE1 CZ   doub Y N 296 
PHE CE1 HE1  sing N N 297 
PHE CE2 CZ   sing Y N 298 
PHE CE2 HE2  sing N N 299 
PHE CZ  HZ   sing N N 300 
PHE OXT HXT  sing N N 301 
PRO N   CA   sing N N 302 
PRO N   CD   sing N N 303 
PRO N   H    sing N N 304 
PRO CA  C    sing N N 305 
PRO CA  CB   sing N N 306 
PRO CA  HA   sing N N 307 
PRO C   O    doub N N 308 
PRO C   OXT  sing N N 309 
PRO CB  CG   sing N N 310 
PRO CB  HB2  sing N N 311 
PRO CB  HB3  sing N N 312 
PRO CG  CD   sing N N 313 
PRO CG  HG2  sing N N 314 
PRO CG  HG3  sing N N 315 
PRO CD  HD2  sing N N 316 
PRO CD  HD3  sing N N 317 
PRO OXT HXT  sing N N 318 
SER N   CA   sing N N 319 
SER N   H    sing N N 320 
SER N   H2   sing N N 321 
SER CA  C    sing N N 322 
SER CA  CB   sing N N 323 
SER CA  HA   sing N N 324 
SER C   O    doub N N 325 
SER C   OXT  sing N N 326 
SER CB  OG   sing N N 327 
SER CB  HB2  sing N N 328 
SER CB  HB3  sing N N 329 
SER OG  HG   sing N N 330 
SER OXT HXT  sing N N 331 
SO4 S   O1   doub N N 332 
SO4 S   O2   doub N N 333 
SO4 S   O3   sing N N 334 
SO4 S   O4   sing N N 335 
THR N   CA   sing N N 336 
THR N   H    sing N N 337 
THR N   H2   sing N N 338 
THR CA  C    sing N N 339 
THR CA  CB   sing N N 340 
THR CA  HA   sing N N 341 
THR C   O    doub N N 342 
THR C   OXT  sing N N 343 
THR CB  OG1  sing N N 344 
THR CB  CG2  sing N N 345 
THR CB  HB   sing N N 346 
THR OG1 HG1  sing N N 347 
THR CG2 HG21 sing N N 348 
THR CG2 HG22 sing N N 349 
THR CG2 HG23 sing N N 350 
THR OXT HXT  sing N N 351 
TYR N   CA   sing N N 352 
TYR N   H    sing N N 353 
TYR N   H2   sing N N 354 
TYR CA  C    sing N N 355 
TYR CA  CB   sing N N 356 
TYR CA  HA   sing N N 357 
TYR C   O    doub N N 358 
TYR C   OXT  sing N N 359 
TYR CB  CG   sing N N 360 
TYR CB  HB2  sing N N 361 
TYR CB  HB3  sing N N 362 
TYR CG  CD1  doub Y N 363 
TYR CG  CD2  sing Y N 364 
TYR CD1 CE1  sing Y N 365 
TYR CD1 HD1  sing N N 366 
TYR CD2 CE2  doub Y N 367 
TYR CD2 HD2  sing N N 368 
TYR CE1 CZ   doub Y N 369 
TYR CE1 HE1  sing N N 370 
TYR CE2 CZ   sing Y N 371 
TYR CE2 HE2  sing N N 372 
TYR CZ  OH   sing N N 373 
TYR OH  HH   sing N N 374 
TYR OXT HXT  sing N N 375 
VAL N   CA   sing N N 376 
VAL N   H    sing N N 377 
VAL N   H2   sing N N 378 
VAL CA  C    sing N N 379 
VAL CA  CB   sing N N 380 
VAL CA  HA   sing N N 381 
VAL C   O    doub N N 382 
VAL C   OXT  sing N N 383 
VAL CB  CG1  sing N N 384 
VAL CB  CG2  sing N N 385 
VAL CB  HB   sing N N 386 
VAL CG1 HG11 sing N N 387 
VAL CG1 HG12 sing N N 388 
VAL CG1 HG13 sing N N 389 
VAL CG2 HG21 sing N N 390 
VAL CG2 HG22 sing N N 391 
VAL CG2 HG23 sing N N 392 
VAL OXT HXT  sing N N 393 
# 
_pdbx_entity_instance_feature.ordinal        1 
_pdbx_entity_instance_feature.comp_id        G7N 
_pdbx_entity_instance_feature.asym_id        ? 
_pdbx_entity_instance_feature.seq_num        ? 
_pdbx_entity_instance_feature.auth_comp_id   G7N 
_pdbx_entity_instance_feature.auth_asym_id   ? 
_pdbx_entity_instance_feature.auth_seq_num   ? 
_pdbx_entity_instance_feature.feature_type   'SUBJECT OF INVESTIGATION' 
_pdbx_entity_instance_feature.details        ? 
# 
_pdbx_initial_refinement_model.id               1 
_pdbx_initial_refinement_model.entity_id_list   ? 
_pdbx_initial_refinement_model.type             'experimental model' 
_pdbx_initial_refinement_model.source_name      PDB 
_pdbx_initial_refinement_model.accession_code   5F36 
_pdbx_initial_refinement_model.details          ? 
# 
_atom_sites.entry_id                    6HIA 
_atom_sites.fract_transf_matrix[1][1]   0.00301305 
_atom_sites.fract_transf_matrix[1][2]   0.01027627 
_atom_sites.fract_transf_matrix[1][3]   0.00990986 
_atom_sites.fract_transf_matrix[2][1]   0.01375163 
_atom_sites.fract_transf_matrix[2][2]   0.00449105 
_atom_sites.fract_transf_matrix[2][3]   0.00190272 
_atom_sites.fract_transf_matrix[3][1]   -0.00098053 
_atom_sites.fract_transf_matrix[3][2]   0.00512979 
_atom_sites.fract_transf_matrix[3][3]   -0.00502134 
_atom_sites.fract_transf_vector[1]      -0.138417 
_atom_sites.fract_transf_vector[2]      -0.599898 
_atom_sites.fract_transf_vector[3]      1.026658 
# 
loop_
_atom_type.symbol 
C 
N 
O 
S 
# 
loop_
_atom_site.group_PDB 
_atom_site.id 
_atom_site.type_symbol 
_atom_site.label_atom_id 
_atom_site.label_alt_id 
_atom_site.label_comp_id 
_atom_site.label_asym_id 
_atom_site.label_entity_id 
_atom_site.label_seq_id 
_atom_site.pdbx_PDB_ins_code 
_atom_site.Cartn_x 
_atom_site.Cartn_y 
_atom_site.Cartn_z 
_atom_site.occupancy 
_atom_site.B_iso_or_equiv 
_atom_site.pdbx_formal_charge 
_atom_site.auth_seq_id 
_atom_site.auth_comp_id 
_atom_site.auth_asym_id 
_atom_site.auth_atom_id 
_atom_site.pdbx_PDB_model_num 
ATOM   1    N N   . SER A 1 1   ? 4.477   -21.958 -14.016 1.00 47.57 ? 979  SER A N   1 
ATOM   2    C CA  . SER A 1 1   ? 4.473   -23.337 -13.547 1.00 51.42 ? 979  SER A CA  1 
ATOM   3    C C   . SER A 1 1   ? 3.773   -23.451 -12.204 1.00 53.37 ? 979  SER A C   1 
ATOM   4    O O   . SER A 1 1   ? 3.329   -22.450 -11.644 1.00 51.15 ? 979  SER A O   1 
ATOM   5    C CB  . SER A 1 1   ? 5.901   -23.863 -13.422 1.00 54.31 ? 979  SER A CB  1 
ATOM   6    O OG  . SER A 1 1   ? 6.519   -23.350 -12.256 1.00 51.69 ? 979  SER A OG  1 
ATOM   7    N N   . MET A 1 2   ? 3.703   -24.677 -11.678 1.00 53.48 ? 980  MET A N   1 
ATOM   8    C CA  . MET A 1 2   ? 3.155   -24.878 -10.341 1.00 55.25 ? 980  MET A CA  1 
ATOM   9    C C   . MET A 1 2   ? 4.101   -24.341 -9.269  1.00 51.11 ? 980  MET A C   1 
ATOM   10   O O   . MET A 1 2   ? 3.644   -23.764 -8.274  1.00 48.39 ? 980  MET A O   1 
ATOM   11   C CB  . MET A 1 2   ? 2.855   -26.359 -10.106 1.00 57.12 ? 980  MET A CB  1 
ATOM   12   N N   . GLN A 1 3   ? 5.418   -24.512 -9.450  1.00 51.44 ? 981  GLN A N   1 
ATOM   13   C CA  . GLN A 1 3   ? 6.364   -23.897 -8.519  1.00 51.63 ? 981  GLN A CA  1 
ATOM   14   C C   . GLN A 1 3   ? 6.182   -22.384 -8.477  1.00 44.69 ? 981  GLN A C   1 
ATOM   15   O O   . GLN A 1 3   ? 6.205   -21.778 -7.398  1.00 44.16 ? 981  GLN A O   1 
ATOM   16   C CB  . GLN A 1 3   ? 7.812   -24.230 -8.893  1.00 52.59 ? 981  GLN A CB  1 
ATOM   17   C CG  . GLN A 1 3   ? 8.296   -25.604 -8.465  1.00 61.26 ? 981  GLN A CG  1 
ATOM   18   C CD  . GLN A 1 3   ? 7.968   -26.676 -9.479  1.00 68.35 ? 981  GLN A CD  1 
ATOM   19   O OE1 . GLN A 1 3   ? 7.608   -26.375 -10.618 1.00 66.24 ? 981  GLN A OE1 1 
ATOM   20   N NE2 . GLN A 1 3   ? 8.085   -27.941 -9.069  1.00 68.46 ? 981  GLN A NE2 1 
ATOM   21   N N   . GLU A 1 4   ? 5.991   -21.760 -9.640  1.00 40.07 ? 982  GLU A N   1 
ATOM   22   C CA  . GLU A 1 4   ? 5.901   -20.306 -9.695  1.00 38.79 ? 982  GLU A CA  1 
ATOM   23   C C   . GLU A 1 4   ? 4.626   -19.799 -9.032  1.00 36.95 ? 982  GLU A C   1 
ATOM   24   O O   . GLU A 1 4   ? 4.639   -18.751 -8.375  1.00 31.75 ? 982  GLU A O   1 
ATOM   25   C CB  . GLU A 1 4   ? 5.984   -19.839 -11.146 1.00 38.32 ? 982  GLU A CB  1 
ATOM   26   C CG  . GLU A 1 4   ? 7.367   -20.031 -11.742 1.00 38.80 ? 982  GLU A CG  1 
ATOM   27   C CD  . GLU A 1 4   ? 7.428   -19.706 -13.221 1.00 43.44 ? 982  GLU A CD  1 
ATOM   28   O OE1 . GLU A 1 4   ? 6.357   -19.690 -13.870 1.00 43.81 ? 982  GLU A OE1 1 
ATOM   29   O OE2 . GLU A 1 4   ? 8.553   -19.469 -13.730 1.00 39.44 ? 982  GLU A OE2 1 
ATOM   30   N N   . GLU A 1 5   ? 3.516   -20.520 -9.189  1.00 36.26 ? 983  GLU A N   1 
ATOM   31   C CA  . GLU A 1 5   ? 2.291   -20.097 -8.518  1.00 38.78 ? 983  GLU A CA  1 
ATOM   32   C C   . GLU A 1 5   ? 2.396   -20.278 -7.007  1.00 35.78 ? 983  GLU A C   1 
ATOM   33   O O   . GLU A 1 5   ? 1.788   -19.514 -6.252  1.00 31.49 ? 983  GLU A O   1 
ATOM   34   C CB  . GLU A 1 5   ? 1.086   -20.856 -9.073  1.00 38.68 ? 983  GLU A CB  1 
ATOM   35   C CG  . GLU A 1 5   ? 0.764   -20.535 -10.536 1.00 43.84 ? 983  GLU A CG  1 
ATOM   36   C CD  . GLU A 1 5   ? 0.679   -19.033 -10.834 1.00 51.20 ? 983  GLU A CD  1 
ATOM   37   O OE1 . GLU A 1 5   ? -0.008  -18.298 -10.085 1.00 52.60 ? 983  GLU A OE1 1 
ATOM   38   O OE2 . GLU A 1 5   ? 1.297   -18.580 -11.825 1.00 51.52 ? 983  GLU A OE2 1 
ATOM   39   N N   . ASP A 1 6   ? 3.157   -21.274 -6.549  1.00 33.52 ? 984  ASP A N   1 
ATOM   40   C CA  . ASP A 1 6   ? 3.458   -21.374 -5.124  1.00 36.28 ? 984  ASP A CA  1 
ATOM   41   C C   . ASP A 1 6   ? 4.236   -20.154 -4.638  1.00 33.77 ? 984  ASP A C   1 
ATOM   42   O O   . ASP A 1 6   ? 4.022   -19.681 -3.518  1.00 27.47 ? 984  ASP A O   1 
ATOM   43   C CB  . ASP A 1 6   ? 4.259   -22.640 -4.840  1.00 39.34 ? 984  ASP A CB  1 
ATOM   44   C CG  . ASP A 1 6   ? 3.396   -23.886 -4.807  1.00 42.46 ? 984  ASP A CG  1 
ATOM   45   O OD1 . ASP A 1 6   ? 2.163   -23.780 -4.974  1.00 46.87 ? 984  ASP A OD1 1 
ATOM   46   O OD2 . ASP A 1 6   ? 3.966   -24.973 -4.616  1.00 48.18 ? 984  ASP A OD2 1 
ATOM   47   N N   . THR A 1 7   ? 5.170   -19.660 -5.455  1.00 28.18 ? 985  THR A N   1 
ATOM   48   C CA  . THR A 1 7   ? 5.941   -18.477 -5.087  1.00 30.18 ? 985  THR A CA  1 
ATOM   49   C C   . THR A 1 7   ? 5.032   -17.269 -4.936  1.00 27.82 ? 985  THR A C   1 
ATOM   50   O O   . THR A 1 7   ? 5.119   -16.524 -3.953  1.00 24.75 ? 985  THR A O   1 
ATOM   51   C CB  . THR A 1 7   ? 7.021   -18.208 -6.141  1.00 32.30 ? 985  THR A CB  1 
ATOM   52   O OG1 . THR A 1 7   ? 7.964   -19.287 -6.138  1.00 30.49 ? 985  THR A OG1 1 
ATOM   53   C CG2 . THR A 1 7   ? 7.761   -16.906 -5.839  1.00 26.15 ? 985  THR A CG2 1 
ATOM   54   N N   . PHE A 1 8   ? 4.160   -17.048 -5.919  1.00 26.58 ? 986  PHE A N   1 
ATOM   55   C CA  . PHE A 1 8   ? 3.249   -15.919 -5.838  1.00 25.84 ? 986  PHE A CA  1 
ATOM   56   C C   . PHE A 1 8   ? 2.272   -16.078 -4.683  1.00 26.66 ? 986  PHE A C   1 
ATOM   57   O O   . PHE A 1 8   ? 1.896   -15.084 -4.060  1.00 24.66 ? 986  PHE A O   1 
ATOM   58   C CB  . PHE A 1 8   ? 2.519   -15.755 -7.166  1.00 28.97 ? 986  PHE A CB  1 
ATOM   59   C CG  . PHE A 1 8   ? 3.406   -15.280 -8.281  1.00 29.80 ? 986  PHE A CG  1 
ATOM   60   C CD1 . PHE A 1 8   ? 4.350   -14.291 -8.053  1.00 28.35 ? 986  PHE A CD1 1 
ATOM   61   C CD2 . PHE A 1 8   ? 3.305   -15.822 -9.548  1.00 37.13 ? 986  PHE A CD2 1 
ATOM   62   C CE1 . PHE A 1 8   ? 5.171   -13.838 -9.070  1.00 31.89 ? 986  PHE A CE1 1 
ATOM   63   C CE2 . PHE A 1 8   ? 4.121   -15.363 -10.579 1.00 33.18 ? 986  PHE A CE2 1 
ATOM   64   C CZ  . PHE A 1 8   ? 5.057   -14.379 -10.336 1.00 32.61 ? 986  PHE A CZ  1 
ATOM   65   N N   . ARG A 1 9   ? 1.858   -17.309 -4.368  1.00 23.43 ? 987  ARG A N   1 
ATOM   66   C CA  . ARG A 1 9   ? 0.995   -17.488 -3.208  1.00 27.59 ? 987  ARG A CA  1 
ATOM   67   C C   . ARG A 1 9   ? 1.708   -17.090 -1.922  1.00 26.64 ? 987  ARG A C   1 
ATOM   68   O O   . ARG A 1 9   ? 1.109   -16.441 -1.054  1.00 23.31 ? 987  ARG A O   1 
ATOM   69   C CB  . ARG A 1 9   ? 0.493   -18.927 -3.116  1.00 31.48 ? 987  ARG A CB  1 
ATOM   70   C CG  . ARG A 1 9   ? -0.514  -19.094 -1.996  1.00 31.18 ? 987  ARG A CG  1 
ATOM   71   C CD  . ARG A 1 9   ? -1.271  -20.395 -2.041  1.00 35.44 ? 987  ARG A CD  1 
ATOM   72   N NE  . ARG A 1 9   ? -2.291  -20.388 -0.997  1.00 41.98 ? 987  ARG A NE  1 
ATOM   73   C CZ  . ARG A 1 9   ? -2.202  -21.068 0.147   1.00 42.98 ? 987  ARG A CZ  1 
ATOM   74   N NH1 . ARG A 1 9   ? -1.138  -21.832 0.398   1.00 38.32 ? 987  ARG A NH1 1 
ATOM   75   N NH2 . ARG A 1 9   ? -3.176  -20.982 1.043   1.00 40.02 ? 987  ARG A NH2 1 
ATOM   76   N N   . GLU A 1 10  ? 2.986   -17.473 -1.768  1.00 21.83 ? 988  GLU A N   1 
ATOM   77   C CA  . GLU A 1 10  ? 3.724   -17.048 -0.578  1.00 23.03 ? 988  GLU A CA  1 
ATOM   78   C C   . GLU A 1 10  ? 3.798   -15.528 -0.496  1.00 24.89 ? 988  GLU A C   1 
ATOM   79   O O   . GLU A 1 10  ? 3.578   -14.942 0.574   1.00 22.48 ? 988  GLU A O   1 
ATOM   80   C CB  . GLU A 1 10  ? 5.138   -17.646 -0.549  1.00 25.94 ? 988  GLU A CB  1 
ATOM   81   C CG  . GLU A 1 10  ? 5.908   -17.170 0.696   1.00 25.01 ? 988  GLU A CG  1 
ATOM   82   C CD  . GLU A 1 10  ? 7.235   -17.870 0.929   1.00 31.32 ? 988  GLU A CD  1 
ATOM   83   O OE1 . GLU A 1 10  ? 8.043   -17.321 1.715   1.00 29.14 ? 988  GLU A OE1 1 
ATOM   84   O OE2 . GLU A 1 10  ? 7.466   -18.963 0.364   1.00 29.33 ? 988  GLU A OE2 1 
ATOM   85   N N   . LEU A 1 11  ? 4.071   -14.871 -1.628  1.00 22.36 ? 989  LEU A N   1 
ATOM   86   C CA  . LEU A 1 11  ? 4.065   -13.412 -1.675  1.00 23.15 ? 989  LEU A CA  1 
ATOM   87   C C   . LEU A 1 11  ? 2.732   -12.843 -1.200  1.00 23.20 ? 989  LEU A C   1 
ATOM   88   O O   . LEU A 1 11  ? 2.703   -11.921 -0.375  1.00 23.01 ? 989  LEU A O   1 
ATOM   89   C CB  . LEU A 1 11  ? 4.382   -12.923 -3.093  1.00 24.65 ? 989  LEU A CB  1 
ATOM   90   C CG  . LEU A 1 11  ? 4.258   -11.398 -3.243  1.00 26.53 ? 989  LEU A CG  1 
ATOM   91   C CD1 . LEU A 1 11  ? 5.334   -10.724 -2.437  1.00 26.05 ? 989  LEU A CD1 1 
ATOM   92   C CD2 . LEU A 1 11  ? 4.327   -10.955 -4.706  1.00 26.17 ? 989  LEU A CD2 1 
ATOM   93   N N   . ARG A 1 12  ? 1.612   -13.383 -1.702  1.00 22.49 ? 990  ARG A N   1 
ATOM   94   C CA  . ARG A 1 12  ? 0.300   -12.875 -1.288  1.00 22.40 ? 990  ARG A CA  1 
ATOM   95   C C   . ARG A 1 12  ? 0.088   -13.043 0.206   1.00 23.55 ? 990  ARG A C   1 
ATOM   96   O O   . ARG A 1 12  ? -0.430  -12.138 0.878   1.00 22.33 ? 990  ARG A O   1 
ATOM   97   C CB  . ARG A 1 12  ? -0.819  -13.587 -2.056  1.00 23.33 ? 990  ARG A CB  1 
ATOM   98   C CG  . ARG A 1 12  ? -0.852  -13.278 -3.550  1.00 22.34 ? 990  ARG A CG  1 
ATOM   99   C CD  . ARG A 1 12  ? -2.162  -13.733 -4.187  1.00 22.75 ? 990  ARG A CD  1 
ATOM   100  N NE  . ARG A 1 12  ? -2.366  -15.184 -4.106  1.00 25.44 ? 990  ARG A NE  1 
ATOM   101  C CZ  . ARG A 1 12  ? -1.909  -16.054 -5.006  1.00 31.12 ? 990  ARG A CZ  1 
ATOM   102  N NH1 . ARG A 1 12  ? -1.195  -15.631 -6.045  1.00 28.22 ? 990  ARG A NH1 1 
ATOM   103  N NH2 . ARG A 1 12  ? -2.148  -17.351 -4.861  1.00 27.91 ? 990  ARG A NH2 1 
ATOM   104  N N   . ILE A 1 13  ? 0.469   -14.203 0.745   1.00 21.51 ? 991  ILE A N   1 
ATOM   105  C CA  . ILE A 1 13  ? 0.374   -14.433 2.187   1.00 21.69 ? 991  ILE A CA  1 
ATOM   106  C C   . ILE A 1 13  ? 1.190   -13.393 2.945   1.00 21.50 ? 991  ILE A C   1 
ATOM   107  O O   . ILE A 1 13  ? 0.726   -12.807 3.933   1.00 23.38 ? 991  ILE A O   1 
ATOM   108  C CB  . ILE A 1 13  ? 0.826   -15.864 2.520   1.00 22.40 ? 991  ILE A CB  1 
ATOM   109  C CG1 . ILE A 1 13  ? -0.201  -16.869 1.976   1.00 26.58 ? 991  ILE A CG1 1 
ATOM   110  C CG2 . ILE A 1 13  ? 1.009   -16.037 4.013   1.00 22.89 ? 991  ILE A CG2 1 
ATOM   111  C CD1 . ILE A 1 13  ? 0.318   -18.279 1.853   1.00 24.01 ? 991  ILE A CD1 1 
ATOM   112  N N   . PHE A 1 14  ? 2.421   -13.153 2.492   1.00 19.65 ? 992  PHE A N   1 
ATOM   113  C CA  . PHE A 1 14  ? 3.267   -12.148 3.127   1.00 22.45 ? 992  PHE A CA  1 
ATOM   114  C C   . PHE A 1 14  ? 2.630   -10.766 3.036   1.00 23.36 ? 992  PHE A C   1 
ATOM   115  O O   . PHE A 1 14  ? 2.594   -10.024 4.027   1.00 22.21 ? 992  PHE A O   1 
ATOM   116  C CB  . PHE A 1 14  ? 4.653   -12.143 2.481   1.00 24.50 ? 992  PHE A CB  1 
ATOM   117  C CG  . PHE A 1 14  ? 5.506   -10.994 2.918   1.00 25.49 ? 992  PHE A CG  1 
ATOM   118  C CD1 . PHE A 1 14  ? 6.144   -11.020 4.158   1.00 24.21 ? 992  PHE A CD1 1 
ATOM   119  C CD2 . PHE A 1 14  ? 5.668   -9.887  2.107   1.00 25.55 ? 992  PHE A CD2 1 
ATOM   120  C CE1 . PHE A 1 14  ? 6.933   -9.953  4.578   1.00 25.09 ? 992  PHE A CE1 1 
ATOM   121  C CE2 . PHE A 1 14  ? 6.462   -8.814  2.522   1.00 27.40 ? 992  PHE A CE2 1 
ATOM   122  C CZ  . PHE A 1 14  ? 7.099   -8.858  3.756   1.00 23.77 ? 992  PHE A CZ  1 
ATOM   123  N N   . LEU A 1 15  ? 2.098   -10.413 1.861   1.00 22.59 ? 993  LEU A N   1 
ATOM   124  C CA  . LEU A 1 15  ? 1.528   -9.077  1.680   1.00 21.80 ? 993  LEU A CA  1 
ATOM   125  C C   . LEU A 1 15  ? 0.265   -8.885  2.506   1.00 22.69 ? 993  LEU A C   1 
ATOM   126  O O   . LEU A 1 15  ? 0.026   -7.785  3.023   1.00 21.13 ? 993  LEU A O   1 
ATOM   127  C CB  . LEU A 1 15  ? 1.237   -8.800  0.207   1.00 22.41 ? 993  LEU A CB  1 
ATOM   128  C CG  . LEU A 1 15  ? 2.476   -8.701  -0.690  1.00 25.88 ? 993  LEU A CG  1 
ATOM   129  C CD1 . LEU A 1 15  ? 2.060   -8.448  -2.139  1.00 23.92 ? 993  LEU A CD1 1 
ATOM   130  C CD2 . LEU A 1 15  ? 3.447   -7.625  -0.199  1.00 22.44 ? 993  LEU A CD2 1 
ATOM   131  N N   . ARG A 1 16  ? -0.560  -9.928  2.640   1.00 21.53 ? 994  ARG A N   1 
ATOM   132  C CA  . ARG A 1 16  ? -1.743  -9.817  3.502   1.00 22.64 ? 994  ARG A CA  1 
ATOM   133  C C   . ARG A 1 16  ? -1.337  -9.567  4.945   1.00 23.68 ? 994  ARG A C   1 
ATOM   134  O O   . ARG A 1 16  ? -1.973  -8.783  5.660   1.00 23.10 ? 994  ARG A O   1 
ATOM   135  C CB  . ARG A 1 16  ? -2.595  -11.093 3.439   1.00 25.11 ? 994  ARG A CB  1 
ATOM   136  C CG  . ARG A 1 16  ? -3.600  -11.143 2.317   1.00 28.28 ? 994  ARG A CG  1 
ATOM   137  C CD  . ARG A 1 16  ? -4.494  -12.380 2.379   1.00 25.51 ? 994  ARG A CD  1 
ATOM   138  N NE  . ARG A 1 16  ? -4.819  -12.749 1.013   1.00 28.54 ? 994  ARG A NE  1 
ATOM   139  C CZ  . ARG A 1 16  ? -4.238  -13.723 0.326   1.00 31.48 ? 994  ARG A CZ  1 
ATOM   140  N NH1 . ARG A 1 16  ? -3.328  -14.505 0.900   1.00 26.72 ? 994  ARG A NH1 1 
ATOM   141  N NH2 . ARG A 1 16  ? -4.583  -13.919 -0.946  1.00 28.89 ? 994  ARG A NH2 1 
ATOM   142  N N   . ASN A 1 17  ? -0.285  -10.238 5.399   1.00 24.16 ? 995  ASN A N   1 
ATOM   143  C CA  . ASN A 1 17  ? 0.134   -10.079 6.786   1.00 24.08 ? 995  ASN A CA  1 
ATOM   144  C C   . ASN A 1 17  ? 0.650   -8.663  7.047   1.00 21.32 ? 995  ASN A C   1 
ATOM   145  O O   . ASN A 1 17  ? 0.258   -8.023  8.024   1.00 23.60 ? 995  ASN A O   1 
ATOM   146  C CB  . ASN A 1 17  ? 1.183   -11.143 7.124   1.00 23.30 ? 995  ASN A CB  1 
ATOM   147  C CG  . ASN A 1 17  ? 1.781   -10.947 8.498   1.00 28.52 ? 995  ASN A CG  1 
ATOM   148  O OD1 . ASN A 1 17  ? 2.838   -10.335 8.634   1.00 25.09 ? 995  ASN A OD1 1 
ATOM   149  N ND2 . ASN A 1 17  ? 1.101   -11.466 9.535   1.00 30.63 ? 995  ASN A ND2 1 
ATOM   150  N N   . VAL A 1 18  ? 1.525   -8.154  6.175   1.00 22.14 ? 996  VAL A N   1 
ATOM   151  C CA  . VAL A 1 18  ? 2.001   -6.774  6.298   1.00 22.44 ? 996  VAL A CA  1 
ATOM   152  C C   . VAL A 1 18  ? 0.829   -5.795  6.283   1.00 23.49 ? 996  VAL A C   1 
ATOM   153  O O   . VAL A 1 18  ? 0.741   -4.885  7.117   1.00 22.46 ? 996  VAL A O   1 
ATOM   154  C CB  . VAL A 1 18  ? 3.001   -6.443  5.172   1.00 22.60 ? 996  VAL A CB  1 
ATOM   155  C CG1 . VAL A 1 18  ? 3.427   -4.980  5.251   1.00 21.79 ? 996  VAL A CG1 1 
ATOM   156  C CG2 . VAL A 1 18  ? 4.213   -7.383  5.216   1.00 20.55 ? 996  VAL A CG2 1 
ATOM   157  N N   . THR A 1 19  ? -0.075  -5.950  5.318   1.00 19.90 ? 997  THR A N   1 
ATOM   158  C CA  . THR A 1 19  ? -1.187  -5.007  5.183   1.00 22.98 ? 997  THR A CA  1 
ATOM   159  C C   . THR A 1 19  ? -2.100  -5.041  6.405   1.00 23.78 ? 997  THR A C   1 
ATOM   160  O O   . THR A 1 19  ? -2.610  -4.002  6.842   1.00 24.75 ? 997  THR A O   1 
ATOM   161  C CB  . THR A 1 19  ? -1.987  -5.330  3.919   1.00 22.93 ? 997  THR A CB  1 
ATOM   162  O OG1 . THR A 1 19  ? -1.090  -5.404  2.803   1.00 23.18 ? 997  THR A OG1 1 
ATOM   163  C CG2 . THR A 1 19  ? -3.039  -4.243  3.652   1.00 24.39 ? 997  THR A CG2 1 
ATOM   164  N N   . HIS A 1 20  ? -2.346  -6.231  6.950   1.00 20.85 ? 998  HIS A N   1 
ATOM   165  C CA  . HIS A 1 20  ? -3.142  -6.323  8.170   1.00 24.18 ? 998  HIS A CA  1 
ATOM   166  C C   . HIS A 1 20  ? -2.464  -5.599  9.335   1.00 25.23 ? 998  HIS A C   1 
ATOM   167  O O   . HIS A 1 20  ? -3.130  -4.950  10.150  1.00 26.06 ? 998  HIS A O   1 
ATOM   168  C CB  . HIS A 1 20  ? -3.387  -7.795  8.518   1.00 25.28 ? 998  HIS A CB  1 
ATOM   169  C CG  . HIS A 1 20  ? -4.197  -7.987  9.760   1.00 35.44 ? 998  HIS A CG  1 
ATOM   170  N ND1 . HIS A 1 20  ? -3.660  -8.466  10.940  1.00 40.45 ? 998  HIS A ND1 1 
ATOM   171  C CD2 . HIS A 1 20  ? -5.506  -7.738  10.015  1.00 33.92 ? 998  HIS A CD2 1 
ATOM   172  C CE1 . HIS A 1 20  ? -4.606  -8.516  11.863  1.00 37.57 ? 998  HIS A CE1 1 
ATOM   173  N NE2 . HIS A 1 20  ? -5.734  -8.077  11.329  1.00 41.71 ? 998  HIS A NE2 1 
ATOM   174  N N   . ARG A 1 21  ? -1.138  -5.702  9.437   1.00 23.26 ? 999  ARG A N   1 
ATOM   175  C CA  . ARG A 1 21  ? -0.437  -5.015  10.519  1.00 22.74 ? 999  ARG A CA  1 
ATOM   176  C C   . ARG A 1 21  ? -0.504  -3.502  10.351  1.00 25.26 ? 999  ARG A C   1 
ATOM   177  O O   . ARG A 1 21  ? -0.584  -2.762  11.342  1.00 24.52 ? 999  ARG A O   1 
ATOM   178  C CB  . ARG A 1 21  ? 1.014   -5.502  10.592  1.00 21.76 ? 999  ARG A CB  1 
ATOM   179  C CG  . ARG A 1 21  ? 1.118   -6.885  11.227  1.00 25.88 ? 999  ARG A CG  1 
ATOM   180  C CD  . ARG A 1 21  ? 2.294   -7.689  10.659  1.00 24.37 ? 999  ARG A CD  1 
ATOM   181  N NE  . ARG A 1 21  ? 3.573   -7.169  11.133  1.00 24.54 ? 999  ARG A NE  1 
ATOM   182  C CZ  . ARG A 1 21  ? 4.753   -7.544  10.660  1.00 25.89 ? 999  ARG A CZ  1 
ATOM   183  N NH1 . ARG A 1 21  ? 4.824   -8.462  9.704   1.00 22.01 ? 999  ARG A NH1 1 
ATOM   184  N NH2 . ARG A 1 21  ? 5.863   -7.008  11.155  1.00 23.35 ? 999  ARG A NH2 1 
ATOM   185  N N   . LEU A 1 22  ? -0.498  -3.025  9.110   1.00 21.90 ? 1000 LEU A N   1 
ATOM   186  C CA  . LEU A 1 22  ? -0.695  -1.600  8.874   1.00 24.44 ? 1000 LEU A CA  1 
ATOM   187  C C   . LEU A 1 22  ? -2.117  -1.190  9.222   1.00 27.73 ? 1000 LEU A C   1 
ATOM   188  O O   . LEU A 1 22  ? -2.328  -0.178  9.899   1.00 25.65 ? 1000 LEU A O   1 
ATOM   189  C CB  . LEU A 1 22  ? -0.384  -1.260  7.414   1.00 23.48 ? 1000 LEU A CB  1 
ATOM   190  C CG  . LEU A 1 22  ? 1.046   -1.547  6.954   1.00 22.47 ? 1000 LEU A CG  1 
ATOM   191  C CD1 . LEU A 1 22  ? 1.178   -1.196  5.487   1.00 21.94 ? 1000 LEU A CD1 1 
ATOM   192  C CD2 . LEU A 1 22  ? 2.057   -0.753  7.784   1.00 24.95 ? 1000 LEU A CD2 1 
ATOM   193  N N   . ALA A 1 23  ? -3.102  -1.982  8.787   1.00 25.07 ? 1001 ALA A N   1 
ATOM   194  C CA  . ALA A 1 23  ? -4.499  -1.597  8.917   1.00 26.41 ? 1001 ALA A CA  1 
ATOM   195  C C   . ALA A 1 23  ? -4.990  -1.616  10.358  1.00 27.83 ? 1001 ALA A C   1 
ATOM   196  O O   . ALA A 1 23  ? -5.972  -0.936  10.664  1.00 30.25 ? 1001 ALA A O   1 
ATOM   197  C CB  . ALA A 1 23  ? -5.378  -2.506  8.055   1.00 25.33 ? 1001 ALA A CB  1 
ATOM   198  N N   . ILE A 1 24  ? -4.348  -2.371  11.250  1.00 26.86 ? 1002 ILE A N   1 
ATOM   199  C CA  . ILE A 1 24  ? -4.773  -2.357  12.647  1.00 30.36 ? 1002 ILE A CA  1 
ATOM   200  C C   . ILE A 1 24  ? -4.091  -1.257  13.441  1.00 33.66 ? 1002 ILE A C   1 
ATOM   201  O O   . ILE A 1 24  ? -4.479  -1.003  14.590  1.00 33.37 ? 1002 ILE A O   1 
ATOM   202  C CB  . ILE A 1 24  ? -4.517  -3.700  13.367  1.00 31.70 ? 1002 ILE A CB  1 
ATOM   203  C CG1 . ILE A 1 24  ? -3.020  -3.984  13.466  1.00 32.55 ? 1002 ILE A CG1 1 
ATOM   204  C CG2 . ILE A 1 24  ? -5.243  -4.842  12.669  1.00 35.69 ? 1002 ILE A CG2 1 
ATOM   205  C CD1 . ILE A 1 24  ? -2.691  -5.375  14.003  1.00 38.37 ? 1002 ILE A CD1 1 
ATOM   206  N N   . ASP A 1 25  ? -3.088  -0.595  12.873  1.00 29.31 ? 1003 ASP A N   1 
ATOM   207  C CA  . ASP A 1 25  ? -2.407  0.488   13.572  1.00 31.92 ? 1003 ASP A CA  1 
ATOM   208  C C   . ASP A 1 25  ? -3.311  1.718   13.625  1.00 32.62 ? 1003 ASP A C   1 
ATOM   209  O O   . ASP A 1 25  ? -3.738  2.222   12.580  1.00 27.41 ? 1003 ASP A O   1 
ATOM   210  C CB  . ASP A 1 25  ? -1.091  0.805   12.865  1.00 28.11 ? 1003 ASP A CB  1 
ATOM   211  C CG  . ASP A 1 25  ? -0.194  1.707   13.676  1.00 28.51 ? 1003 ASP A CG  1 
ATOM   212  O OD1 . ASP A 1 25  ? -0.677  2.740   14.182  1.00 31.01 ? 1003 ASP A OD1 1 
ATOM   213  O OD2 . ASP A 1 25  ? 1.012   1.395   13.783  1.00 32.56 ? 1003 ASP A OD2 1 
ATOM   214  N N   . LYS A 1 26  ? -3.579  2.219   14.843  1.00 29.97 ? 1004 LYS A N   1 
ATOM   215  C CA  . LYS A 1 26  ? -4.491  3.351   15.014  1.00 29.98 ? 1004 LYS A CA  1 
ATOM   216  C C   . LYS A 1 26  ? -4.045  4.578   14.224  1.00 27.70 ? 1004 LYS A C   1 
ATOM   217  O O   . LYS A 1 26  ? -4.884  5.364   13.775  1.00 31.40 ? 1004 LYS A O   1 
ATOM   218  C CB  . LYS A 1 26  ? -4.621  3.696   16.505  1.00 32.01 ? 1004 LYS A CB  1 
ATOM   219  N N   . ARG A 1 27  ? -2.737  4.757   14.035  1.00 28.07 ? 1005 ARG A N   1 
ATOM   220  C CA  . ARG A 1 27  ? -2.257  5.912   13.281  1.00 29.59 ? 1005 ARG A CA  1 
ATOM   221  C C   . ARG A 1 27  ? -2.747  5.903   11.840  1.00 31.94 ? 1005 ARG A C   1 
ATOM   222  O O   . ARG A 1 27  ? -2.821  6.962   11.208  1.00 31.02 ? 1005 ARG A O   1 
ATOM   223  C CB  . ARG A 1 27  ? -0.733  5.948   13.271  1.00 32.47 ? 1005 ARG A CB  1 
ATOM   224  C CG  . ARG A 1 27  ? -0.081  6.190   14.599  1.00 34.97 ? 1005 ARG A CG  1 
ATOM   225  C CD  . ARG A 1 27  ? 1.416   6.068   14.429  1.00 33.54 ? 1005 ARG A CD  1 
ATOM   226  N NE  . ARG A 1 27  ? 1.783   4.696   14.111  1.00 34.33 ? 1005 ARG A NE  1 
ATOM   227  C CZ  . ARG A 1 27  ? 2.995   4.325   13.722  1.00 34.63 ? 1005 ARG A CZ  1 
ATOM   228  N NH1 . ARG A 1 27  ? 3.958   5.229   13.594  1.00 32.97 ? 1005 ARG A NH1 1 
ATOM   229  N NH2 . ARG A 1 27  ? 3.246   3.050   13.469  1.00 31.59 ? 1005 ARG A NH2 1 
ATOM   230  N N   . PHE A 1 28  ? -3.061  4.731   11.296  1.00 28.67 ? 1006 PHE A N   1 
ATOM   231  C CA  . PHE A 1 28  ? -3.304  4.596   9.864   1.00 29.41 ? 1006 PHE A CA  1 
ATOM   232  C C   . PHE A 1 28  ? -4.775  4.404   9.542   1.00 29.11 ? 1006 PHE A C   1 
ATOM   233  O O   . PHE A 1 28  ? -5.112  4.088   8.396   1.00 31.93 ? 1006 PHE A O   1 
ATOM   234  C CB  . PHE A 1 28  ? -2.465  3.441   9.310   1.00 22.82 ? 1006 PHE A CB  1 
ATOM   235  C CG  . PHE A 1 28  ? -1.001  3.572   9.614   1.00 27.17 ? 1006 PHE A CG  1 
ATOM   236  C CD1 . PHE A 1 28  ? -0.403  4.830   9.672   1.00 24.93 ? 1006 PHE A CD1 1 
ATOM   237  C CD2 . PHE A 1 28  ? -0.226  2.457   9.856   1.00 23.83 ? 1006 PHE A CD2 1 
ATOM   238  C CE1 . PHE A 1 28  ? 0.933   4.962   9.966   1.00 26.32 ? 1006 PHE A CE1 1 
ATOM   239  C CE2 . PHE A 1 28  ? 1.123   2.587   10.149  1.00 25.70 ? 1006 PHE A CE2 1 
ATOM   240  C CZ  . PHE A 1 28  ? 1.701   3.836   10.201  1.00 26.98 ? 1006 PHE A CZ  1 
ATOM   241  N N   . ARG A 1 29  ? -5.660  4.604   10.522  1.00 29.30 ? 1007 ARG A N   1 
ATOM   242  C CA  . ARG A 1 29  ? -7.084  4.403   10.290  1.00 33.16 ? 1007 ARG A CA  1 
ATOM   243  C C   . ARG A 1 29  ? -7.595  5.270   9.148   1.00 30.29 ? 1007 ARG A C   1 
ATOM   244  O O   . ARG A 1 29  ? -8.488  4.856   8.401   1.00 34.96 ? 1007 ARG A O   1 
ATOM   245  C CB  . ARG A 1 29  ? -7.869  4.691   11.571  1.00 36.38 ? 1007 ARG A CB  1 
ATOM   246  C CG  . ARG A 1 29  ? -9.343  4.966   11.328  1.00 43.10 ? 1007 ARG A CG  1 
ATOM   247  C CD  . ARG A 1 29  ? -10.049 5.400   12.595  1.00 54.27 ? 1007 ARG A CD  1 
ATOM   248  N NE  . ARG A 1 29  ? -10.116 4.302   13.551  1.00 64.54 ? 1007 ARG A NE  1 
ATOM   249  C CZ  . ARG A 1 29  ? -11.070 3.375   13.552  1.00 71.07 ? 1007 ARG A CZ  1 
ATOM   250  N NH1 . ARG A 1 29  ? -12.041 3.418   12.647  1.00 71.78 ? 1007 ARG A NH1 1 
ATOM   251  N NH2 . ARG A 1 29  ? -11.054 2.402   14.454  1.00 71.58 ? 1007 ARG A NH2 1 
ATOM   252  N N   . VAL A 1 30  ? -7.021  6.458   8.977   1.00 29.68 ? 1008 VAL A N   1 
ATOM   253  C CA  . VAL A 1 30  ? -7.425  7.345   7.898   1.00 34.12 ? 1008 VAL A CA  1 
ATOM   254  C C   . VAL A 1 30  ? -7.198  6.700   6.532   1.00 39.68 ? 1008 VAL A C   1 
ATOM   255  O O   . VAL A 1 30  ? -7.859  7.069   5.555   1.00 36.25 ? 1008 VAL A O   1 
ATOM   256  C CB  . VAL A 1 30  ? -6.672  8.693   8.058   1.00 35.64 ? 1008 VAL A CB  1 
ATOM   257  C CG1 . VAL A 1 30  ? -5.169  8.517   7.895   1.00 34.21 ? 1008 VAL A CG1 1 
ATOM   258  C CG2 . VAL A 1 30  ? -7.175  9.729   7.100   1.00 43.97 ? 1008 VAL A CG2 1 
ATOM   259  N N   . PHE A 1 31  ? -6.309  5.706   6.445   1.00 33.15 ? 1009 PHE A N   1 
ATOM   260  C CA  . PHE A 1 31  ? -5.963  5.071   5.177   1.00 33.29 ? 1009 PHE A CA  1 
ATOM   261  C C   . PHE A 1 31  ? -6.601  3.704   4.990   1.00 32.33 ? 1009 PHE A C   1 
ATOM   262  O O   . PHE A 1 31  ? -6.276  3.016   4.019   1.00 31.14 ? 1009 PHE A O   1 
ATOM   263  C CB  . PHE A 1 31  ? -4.447  4.940   5.059   1.00 31.41 ? 1009 PHE A CB  1 
ATOM   264  C CG  . PHE A 1 31  ? -3.713  6.214   5.324   1.00 31.76 ? 1009 PHE A CG  1 
ATOM   265  C CD1 . PHE A 1 31  ? -3.957  7.336   4.547   1.00 27.78 ? 1009 PHE A CD1 1 
ATOM   266  C CD2 . PHE A 1 31  ? -2.787  6.292   6.348   1.00 29.00 ? 1009 PHE A CD2 1 
ATOM   267  C CE1 . PHE A 1 31  ? -3.291  8.520   4.784   1.00 31.73 ? 1009 PHE A CE1 1 
ATOM   268  C CE2 . PHE A 1 31  ? -2.115  7.475   6.598   1.00 30.47 ? 1009 PHE A CE2 1 
ATOM   269  C CZ  . PHE A 1 31  ? -2.365  8.595   5.808   1.00 31.06 ? 1009 PHE A CZ  1 
ATOM   270  N N   . THR A 1 32  ? -7.500  3.290   5.883   1.00 31.98 ? 1010 THR A N   1 
ATOM   271  C CA  . THR A 1 32  ? -8.009  1.926   5.831   1.00 32.81 ? 1010 THR A CA  1 
ATOM   272  C C   . THR A 1 32  ? -9.191  1.749   4.892   1.00 36.68 ? 1010 THR A C   1 
ATOM   273  O O   . THR A 1 32  ? -9.506  0.608   4.537   1.00 38.84 ? 1010 THR A O   1 
ATOM   274  C CB  . THR A 1 32  ? -8.420  1.453   7.225   1.00 36.15 ? 1010 THR A CB  1 
ATOM   275  O OG1 . THR A 1 32  ? -9.379  2.367   7.782   1.00 36.12 ? 1010 THR A OG1 1 
ATOM   276  C CG2 . THR A 1 32  ? -7.193  1.371   8.122   1.00 34.48 ? 1010 THR A CG2 1 
ATOM   277  N N   . LYS A 1 33  ? -9.850  2.824   4.482   1.00 37.09 ? 1011 LYS A N   1 
ATOM   278  C CA  . LYS A 1 33  ? -11.035 2.727   3.640   1.00 38.10 ? 1011 LYS A CA  1 
ATOM   279  C C   . LYS A 1 33  ? -10.968 3.800   2.571   1.00 35.36 ? 1011 LYS A C   1 
ATOM   280  O O   . LYS A 1 33  ? -10.297 4.824   2.749   1.00 34.32 ? 1011 LYS A O   1 
ATOM   281  C CB  . LYS A 1 33  ? -12.331 2.879   4.450   1.00 37.56 ? 1011 LYS A CB  1 
ATOM   282  C CG  . LYS A 1 33  ? -12.603 1.740   5.410   1.00 44.46 ? 1011 LYS A CG  1 
ATOM   283  C CD  . LYS A 1 33  ? -12.968 0.453   4.674   1.00 48.38 ? 1011 LYS A CD  1 
ATOM   284  C CE  . LYS A 1 33  ? -12.932 -0.761  5.616   1.00 49.65 ? 1011 LYS A CE  1 
ATOM   285  N NZ  . LYS A 1 33  ? -12.883 -2.065  4.877   1.00 51.31 ? 1011 LYS A NZ  1 
ATOM   286  N N   . PRO A 1 34  ? -11.640 3.591   1.438   1.00 37.99 ? 1012 PRO A N   1 
ATOM   287  C CA  . PRO A 1 34  ? -11.691 4.639   0.412   1.00 42.34 ? 1012 PRO A CA  1 
ATOM   288  C C   . PRO A 1 34  ? -12.391 5.890   0.929   1.00 43.18 ? 1012 PRO A C   1 
ATOM   289  O O   . PRO A 1 34  ? -13.228 5.839   1.832   1.00 44.15 ? 1012 PRO A O   1 
ATOM   290  C CB  . PRO A 1 34  ? -12.487 3.991   -0.728  1.00 42.23 ? 1012 PRO A CB  1 
ATOM   291  C CG  . PRO A 1 34  ? -12.492 2.526   -0.438  1.00 41.51 ? 1012 PRO A CG  1 
ATOM   292  C CD  . PRO A 1 34  ? -12.406 2.394   1.049   1.00 39.40 ? 1012 PRO A CD  1 
ATOM   293  N N   . VAL A 1 35  ? -12.036 7.026   0.334   1.00 49.37 ? 1013 VAL A N   1 
ATOM   294  C CA  . VAL A 1 35  ? -12.693 8.282   0.668   1.00 54.36 ? 1013 VAL A CA  1 
ATOM   295  C C   . VAL A 1 35  ? -14.111 8.274   0.111   1.00 61.60 ? 1013 VAL A C   1 
ATOM   296  O O   . VAL A 1 35  ? -14.322 8.040   -1.086  1.00 60.82 ? 1013 VAL A O   1 
ATOM   297  C CB  . VAL A 1 35  ? -11.884 9.467   0.126   1.00 54.37 ? 1013 VAL A CB  1 
ATOM   298  C CG1 . VAL A 1 35  ? -12.583 10.779  0.443   1.00 59.37 ? 1013 VAL A CG1 1 
ATOM   299  C CG2 . VAL A 1 35  ? -10.484 9.444   0.704   1.00 51.23 ? 1013 VAL A CG2 1 
ATOM   300  N N   . ASP A 1 36  ? -15.085 8.525   0.979   1.00 63.73 ? 1014 ASP A N   1 
ATOM   301  C CA  . ASP A 1 36  ? -16.489 8.562   0.578   1.00 70.66 ? 1014 ASP A CA  1 
ATOM   302  C C   . ASP A 1 36  ? -16.792 9.882   -0.121  1.00 75.80 ? 1014 ASP A C   1 
ATOM   303  O O   . ASP A 1 36  ? -16.604 10.947  0.480   1.00 76.68 ? 1014 ASP A O   1 
ATOM   304  C CB  . ASP A 1 36  ? -17.382 8.389   1.803   1.00 75.86 ? 1014 ASP A CB  1 
ATOM   305  C CG  . ASP A 1 36  ? -18.837 8.140   1.450   1.00 80.24 ? 1014 ASP A CG  1 
ATOM   306  O OD1 . ASP A 1 36  ? -19.422 8.935   0.682   1.00 79.99 ? 1014 ASP A OD1 1 
ATOM   307  O OD2 . ASP A 1 36  ? -19.398 7.143   1.956   1.00 83.43 ? 1014 ASP A OD2 1 
ATOM   308  N N   . PRO A 1 37  ? -17.266 9.867   -1.371  1.00 75.73 ? 1015 PRO A N   1 
ATOM   309  C CA  . PRO A 1 37  ? -17.470 11.140  -2.086  1.00 81.26 ? 1015 PRO A CA  1 
ATOM   310  C C   . PRO A 1 37  ? -18.547 12.012  -1.467  1.00 82.03 ? 1015 PRO A C   1 
ATOM   311  O O   . PRO A 1 37  ? -18.491 13.240  -1.605  1.00 82.61 ? 1015 PRO A O   1 
ATOM   312  C CB  . PRO A 1 37  ? -17.848 10.690  -3.504  1.00 80.38 ? 1015 PRO A CB  1 
ATOM   313  C CG  . PRO A 1 37  ? -18.440 9.326   -3.314  1.00 78.48 ? 1015 PRO A CG  1 
ATOM   314  C CD  . PRO A 1 37  ? -17.672 8.703   -2.178  1.00 76.07 ? 1015 PRO A CD  1 
ATOM   315  N N   . ASP A 1 38  ? -19.524 11.409  -0.786  1.00 84.86 ? 1016 ASP A N   1 
ATOM   316  C CA  . ASP A 1 38  ? -20.554 12.192  -0.114  1.00 85.71 ? 1016 ASP A CA  1 
ATOM   317  C C   . ASP A 1 38  ? -19.961 12.991  1.041   1.00 86.21 ? 1016 ASP A C   1 
ATOM   318  O O   . ASP A 1 38  ? -20.324 14.152  1.263   1.00 91.19 ? 1016 ASP A O   1 
ATOM   319  C CB  . ASP A 1 38  ? -21.675 11.272  0.376   1.00 83.11 ? 1016 ASP A CB  1 
ATOM   320  N N   . GLU A 1 39  ? -19.032 12.389  1.784   1.00 81.96 ? 1017 GLU A N   1 
ATOM   321  C CA  . GLU A 1 39  ? -18.420 13.108  2.897   1.00 82.37 ? 1017 GLU A CA  1 
ATOM   322  C C   . GLU A 1 39  ? -17.386 14.116  2.407   1.00 81.78 ? 1017 GLU A C   1 
ATOM   323  O O   . GLU A 1 39  ? -17.274 15.218  2.956   1.00 82.94 ? 1017 GLU A O   1 
ATOM   324  C CB  . GLU A 1 39  ? -17.796 12.116  3.875   1.00 82.20 ? 1017 GLU A CB  1 
ATOM   325  C CG  . GLU A 1 39  ? -18.604 10.842  4.033   1.00 83.21 ? 1017 GLU A CG  1 
ATOM   326  C CD  . GLU A 1 39  ? -18.155 10.013  5.216   1.00 85.83 ? 1017 GLU A CD  1 
ATOM   327  O OE1 . GLU A 1 39  ? -16.934 9.931   5.460   1.00 86.60 ? 1017 GLU A OE1 1 
ATOM   328  O OE2 . GLU A 1 39  ? -19.025 9.438   5.901   1.00 89.65 ? 1017 GLU A OE2 1 
ATOM   329  N N   . VAL A 1 40  ? -16.625 13.761  1.375   1.00 80.12 ? 1018 VAL A N   1 
ATOM   330  C CA  . VAL A 1 40  ? -15.540 14.603  0.875   1.00 78.12 ? 1018 VAL A CA  1 
ATOM   331  C C   . VAL A 1 40  ? -15.696 14.785  -0.632  1.00 79.45 ? 1018 VAL A C   1 
ATOM   332  O O   . VAL A 1 40  ? -15.296 13.896  -1.393  1.00 77.60 ? 1018 VAL A O   1 
ATOM   333  C CB  . VAL A 1 40  ? -14.168 13.992  1.202   1.00 73.35 ? 1018 VAL A CB  1 
ATOM   334  C CG1 . VAL A 1 40  ? -13.079 14.949  0.813   1.00 68.63 ? 1018 VAL A CG1 1 
ATOM   335  C CG2 . VAL A 1 40  ? -14.061 13.645  2.680   1.00 71.45 ? 1018 VAL A CG2 1 
ATOM   336  N N   . PRO A 1 41  ? -16.230 15.917  -1.120  1.00 80.03 ? 1019 PRO A N   1 
ATOM   337  C CA  . PRO A 1 41  ? -16.633 15.987  -2.532  1.00 76.77 ? 1019 PRO A CA  1 
ATOM   338  C C   . PRO A 1 41  ? -15.506 16.413  -3.442  1.00 69.59 ? 1019 PRO A C   1 
ATOM   339  O O   . PRO A 1 41  ? -15.491 16.059  -4.623  1.00 71.78 ? 1019 PRO A O   1 
ATOM   340  C CB  . PRO A 1 41  ? -17.751 17.034  -2.519  1.00 78.36 ? 1019 PRO A CB  1 
ATOM   341  C CG  . PRO A 1 41  ? -17.291 17.996  -1.468  1.00 76.65 ? 1019 PRO A CG  1 
ATOM   342  C CD  . PRO A 1 41  ? -16.483 17.193  -0.426  1.00 79.06 ? 1019 PRO A CD  1 
ATOM   343  N N   . ASP A 1 42  ? -14.581 17.202  -2.905  1.00 68.04 ? 1020 ASP A N   1 
ATOM   344  C CA  . ASP A 1 42  ? -13.457 17.703  -3.673  1.00 70.23 ? 1020 ASP A CA  1 
ATOM   345  C C   . ASP A 1 42  ? -12.357 16.667  -3.835  1.00 70.41 ? 1020 ASP A C   1 
ATOM   346  O O   . ASP A 1 42  ? -11.416 16.907  -4.602  1.00 69.93 ? 1020 ASP A O   1 
ATOM   347  C CB  . ASP A 1 42  ? -12.886 18.973  -3.021  1.00 64.65 ? 1020 ASP A CB  1 
ATOM   348  C CG  . ASP A 1 42  ? -12.238 18.705  -1.671  1.00 68.15 ? 1020 ASP A CG  1 
ATOM   349  O OD1 . ASP A 1 42  ? -12.701 17.794  -0.947  1.00 68.48 ? 1020 ASP A OD1 1 
ATOM   350  O OD2 . ASP A 1 42  ? -11.258 19.402  -1.331  1.00 66.06 ? 1020 ASP A OD2 1 
ATOM   351  N N   . TYR A 1 43  ? -12.451 15.526  -3.146  1.00 69.13 ? 1021 TYR A N   1 
ATOM   352  C CA  . TYR A 1 43  ? -11.378 14.538  -3.219  1.00 65.26 ? 1021 TYR A CA  1 
ATOM   353  C C   . TYR A 1 43  ? -11.298 13.920  -4.607  1.00 63.61 ? 1021 TYR A C   1 
ATOM   354  O O   . TYR A 1 43  ? -10.251 13.972  -5.268  1.00 58.70 ? 1021 TYR A O   1 
ATOM   355  C CB  . TYR A 1 43  ? -11.572 13.443  -2.165  1.00 61.36 ? 1021 TYR A CB  1 
ATOM   356  C CG  . TYR A 1 43  ? -10.337 12.573  -1.980  1.00 55.94 ? 1021 TYR A CG  1 
ATOM   357  C CD1 . TYR A 1 43  ? -9.251  13.029  -1.241  1.00 51.56 ? 1021 TYR A CD1 1 
ATOM   358  C CD2 . TYR A 1 43  ? -10.249 11.312  -2.568  1.00 52.50 ? 1021 TYR A CD2 1 
ATOM   359  C CE1 . TYR A 1 43  ? -8.122  12.250  -1.070  1.00 49.20 ? 1021 TYR A CE1 1 
ATOM   360  C CE2 . TYR A 1 43  ? -9.117  10.522  -2.407  1.00 45.63 ? 1021 TYR A CE2 1 
ATOM   361  C CZ  . TYR A 1 43  ? -8.056  10.999  -1.658  1.00 44.77 ? 1021 TYR A CZ  1 
ATOM   362  O OH  . TYR A 1 43  ? -6.926  10.232  -1.484  1.00 41.78 ? 1021 TYR A OH  1 
ATOM   363  N N   . VAL A 1 44  ? -12.408 13.338  -5.069  1.00 68.50 ? 1022 VAL A N   1 
ATOM   364  C CA  . VAL A 1 44  ? -12.423 12.515  -6.269  1.00 64.36 ? 1022 VAL A CA  1 
ATOM   365  C C   . VAL A 1 44  ? -12.027 13.281  -7.524  1.00 64.69 ? 1022 VAL A C   1 
ATOM   366  O O   . VAL A 1 44  ? -11.848 12.669  -8.580  1.00 64.14 ? 1022 VAL A O   1 
ATOM   367  C CB  . VAL A 1 44  ? -13.816 11.862  -6.429  1.00 71.33 ? 1022 VAL A CB  1 
ATOM   368  C CG1 . VAL A 1 44  ? -13.752 10.618  -7.324  1.00 69.22 ? 1022 VAL A CG1 1 
ATOM   369  C CG2 . VAL A 1 44  ? -14.412 11.521  -5.059  1.00 70.18 ? 1022 VAL A CG2 1 
ATOM   370  N N   . THR A 1 45  ? -11.855 14.601  -7.436  1.00 66.15 ? 1023 THR A N   1 
ATOM   371  C CA  . THR A 1 45  ? -11.330 15.362  -8.561  1.00 67.93 ? 1023 THR A CA  1 
ATOM   372  C C   . THR A 1 45  ? -9.895  15.823  -8.358  1.00 64.77 ? 1023 THR A C   1 
ATOM   373  O O   . THR A 1 45  ? -9.214  16.123  -9.345  1.00 66.82 ? 1023 THR A O   1 
ATOM   374  C CB  . THR A 1 45  ? -12.205 16.590  -8.853  1.00 72.87 ? 1023 THR A CB  1 
ATOM   375  O OG1 . THR A 1 45  ? -11.507 17.468  -9.751  1.00 76.89 ? 1023 THR A OG1 1 
ATOM   376  C CG2 . THR A 1 45  ? -12.535 17.346  -7.575  1.00 69.80 ? 1023 THR A CG2 1 
ATOM   377  N N   . VAL A 1 46  ? -9.422  15.905  -7.118  1.00 64.07 ? 1024 VAL A N   1 
ATOM   378  C CA  . VAL A 1 46  ? -8.025  16.253  -6.880  1.00 59.62 ? 1024 VAL A CA  1 
ATOM   379  C C   . VAL A 1 46  ? -7.118  15.019  -6.923  1.00 57.69 ? 1024 VAL A C   1 
ATOM   380  O O   . VAL A 1 46  ? -5.946  15.122  -7.311  1.00 50.68 ? 1024 VAL A O   1 
ATOM   381  C CB  . VAL A 1 46  ? -7.884  16.997  -5.540  1.00 61.43 ? 1024 VAL A CB  1 
ATOM   382  C CG1 . VAL A 1 46  ? -6.426  17.322  -5.247  1.00 54.49 ? 1024 VAL A CG1 1 
ATOM   383  C CG2 . VAL A 1 46  ? -8.733  18.253  -5.543  1.00 63.11 ? 1024 VAL A CG2 1 
ATOM   384  N N   . ILE A 1 47  ? -7.635  13.855  -6.536  1.00 50.21 ? 1025 ILE A N   1 
ATOM   385  C CA  . ILE A 1 47  ? -6.859  12.623  -6.480  1.00 47.20 ? 1025 ILE A CA  1 
ATOM   386  C C   . ILE A 1 47  ? -7.360  11.732  -7.610  1.00 42.32 ? 1025 ILE A C   1 
ATOM   387  O O   . ILE A 1 47  ? -8.444  11.141  -7.529  1.00 43.29 ? 1025 ILE A O   1 
ATOM   388  C CB  . ILE A 1 47  ? -6.970  11.934  -5.115  1.00 39.72 ? 1025 ILE A CB  1 
ATOM   389  C CG1 . ILE A 1 47  ? -6.372  12.829  -4.027  1.00 42.46 ? 1025 ILE A CG1 1 
ATOM   390  C CG2 . ILE A 1 47  ? -6.258  10.598  -5.146  1.00 37.04 ? 1025 ILE A CG2 1 
ATOM   391  C CD1 . ILE A 1 47  ? -4.925  13.250  -4.298  1.00 40.68 ? 1025 ILE A CD1 1 
ATOM   392  N N   . LYS A 1 48  ? -6.565  11.629  -8.672  1.00 39.95 ? 1026 LYS A N   1 
ATOM   393  C CA  . LYS A 1 48  ? -6.991  10.900  -9.863  1.00 42.93 ? 1026 LYS A CA  1 
ATOM   394  C C   . LYS A 1 48  ? -6.948  9.391   -9.679  1.00 43.87 ? 1026 LYS A C   1 
ATOM   395  O O   . LYS A 1 48  ? -7.628  8.671   -10.418 1.00 40.88 ? 1026 LYS A O   1 
ATOM   396  C CB  . LYS A 1 48  ? -6.111  11.278  -11.058 1.00 43.62 ? 1026 LYS A CB  1 
ATOM   397  C CG  . LYS A 1 48  ? -6.281  12.707  -11.525 1.00 47.71 ? 1026 LYS A CG  1 
ATOM   398  C CD  . LYS A 1 48  ? -7.703  13.187  -11.303 1.00 52.11 ? 1026 LYS A CD  1 
ATOM   399  C CE  . LYS A 1 48  ? -7.905  14.574  -11.878 1.00 53.42 ? 1026 LYS A CE  1 
ATOM   400  N NZ  . LYS A 1 48  ? -9.307  15.033  -11.715 1.00 60.01 ? 1026 LYS A NZ  1 
ATOM   401  N N   . GLN A 1 49  ? -6.160  8.888   -8.730  1.00 42.40 ? 1027 GLN A N   1 
ATOM   402  C CA  . GLN A 1 49  ? -5.956  7.448   -8.576  1.00 39.23 ? 1027 GLN A CA  1 
ATOM   403  C C   . GLN A 1 49  ? -6.009  7.102   -7.099  1.00 36.21 ? 1027 GLN A C   1 
ATOM   404  O O   . GLN A 1 49  ? -4.975  6.884   -6.457  1.00 32.64 ? 1027 GLN A O   1 
ATOM   405  C CB  . GLN A 1 49  ? -4.628  7.018   -9.202  1.00 39.23 ? 1027 GLN A CB  1 
ATOM   406  C CG  . GLN A 1 49  ? -4.539  5.530   -9.439  1.00 39.18 ? 1027 GLN A CG  1 
ATOM   407  C CD  . GLN A 1 49  ? -3.270  5.126   -10.160 1.00 40.45 ? 1027 GLN A CD  1 
ATOM   408  O OE1 . GLN A 1 49  ? -2.364  5.948   -10.388 1.00 39.21 ? 1027 GLN A OE1 1 
ATOM   409  N NE2 . GLN A 1 49  ? -3.179  3.840   -10.497 1.00 42.96 ? 1027 GLN A NE2 1 
ATOM   410  N N   . PRO A 1 50  ? -7.205  7.049   -6.525  1.00 35.89 ? 1028 PRO A N   1 
ATOM   411  C CA  . PRO A 1 50  ? -7.323  6.786   -5.087  1.00 37.11 ? 1028 PRO A CA  1 
ATOM   412  C C   . PRO A 1 50  ? -6.774  5.413   -4.735  1.00 36.69 ? 1028 PRO A C   1 
ATOM   413  O O   . PRO A 1 50  ? -6.831  4.478   -5.533  1.00 31.97 ? 1028 PRO A O   1 
ATOM   414  C CB  . PRO A 1 50  ? -8.836  6.860   -4.834  1.00 36.06 ? 1028 PRO A CB  1 
ATOM   415  C CG  . PRO A 1 50  ? -9.470  6.693   -6.172  1.00 38.44 ? 1028 PRO A CG  1 
ATOM   416  C CD  . PRO A 1 50  ? -8.512  7.282   -7.160  1.00 37.87 ? 1028 PRO A CD  1 
ATOM   417  N N   . MET A 1 51  ? -6.227  5.299   -3.527  1.00 30.78 ? 1029 MET A N   1 
ATOM   418  C CA  . MET A 1 51  ? -5.741  4.016   -3.043  1.00 30.74 ? 1029 MET A CA  1 
ATOM   419  C C   . MET A 1 51  ? -5.860  4.004   -1.526  1.00 34.46 ? 1029 MET A C   1 
ATOM   420  O O   . MET A 1 51  ? -5.678  5.037   -0.878  1.00 30.49 ? 1029 MET A O   1 
ATOM   421  C CB  . MET A 1 51  ? -4.296  3.768   -3.482  1.00 29.40 ? 1029 MET A CB  1 
ATOM   422  C CG  . MET A 1 51  ? -3.746  2.358   -3.180  1.00 27.63 ? 1029 MET A CG  1 
ATOM   423  S SD  . MET A 1 51  ? -4.761  1.000   -3.785  1.00 33.08 ? 1029 MET A SD  1 
ATOM   424  C CE  . MET A 1 51  ? -4.757  1.378   -5.546  1.00 31.04 ? 1029 MET A CE  1 
ATOM   425  N N   . ASP A 1 52  ? -6.165  2.837   -0.971  1.00 30.11 ? 1030 ASP A N   1 
ATOM   426  C CA  . ASP A 1 52  ? -6.309  2.687   0.471   1.00 33.87 ? 1030 ASP A CA  1 
ATOM   427  C C   . ASP A 1 52  ? -5.972  1.248   0.827   1.00 33.57 ? 1030 ASP A C   1 
ATOM   428  O O   . ASP A 1 52  ? -5.821  0.399   -0.052  1.00 29.56 ? 1030 ASP A O   1 
ATOM   429  C CB  . ASP A 1 52  ? -7.724  3.035   0.916   1.00 33.00 ? 1030 ASP A CB  1 
ATOM   430  C CG  . ASP A 1 52  ? -8.737  2.041   0.396   1.00 34.14 ? 1030 ASP A CG  1 
ATOM   431  O OD1 . ASP A 1 52  ? -9.138  2.143   -0.785  1.00 37.60 ? 1030 ASP A OD1 1 
ATOM   432  O OD2 . ASP A 1 52  ? -9.121  1.144   1.159   1.00 37.62 ? 1030 ASP A OD2 1 
ATOM   433  N N   . LEU A 1 53  ? -5.885  0.963   2.131   1.00 28.67 ? 1031 LEU A N   1 
ATOM   434  C CA  . LEU A 1 53  ? -5.444  -0.376  2.527   1.00 28.63 ? 1031 LEU A CA  1 
ATOM   435  C C   . LEU A 1 53  ? -6.501  -1.434  2.239   1.00 29.46 ? 1031 LEU A C   1 
ATOM   436  O O   . LEU A 1 53  ? -6.153  -2.595  1.994   1.00 26.81 ? 1031 LEU A O   1 
ATOM   437  C CB  . LEU A 1 53  ? -5.051  -0.414  4.007   1.00 24.02 ? 1031 LEU A CB  1 
ATOM   438  C CG  . LEU A 1 53  ? -3.883  0.464   4.441   1.00 28.09 ? 1031 LEU A CG  1 
ATOM   439  C CD1 . LEU A 1 53  ? -3.664  0.376   5.971   1.00 27.27 ? 1031 LEU A CD1 1 
ATOM   440  C CD2 . LEU A 1 53  ? -2.610  0.109   3.688   1.00 22.70 ? 1031 LEU A CD2 1 
ATOM   441  N N   . SER A 1 54  ? -7.792  -1.079  2.251   1.00 32.80 ? 1032 SER A N   1 
ATOM   442  C CA  . SER A 1 54  ? -8.787  -2.088  1.891   1.00 30.06 ? 1032 SER A CA  1 
ATOM   443  C C   . SER A 1 54  ? -8.703  -2.421  0.407   1.00 30.66 ? 1032 SER A C   1 
ATOM   444  O O   . SER A 1 54  ? -8.903  -3.577  0.007   1.00 30.37 ? 1032 SER A O   1 
ATOM   445  C CB  A SER A 1 54  ? -10.193 -1.620  2.265   0.63 33.79 ? 1032 SER A CB  1 
ATOM   446  C CB  B SER A 1 54  ? -10.193 -1.605  2.252   0.37 35.53 ? 1032 SER A CB  1 
ATOM   447  O OG  A SER A 1 54  ? -10.564 -0.492  1.508   0.63 33.22 ? 1032 SER A OG  1 
ATOM   448  O OG  B SER A 1 54  ? -10.339 -1.451  3.650   0.37 37.27 ? 1032 SER A OG  1 
ATOM   449  N N   . SER A 1 55  ? -8.400  -1.426  -0.428  1.00 29.38 ? 1033 SER A N   1 
ATOM   450  C CA  . SER A 1 55  ? -8.251  -1.708  -1.850  1.00 31.68 ? 1033 SER A CA  1 
ATOM   451  C C   . SER A 1 55  ? -6.972  -2.490  -2.111  1.00 29.34 ? 1033 SER A C   1 
ATOM   452  O O   . SER A 1 55  ? -6.934  -3.336  -3.009  1.00 27.49 ? 1033 SER A O   1 
ATOM   453  C CB  . SER A 1 55  ? -8.286  -0.410  -2.652  1.00 28.39 ? 1033 SER A CB  1 
ATOM   454  O OG  . SER A 1 55  ? -9.548  0.220   -2.483  1.00 36.84 ? 1033 SER A OG  1 
ATOM   455  N N   . VAL A 1 56  ? -5.917  -2.219  -1.336  1.00 28.80 ? 1034 VAL A N   1 
ATOM   456  C CA  . VAL A 1 56  ? -4.705  -3.038  -1.415  1.00 27.00 ? 1034 VAL A CA  1 
ATOM   457  C C   . VAL A 1 56  ? -5.039  -4.503  -1.158  1.00 22.73 ? 1034 VAL A C   1 
ATOM   458  O O   . VAL A 1 56  ? -4.587  -5.396  -1.885  1.00 26.92 ? 1034 VAL A O   1 
ATOM   459  C CB  . VAL A 1 56  ? -3.631  -2.525  -0.435  1.00 26.02 ? 1034 VAL A CB  1 
ATOM   460  C CG1 . VAL A 1 56  ? -2.509  -3.565  -0.281  1.00 24.00 ? 1034 VAL A CG1 1 
ATOM   461  C CG2 . VAL A 1 56  ? -3.030  -1.223  -0.932  1.00 26.36 ? 1034 VAL A CG2 1 
ATOM   462  N N   . ILE A 1 57  ? -5.847  -4.772  -0.124  1.00 23.65 ? 1035 ILE A N   1 
ATOM   463  C CA  . ILE A 1 57  ? -6.235  -6.150  0.190   1.00 24.08 ? 1035 ILE A CA  1 
ATOM   464  C C   . ILE A 1 57  ? -6.952  -6.793  -0.990  1.00 24.91 ? 1035 ILE A C   1 
ATOM   465  O O   . ILE A 1 57  ? -6.692  -7.945  -1.341  1.00 26.40 ? 1035 ILE A O   1 
ATOM   466  C CB  . ILE A 1 57  ? -7.119  -6.190  1.450   1.00 32.54 ? 1035 ILE A CB  1 
ATOM   467  C CG1 . ILE A 1 57  ? -6.313  -5.796  2.682   1.00 29.48 ? 1035 ILE A CG1 1 
ATOM   468  C CG2 . ILE A 1 57  ? -7.746  -7.587  1.619   1.00 28.00 ? 1035 ILE A CG2 1 
ATOM   469  C CD1 . ILE A 1 57  ? -5.432  -6.908  3.159   1.00 33.16 ? 1035 ILE A CD1 1 
ATOM   470  N N   . SER A 1 58  ? -7.918  -6.083  -1.575  1.00 30.54 ? 1036 SER A N   1 
ATOM   471  C CA  . SER A 1 58  ? -8.627  -6.614  -2.741  1.00 27.79 ? 1036 SER A CA  1 
ATOM   472  C C   . SER A 1 58  ? -7.666  -6.951  -3.871  1.00 24.71 ? 1036 SER A C   1 
ATOM   473  O O   . SER A 1 58  ? -7.792  -8.003  -4.504  1.00 28.30 ? 1036 SER A O   1 
ATOM   474  C CB  . SER A 1 58  ? -9.675  -5.610  -3.219  1.00 29.94 ? 1036 SER A CB  1 
ATOM   475  O OG  . SER A 1 58  ? -10.613 -5.406  -2.187  1.00 36.19 ? 1036 SER A OG  1 
ATOM   476  N N   . LYS A 1 59  ? -6.691  -6.079  -4.128  1.00 25.87 ? 1037 LYS A N   1 
ATOM   477  C CA  . LYS A 1 59  ? -5.758  -6.313  -5.222  1.00 26.06 ? 1037 LYS A CA  1 
ATOM   478  C C   . LYS A 1 59  ? -4.847  -7.508  -4.946  1.00 26.83 ? 1037 LYS A C   1 
ATOM   479  O O   . LYS A 1 59  ? -4.535  -8.280  -5.865  1.00 24.77 ? 1037 LYS A O   1 
ATOM   480  C CB  . LYS A 1 59  ? -4.949  -5.046  -5.482  1.00 23.80 ? 1037 LYS A CB  1 
ATOM   481  C CG  . LYS A 1 59  ? -5.797  -3.976  -6.182  1.00 25.33 ? 1037 LYS A CG  1 
ATOM   482  C CD  . LYS A 1 59  ? -4.990  -2.726  -6.477  1.00 28.94 ? 1037 LYS A CD  1 
ATOM   483  C CE  . LYS A 1 59  ? -3.936  -2.977  -7.559  1.00 31.06 ? 1037 LYS A CE  1 
ATOM   484  N NZ  . LYS A 1 59  ? -3.204  -1.735  -7.918  1.00 30.89 ? 1037 LYS A NZ  1 
ATOM   485  N N   . ILE A 1 60  ? -4.410  -7.684  -3.693  1.00 24.62 ? 1038 ILE A N   1 
ATOM   486  C CA  . ILE A 1 60  ? -3.672  -8.898  -3.343  1.00 26.50 ? 1038 ILE A CA  1 
ATOM   487  C C   . ILE A 1 60  ? -4.489  -10.113 -3.744  1.00 26.12 ? 1038 ILE A C   1 
ATOM   488  O O   . ILE A 1 60  ? -4.007  -11.016 -4.442  1.00 26.70 ? 1038 ILE A O   1 
ATOM   489  C CB  . ILE A 1 60  ? -3.359  -8.949  -1.835  1.00 24.36 ? 1038 ILE A CB  1 
ATOM   490  C CG1 . ILE A 1 60  ? -2.453  -7.799  -1.384  1.00 22.84 ? 1038 ILE A CG1 1 
ATOM   491  C CG2 . ILE A 1 60  ? -2.751  -10.322 -1.501  1.00 24.38 ? 1038 ILE A CG2 1 
ATOM   492  C CD1 . ILE A 1 60  ? -2.317  -7.727  0.153   1.00 22.42 ? 1038 ILE A CD1 1 
ATOM   493  N N   . ASP A 1 61  ? -5.756  -10.133 -3.317  1.00 25.29 ? 1039 ASP A N   1 
ATOM   494  C CA  . ASP A 1 61  ? -6.619  -11.279 -3.556  1.00 28.80 ? 1039 ASP A CA  1 
ATOM   495  C C   . ASP A 1 61  ? -6.956  -11.466 -5.027  1.00 31.74 ? 1039 ASP A C   1 
ATOM   496  O O   . ASP A 1 61  ? -7.277  -12.589 -5.429  1.00 30.02 ? 1039 ASP A O   1 
ATOM   497  C CB  . ASP A 1 61  ? -7.898  -11.142 -2.741  1.00 27.17 ? 1039 ASP A CB  1 
ATOM   498  C CG  . ASP A 1 61  ? -7.666  -11.371 -1.255  1.00 32.49 ? 1039 ASP A CG  1 
ATOM   499  O OD1 . ASP A 1 61  ? -6.586  -11.885 -0.888  1.00 29.04 ? 1039 ASP A OD1 1 
ATOM   500  O OD2 . ASP A 1 61  ? -8.562  -11.035 -0.455  1.00 28.11 ? 1039 ASP A OD2 1 
ATOM   501  N N   . LEU A 1 62  ? -6.897  -10.407 -5.831  1.00 30.01 ? 1040 LEU A N   1 
ATOM   502  C CA  . LEU A 1 62  ? -7.083  -10.513 -7.274  1.00 29.64 ? 1040 LEU A CA  1 
ATOM   503  C C   . LEU A 1 62  ? -5.787  -10.844 -7.999  1.00 30.24 ? 1040 LEU A C   1 
ATOM   504  O O   . LEU A 1 62  ? -5.761  -10.854 -9.234  1.00 35.33 ? 1040 LEU A O   1 
ATOM   505  C CB  . LEU A 1 62  ? -7.679  -9.212  -7.824  1.00 28.53 ? 1040 LEU A CB  1 
ATOM   506  C CG  . LEU A 1 62  ? -9.124  -8.946  -7.393  1.00 31.46 ? 1040 LEU A CG  1 
ATOM   507  C CD1 . LEU A 1 62  ? -9.525  -7.510  -7.667  1.00 31.90 ? 1040 LEU A CD1 1 
ATOM   508  C CD2 . LEU A 1 62  ? -10.095 -9.897  -8.088  1.00 33.77 ? 1040 LEU A CD2 1 
ATOM   509  N N   . HIS A 1 63  ? -4.713  -11.118 -7.259  1.00 26.84 ? 1041 HIS A N   1 
ATOM   510  C CA  . HIS A 1 63  ? -3.417  -11.460 -7.841  1.00 29.99 ? 1041 HIS A CA  1 
ATOM   511  C C   . HIS A 1 63  ? -2.864  -10.325 -8.703  1.00 30.23 ? 1041 HIS A C   1 
ATOM   512  O O   . HIS A 1 63  ? -2.234  -10.561 -9.732  1.00 31.20 ? 1041 HIS A O   1 
ATOM   513  C CB  . HIS A 1 63  ? -3.484  -12.765 -8.654  1.00 28.76 ? 1041 HIS A CB  1 
ATOM   514  C CG  . HIS A 1 63  ? -3.986  -13.947 -7.881  1.00 27.53 ? 1041 HIS A CG  1 
ATOM   515  N ND1 . HIS A 1 63  ? -3.830  -15.242 -8.324  1.00 30.32 ? 1041 HIS A ND1 1 
ATOM   516  C CD2 . HIS A 1 63  ? -4.668  -14.033 -6.712  1.00 33.65 ? 1041 HIS A CD2 1 
ATOM   517  C CE1 . HIS A 1 63  ? -4.370  -16.075 -7.451  1.00 31.05 ? 1041 HIS A CE1 1 
ATOM   518  N NE2 . HIS A 1 63  ? -4.885  -15.368 -6.461  1.00 34.60 ? 1041 HIS A NE2 1 
ATOM   519  N N   . LYS A 1 64  ? -3.068  -9.080  -8.269  1.00 30.31 ? 1042 LYS A N   1 
ATOM   520  C CA  . LYS A 1 64  ? -2.521  -7.942  -9.002  1.00 28.45 ? 1042 LYS A CA  1 
ATOM   521  C C   . LYS A 1 64  ? -1.072  -7.627  -8.648  1.00 30.23 ? 1042 LYS A C   1 
ATOM   522  O O   . LYS A 1 64  ? -0.416  -6.895  -9.395  1.00 31.10 ? 1042 LYS A O   1 
ATOM   523  C CB  . LYS A 1 64  ? -3.367  -6.693  -8.752  1.00 28.89 ? 1042 LYS A CB  1 
ATOM   524  C CG  . LYS A 1 64  ? -4.811  -6.846  -9.121  1.00 31.06 ? 1042 LYS A CG  1 
ATOM   525  C CD  . LYS A 1 64  ? -5.007  -6.911  -10.609 1.00 34.07 ? 1042 LYS A CD  1 
ATOM   526  C CE  . LYS A 1 64  ? -6.490  -6.764  -10.962 1.00 42.14 ? 1042 LYS A CE  1 
ATOM   527  N NZ  . LYS A 1 64  ? -6.725  -6.749  -12.427 1.00 48.77 ? 1042 LYS A NZ  1 
ATOM   528  N N   . TYR A 1 65  ? -0.556  -8.127  -7.526  1.00 27.39 ? 1043 TYR A N   1 
ATOM   529  C CA  . TYR A 1 65  ? 0.828   -7.881  -7.131  1.00 26.83 ? 1043 TYR A CA  1 
ATOM   530  C C   . TYR A 1 65  ? 1.619   -9.157  -7.355  1.00 29.54 ? 1043 TYR A C   1 
ATOM   531  O O   . TYR A 1 65  ? 1.393   -10.154 -6.665  1.00 30.83 ? 1043 TYR A O   1 
ATOM   532  C CB  . TYR A 1 65  ? 0.931   -7.467  -5.664  1.00 26.10 ? 1043 TYR A CB  1 
ATOM   533  C CG  . TYR A 1 65  ? 0.081   -6.287  -5.282  1.00 25.31 ? 1043 TYR A CG  1 
ATOM   534  C CD1 . TYR A 1 65  ? 0.237   -5.060  -5.913  1.00 26.08 ? 1043 TYR A CD1 1 
ATOM   535  C CD2 . TYR A 1 65  ? -0.873  -6.399  -4.274  1.00 22.05 ? 1043 TYR A CD2 1 
ATOM   536  C CE1 . TYR A 1 65  ? -0.549  -3.966  -5.549  1.00 25.46 ? 1043 TYR A CE1 1 
ATOM   537  C CE2 . TYR A 1 65  ? -1.652  -5.315  -3.907  1.00 26.51 ? 1043 TYR A CE2 1 
ATOM   538  C CZ  . TYR A 1 65  ? -1.483  -4.108  -4.537  1.00 24.99 ? 1043 TYR A CZ  1 
ATOM   539  O OH  . TYR A 1 65  ? -2.277  -3.043  -4.172  1.00 25.68 ? 1043 TYR A OH  1 
ATOM   540  N N   . LEU A 1 66  ? 2.564   -9.120  -8.287  1.00 28.99 ? 1044 LEU A N   1 
ATOM   541  C CA  . LEU A 1 66  ? 3.464   -10.239 -8.504  1.00 29.24 ? 1044 LEU A CA  1 
ATOM   542  C C   . LEU A 1 66  ? 4.818   -10.024 -7.857  1.00 28.43 ? 1044 LEU A C   1 
ATOM   543  O O   . LEU A 1 66  ? 5.628   -10.952 -7.838  1.00 28.43 ? 1044 LEU A O   1 
ATOM   544  C CB  . LEU A 1 66  ? 3.660   -10.492 -10.004 1.00 34.07 ? 1044 LEU A CB  1 
ATOM   545  C CG  . LEU A 1 66  ? 2.451   -10.906 -10.846 1.00 36.32 ? 1044 LEU A CG  1 
ATOM   546  C CD1 . LEU A 1 66  ? 2.938   -11.366 -12.219 1.00 38.08 ? 1044 LEU A CD1 1 
ATOM   547  C CD2 . LEU A 1 66  ? 1.647   -11.999 -10.180 1.00 35.95 ? 1044 LEU A CD2 1 
ATOM   548  N N   . THR A 1 67  ? 5.090   -8.823  -7.349  1.00 26.27 ? 1045 THR A N   1 
ATOM   549  C CA  . THR A 1 67  ? 6.346   -8.502  -6.686  1.00 25.52 ? 1045 THR A CA  1 
ATOM   550  C C   . THR A 1 67  ? 6.039   -7.540  -5.546  1.00 27.30 ? 1045 THR A C   1 
ATOM   551  O O   . THR A 1 67  ? 4.974   -6.910  -5.518  1.00 26.79 ? 1045 THR A O   1 
ATOM   552  C CB  . THR A 1 67  ? 7.365   -7.854  -7.642  1.00 28.30 ? 1045 THR A CB  1 
ATOM   553  O OG1 . THR A 1 67  ? 6.974   -6.498  -7.898  1.00 29.57 ? 1045 THR A OG1 1 
ATOM   554  C CG2 . THR A 1 67  ? 7.456   -8.613  -8.982  1.00 26.19 ? 1045 THR A CG2 1 
ATOM   555  N N   . VAL A 1 68  ? 6.972   -7.404  -4.601  1.00 26.34 ? 1046 VAL A N   1 
ATOM   556  C CA  . VAL A 1 68  ? 6.687   -6.414  -3.569  1.00 27.36 ? 1046 VAL A CA  1 
ATOM   557  C C   . VAL A 1 68  ? 6.900   -5.020  -4.100  1.00 28.54 ? 1046 VAL A C   1 
ATOM   558  O O   . VAL A 1 68  ? 6.384   -4.068  -3.515  1.00 29.05 ? 1046 VAL A O   1 
ATOM   559  C CB  . VAL A 1 68  ? 7.502   -6.553  -2.273  1.00 30.67 ? 1046 VAL A CB  1 
ATOM   560  C CG1 . VAL A 1 68  ? 7.188   -7.852  -1.613  1.00 40.31 ? 1046 VAL A CG1 1 
ATOM   561  C CG2 . VAL A 1 68  ? 8.967   -6.279  -2.516  1.00 30.11 ? 1046 VAL A CG2 1 
ATOM   562  N N   . LYS A 1 69  ? 7.647   -4.867  -5.198  1.00 31.91 ? 1047 LYS A N   1 
ATOM   563  C CA  . LYS A 1 69  ? 7.748   -3.548  -5.811  1.00 31.67 ? 1047 LYS A CA  1 
ATOM   564  C C   . LYS A 1 69  ? 6.383   -3.074  -6.298  1.00 32.06 ? 1047 LYS A C   1 
ATOM   565  O O   . LYS A 1 69  ? 6.035   -1.900  -6.125  1.00 32.49 ? 1047 LYS A O   1 
ATOM   566  C CB  . LYS A 1 69  ? 8.765   -3.563  -6.955  1.00 34.48 ? 1047 LYS A CB  1 
ATOM   567  C CG  . LYS A 1 69  ? 10.197  -3.317  -6.510  1.00 38.65 ? 1047 LYS A CG  1 
ATOM   568  C CD  . LYS A 1 69  ? 11.192  -3.605  -7.642  1.00 45.57 ? 1047 LYS A CD  1 
ATOM   569  C CE  . LYS A 1 69  ? 10.540  -3.404  -9.031  1.00 52.35 ? 1047 LYS A CE  1 
ATOM   570  N NZ  . LYS A 1 69  ? 11.217  -4.158  -10.150 1.00 51.30 ? 1047 LYS A NZ  1 
ATOM   571  N N   . ASP A 1 70  ? 5.593   -3.976  -6.901  1.00 28.46 ? 1048 ASP A N   1 
ATOM   572  C CA  . ASP A 1 70  ? 4.228   -3.634  -7.299  1.00 29.26 ? 1048 ASP A CA  1 
ATOM   573  C C   . ASP A 1 70  ? 3.392   -3.203  -6.092  1.00 32.35 ? 1048 ASP A C   1 
ATOM   574  O O   . ASP A 1 70  ? 2.588   -2.265  -6.176  1.00 27.64 ? 1048 ASP A O   1 
ATOM   575  C CB  . ASP A 1 70  ? 3.544   -4.829  -7.969  1.00 30.94 ? 1048 ASP A CB  1 
ATOM   576  C CG  . ASP A 1 70  ? 4.168   -5.228  -9.305  1.00 40.42 ? 1048 ASP A CG  1 
ATOM   577  O OD1 . ASP A 1 70  ? 4.976   -4.453  -9.854  1.00 39.71 ? 1048 ASP A OD1 1 
ATOM   578  O OD2 . ASP A 1 70  ? 3.820   -6.338  -9.798  1.00 40.74 ? 1048 ASP A OD2 1 
ATOM   579  N N   . TYR A 1 71  ? 3.535   -3.916  -4.978  1.00 27.33 ? 1049 TYR A N   1 
ATOM   580  C CA  . TYR A 1 71  ? 2.807   -3.578  -3.759  1.00 26.83 ? 1049 TYR A CA  1 
ATOM   581  C C   . TYR A 1 71  ? 3.251   -2.227  -3.210  1.00 26.79 ? 1049 TYR A C   1 
ATOM   582  O O   . TYR A 1 71  ? 2.418   -1.383  -2.858  1.00 25.85 ? 1049 TYR A O   1 
ATOM   583  C CB  . TYR A 1 71  ? 3.034   -4.684  -2.735  1.00 23.95 ? 1049 TYR A CB  1 
ATOM   584  C CG  . TYR A 1 71  ? 2.525   -4.431  -1.333  1.00 24.49 ? 1049 TYR A CG  1 
ATOM   585  C CD1 . TYR A 1 71  ? 1.212   -4.720  -0.984  1.00 21.19 ? 1049 TYR A CD1 1 
ATOM   586  C CD2 . TYR A 1 71  ? 3.390   -3.969  -0.336  1.00 23.39 ? 1049 TYR A CD2 1 
ATOM   587  C CE1 . TYR A 1 71  ? 0.756   -4.528  0.325   1.00 21.88 ? 1049 TYR A CE1 1 
ATOM   588  C CE2 . TYR A 1 71  ? 2.946   -3.768  0.962   1.00 22.26 ? 1049 TYR A CE2 1 
ATOM   589  C CZ  . TYR A 1 71  ? 1.637   -4.044  1.287   1.00 23.15 ? 1049 TYR A CZ  1 
ATOM   590  O OH  . TYR A 1 71  ? 1.209   -3.857  2.586   1.00 21.92 ? 1049 TYR A OH  1 
ATOM   591  N N   . LEU A 1 72  ? 4.566   -2.006  -3.126  1.00 26.75 ? 1050 LEU A N   1 
ATOM   592  C CA  . LEU A 1 72  ? 5.072   -0.758  -2.572  1.00 27.24 ? 1050 LEU A CA  1 
ATOM   593  C C   . LEU A 1 72  ? 4.680   0.438   -3.419  1.00 33.19 ? 1050 LEU A C   1 
ATOM   594  O O   . LEU A 1 72  ? 4.615   1.558   -2.892  1.00 29.63 ? 1050 LEU A O   1 
ATOM   595  C CB  . LEU A 1 72  ? 6.593   -0.817  -2.420  1.00 26.60 ? 1050 LEU A CB  1 
ATOM   596  C CG  . LEU A 1 72  ? 6.998   -1.709  -1.248  1.00 27.70 ? 1050 LEU A CG  1 
ATOM   597  C CD1 . LEU A 1 72  ? 8.496   -1.885  -1.164  1.00 29.78 ? 1050 LEU A CD1 1 
ATOM   598  C CD2 . LEU A 1 72  ? 6.415   -1.152  0.055   1.00 27.49 ? 1050 LEU A CD2 1 
ATOM   599  N N   . ARG A 1 73  ? 4.417   0.231   -4.713  1.00 27.25 ? 1051 ARG A N   1 
ATOM   600  C CA  . ARG A 1 73  ? 3.953   1.334   -5.542  1.00 31.81 ? 1051 ARG A CA  1 
ATOM   601  C C   . ARG A 1 73  ? 2.577   1.801   -5.092  1.00 30.12 ? 1051 ARG A C   1 
ATOM   602  O O   . ARG A 1 73  ? 2.281   3.002   -5.120  1.00 26.56 ? 1051 ARG A O   1 
ATOM   603  C CB  . ARG A 1 73  ? 3.932   0.915   -7.015  1.00 36.81 ? 1051 ARG A CB  1 
ATOM   604  C CG  . ARG A 1 73  ? 5.207   1.256   -7.758  1.00 43.93 ? 1051 ARG A CG  1 
ATOM   605  C CD  . ARG A 1 73  ? 4.967   1.326   -9.272  1.00 50.89 ? 1051 ARG A CD  1 
ATOM   606  N NE  . ARG A 1 73  ? 4.113   0.240   -9.740  1.00 49.45 ? 1051 ARG A NE  1 
ATOM   607  C CZ  . ARG A 1 73  ? 4.551   -0.988  -10.007 1.00 52.44 ? 1051 ARG A CZ  1 
ATOM   608  N NH1 . ARG A 1 73  ? 3.698   -1.917  -10.425 1.00 49.10 ? 1051 ARG A NH1 1 
ATOM   609  N NH2 . ARG A 1 73  ? 5.841   -1.285  -9.859  1.00 49.41 ? 1051 ARG A NH2 1 
ATOM   610  N N   . ASP A 1 74  ? 1.726   0.869   -4.650  1.00 26.84 ? 1052 ASP A N   1 
ATOM   611  C CA  . ASP A 1 74  ? 0.430   1.268   -4.125  1.00 27.44 ? 1052 ASP A CA  1 
ATOM   612  C C   . ASP A 1 74  ? 0.540   1.855   -2.714  1.00 29.07 ? 1052 ASP A C   1 
ATOM   613  O O   . ASP A 1 74  ? -0.176  2.809   -2.383  1.00 28.46 ? 1052 ASP A O   1 
ATOM   614  C CB  . ASP A 1 74  ? -0.536  0.085   -4.173  1.00 26.51 ? 1052 ASP A CB  1 
ATOM   615  C CG  . ASP A 1 74  ? -1.239  -0.013  -5.516  1.00 31.02 ? 1052 ASP A CG  1 
ATOM   616  O OD1 . ASP A 1 74  ? -1.063  0.930   -6.309  1.00 29.67 ? 1052 ASP A OD1 1 
ATOM   617  O OD2 . ASP A 1 74  ? -1.949  -1.008  -5.785  1.00 29.61 ? 1052 ASP A OD2 1 
ATOM   618  N N   . ILE A 1 75  ? 1.430   1.323   -1.876  1.00 25.96 ? 1053 ILE A N   1 
ATOM   619  C CA  . ILE A 1 75  ? 1.670   1.957   -0.582  1.00 23.25 ? 1053 ILE A CA  1 
ATOM   620  C C   . ILE A 1 75  ? 2.139   3.388   -0.798  1.00 28.36 ? 1053 ILE A C   1 
ATOM   621  O O   . ILE A 1 75  ? 1.629   4.325   -0.179  1.00 25.72 ? 1053 ILE A O   1 
ATOM   622  C CB  . ILE A 1 75  ? 2.691   1.155   0.248   1.00 27.96 ? 1053 ILE A CB  1 
ATOM   623  C CG1 . ILE A 1 75  ? 2.146   -0.232  0.630   1.00 23.72 ? 1053 ILE A CG1 1 
ATOM   624  C CG2 . ILE A 1 75  ? 3.128   1.955   1.489   1.00 25.72 ? 1053 ILE A CG2 1 
ATOM   625  C CD1 . ILE A 1 75  ? 0.789   -0.211  1.329   1.00 24.42 ? 1053 ILE A CD1 1 
ATOM   626  N N   . ASP A 1 76  ? 3.104   3.574   -1.706  1.00 27.83 ? 1054 ASP A N   1 
ATOM   627  C CA  . ASP A 1 76  ? 3.600   4.911   -2.011  1.00 29.57 ? 1054 ASP A CA  1 
ATOM   628  C C   . ASP A 1 76  ? 2.495   5.794   -2.565  1.00 32.44 ? 1054 ASP A C   1 
ATOM   629  O O   . ASP A 1 76  ? 2.472   6.998   -2.302  1.00 31.12 ? 1054 ASP A O   1 
ATOM   630  C CB  . ASP A 1 76  ? 4.746   4.840   -3.015  1.00 30.34 ? 1054 ASP A CB  1 
ATOM   631  C CG  . ASP A 1 76  ? 6.031   4.368   -2.397  1.00 37.26 ? 1054 ASP A CG  1 
ATOM   632  O OD1 . ASP A 1 76  ? 6.263   4.653   -1.206  1.00 39.25 ? 1054 ASP A OD1 1 
ATOM   633  O OD2 . ASP A 1 76  ? 6.829   3.739   -3.109  1.00 37.39 ? 1054 ASP A OD2 1 
ATOM   634  N N   . LEU A 1 77  ? 1.575   5.214   -3.337  1.00 28.08 ? 1055 LEU A N   1 
ATOM   635  C CA  . LEU A 1 77  ? 0.447   5.978   -3.841  1.00 28.37 ? 1055 LEU A CA  1 
ATOM   636  C C   . LEU A 1 77  ? -0.456  6.449   -2.701  1.00 33.20 ? 1055 LEU A C   1 
ATOM   637  O O   . LEU A 1 77  ? -0.922  7.594   -2.707  1.00 30.54 ? 1055 LEU A O   1 
ATOM   638  C CB  . LEU A 1 77  ? -0.328  5.129   -4.844  1.00 29.64 ? 1055 LEU A CB  1 
ATOM   639  C CG  . LEU A 1 77  ? -1.522  5.740   -5.568  1.00 33.81 ? 1055 LEU A CG  1 
ATOM   640  C CD1 . LEU A 1 77  ? -1.094  6.928   -6.414  1.00 36.22 ? 1055 LEU A CD1 1 
ATOM   641  C CD2 . LEU A 1 77  ? -2.185  4.678   -6.431  1.00 33.92 ? 1055 LEU A CD2 1 
ATOM   642  N N   . ILE A 1 78  ? -0.720  5.580   -1.714  1.00 28.91 ? 1056 ILE A N   1 
ATOM   643  C CA  . ILE A 1 78  ? -1.485  6.009   -0.546  1.00 28.13 ? 1056 ILE A CA  1 
ATOM   644  C C   . ILE A 1 78  ? -0.823  7.225   0.085   1.00 26.30 ? 1056 ILE A C   1 
ATOM   645  O O   . ILE A 1 78  ? -1.489  8.218   0.420   1.00 29.47 ? 1056 ILE A O   1 
ATOM   646  C CB  . ILE A 1 78  ? -1.627  4.863   0.474   1.00 28.95 ? 1056 ILE A CB  1 
ATOM   647  C CG1 . ILE A 1 78  ? -2.455  3.709   -0.102  1.00 28.07 ? 1056 ILE A CG1 1 
ATOM   648  C CG2 . ILE A 1 78  ? -2.260  5.386   1.755   1.00 27.32 ? 1056 ILE A CG2 1 
ATOM   649  C CD1 . ILE A 1 78  ? -2.673  2.535   0.880   1.00 25.76 ? 1056 ILE A CD1 1 
ATOM   650  N N   . CYS A 1 79  ? 0.503   7.182   0.213   1.00 25.94 ? 1057 CYS A N   1 
ATOM   651  C CA  . CYS A 1 79  ? 1.232   8.276   0.845   1.00 30.44 ? 1057 CYS A CA  1 
ATOM   652  C C   . CYS A 1 79  ? 1.194   9.543   -0.004  1.00 36.51 ? 1057 CYS A C   1 
ATOM   653  O O   . CYS A 1 79  ? 0.837   10.623  0.490   1.00 33.37 ? 1057 CYS A O   1 
ATOM   654  C CB  . CYS A 1 79  ? 2.671   7.851   1.107   1.00 28.61 ? 1057 CYS A CB  1 
ATOM   655  S SG  . CYS A 1 79  ? 3.634   9.064   2.017   1.00 37.90 ? 1057 CYS A SG  1 
ATOM   656  N N   . SER A 1 80  ? 1.569   9.441   -1.286  1.00 27.98 ? 1058 SER A N   1 
ATOM   657  C CA  . SER A 1 80  ? 1.676   10.649  -2.101  1.00 31.38 ? 1058 SER A CA  1 
ATOM   658  C C   . SER A 1 80  ? 0.310   11.300  -2.308  1.00 33.00 ? 1058 SER A C   1 
ATOM   659  O O   . SER A 1 80  ? 0.204   12.530  -2.343  1.00 36.19 ? 1058 SER A O   1 
ATOM   660  C CB  . SER A 1 80  ? 2.343   10.325  -3.440  1.00 37.80 ? 1058 SER A CB  1 
ATOM   661  O OG  . SER A 1 80  ? 1.555   9.410   -4.185  1.00 38.29 ? 1058 SER A OG  1 
ATOM   662  N N   . ASN A 1 81  ? -0.745  10.494  -2.440  1.00 28.95 ? 1059 ASN A N   1 
ATOM   663  C CA  . ASN A 1 81  ? -2.105  11.027  -2.478  1.00 29.65 ? 1059 ASN A CA  1 
ATOM   664  C C   . ASN A 1 81  ? -2.399  11.858  -1.232  1.00 36.18 ? 1059 ASN A C   1 
ATOM   665  O O   . ASN A 1 81  ? -2.969  12.954  -1.307  1.00 34.30 ? 1059 ASN A O   1 
ATOM   666  C CB  . ASN A 1 81  ? -3.119  9.884   -2.572  1.00 28.53 ? 1059 ASN A CB  1 
ATOM   667  C CG  . ASN A 1 81  ? -3.278  9.343   -3.984  1.00 32.57 ? 1059 ASN A CG  1 
ATOM   668  O OD1 . ASN A 1 81  ? -2.671  9.847   -4.930  1.00 32.64 ? 1059 ASN A OD1 1 
ATOM   669  N ND2 . ASN A 1 81  ? -4.101  8.309   -4.126  1.00 28.38 ? 1059 ASN A ND2 1 
ATOM   670  N N   . ALA A 1 82  ? -2.052  11.316  -0.062  1.00 31.65 ? 1060 ALA A N   1 
ATOM   671  C CA  . ALA A 1 82  ? -2.312  12.028  1.186   1.00 33.77 ? 1060 ALA A CA  1 
ATOM   672  C C   . ALA A 1 82  ? -1.536  13.335  1.234   1.00 31.27 ? 1060 ALA A C   1 
ATOM   673  O O   . ALA A 1 82  ? -2.070  14.362  1.661   1.00 36.33 ? 1060 ALA A O   1 
ATOM   674  C CB  . ALA A 1 82  ? -1.961  11.139  2.382   1.00 26.97 ? 1060 ALA A CB  1 
ATOM   675  N N   . LEU A 1 83  ? -0.277  13.316  0.787   1.00 32.36 ? 1061 LEU A N   1 
ATOM   676  C CA  . LEU A 1 83  ? 0.527   14.532  0.790   1.00 33.46 ? 1061 LEU A CA  1 
ATOM   677  C C   . LEU A 1 83  ? -0.030  15.550  -0.186  1.00 38.29 ? 1061 LEU A C   1 
ATOM   678  O O   . LEU A 1 83  ? -0.029  16.757  0.092   1.00 35.43 ? 1061 LEU A O   1 
ATOM   679  C CB  . LEU A 1 83  ? 1.980   14.228  0.433   1.00 34.04 ? 1061 LEU A CB  1 
ATOM   680  C CG  . LEU A 1 83  ? 2.792   13.237  1.262   1.00 38.05 ? 1061 LEU A CG  1 
ATOM   681  C CD1 . LEU A 1 83  ? 4.271   13.468  1.017   1.00 41.11 ? 1061 LEU A CD1 1 
ATOM   682  C CD2 . LEU A 1 83  ? 2.464   13.369  2.714   1.00 37.40 ? 1061 LEU A CD2 1 
ATOM   683  N N   . GLU A 1 84  ? -0.501  15.079  -1.342  1.00 38.60 ? 1062 GLU A N   1 
ATOM   684  C CA  . GLU A 1 84  ? -1.033  15.985  -2.351  1.00 39.51 ? 1062 GLU A CA  1 
ATOM   685  C C   . GLU A 1 84  ? -2.341  16.599  -1.888  1.00 37.27 ? 1062 GLU A C   1 
ATOM   686  O O   . GLU A 1 84  ? -2.546  17.810  -2.015  1.00 40.19 ? 1062 GLU A O   1 
ATOM   687  C CB  . GLU A 1 84  ? -1.207  15.239  -3.676  1.00 38.69 ? 1062 GLU A CB  1 
ATOM   688  C CG  . GLU A 1 84  ? -1.813  16.078  -4.787  1.00 47.37 ? 1062 GLU A CG  1 
ATOM   689  C CD  . GLU A 1 84  ? -1.880  15.338  -6.116  1.00 56.39 ? 1062 GLU A CD  1 
ATOM   690  O OE1 . GLU A 1 84  ? -2.024  16.019  -7.156  1.00 61.35 ? 1062 GLU A OE1 1 
ATOM   691  O OE2 . GLU A 1 84  ? -1.783  14.086  -6.122  1.00 52.41 ? 1062 GLU A OE2 1 
ATOM   692  N N   . TYR A 1 85  ? -3.224  15.788  -1.312  1.00 37.00 ? 1063 TYR A N   1 
ATOM   693  C CA  . TYR A 1 85  ? -4.503  16.293  -0.836  1.00 38.65 ? 1063 TYR A CA  1 
ATOM   694  C C   . TYR A 1 85  ? -4.382  17.147  0.426   1.00 40.19 ? 1063 TYR A C   1 
ATOM   695  O O   . TYR A 1 85  ? -5.316  17.898  0.728   1.00 38.90 ? 1063 TYR A O   1 
ATOM   696  C CB  . TYR A 1 85  ? -5.459  15.133  -0.571  1.00 37.81 ? 1063 TYR A CB  1 
ATOM   697  C CG  . TYR A 1 85  ? -6.866  15.572  -0.273  1.00 44.31 ? 1063 TYR A CG  1 
ATOM   698  C CD1 . TYR A 1 85  ? -7.647  16.179  -1.254  1.00 50.07 ? 1063 TYR A CD1 1 
ATOM   699  C CD2 . TYR A 1 85  ? -7.416  15.401  0.997   1.00 44.59 ? 1063 TYR A CD2 1 
ATOM   700  C CE1 . TYR A 1 85  ? -8.937  16.593  -0.983  1.00 53.28 ? 1063 TYR A CE1 1 
ATOM   701  C CE2 . TYR A 1 85  ? -8.705  15.808  1.273   1.00 47.12 ? 1063 TYR A CE2 1 
ATOM   702  C CZ  . TYR A 1 85  ? -9.458  16.402  0.279   1.00 54.05 ? 1063 TYR A CZ  1 
ATOM   703  O OH  . TYR A 1 85  ? -10.739 16.812  0.552   1.00 60.27 ? 1063 TYR A OH  1 
ATOM   704  N N   . ASN A 1 86  ? -3.279  17.049  1.173   1.00 34.99 ? 1064 ASN A N   1 
ATOM   705  C CA  . ASN A 1 86  ? -3.113  17.774  2.441   1.00 35.34 ? 1064 ASN A CA  1 
ATOM   706  C C   . ASN A 1 86  ? -1.810  18.567  2.456   1.00 31.53 ? 1064 ASN A C   1 
ATOM   707  O O   . ASN A 1 86  ? -0.928  18.324  3.290   1.00 34.19 ? 1064 ASN A O   1 
ATOM   708  C CB  . ASN A 1 86  ? -3.173  16.813  3.627   1.00 31.88 ? 1064 ASN A CB  1 
ATOM   709  C CG  . ASN A 1 86  ? -4.524  16.146  3.770   1.00 36.02 ? 1064 ASN A CG  1 
ATOM   710  O OD1 . ASN A 1 86  ? -5.464  16.739  4.286   1.00 40.57 ? 1064 ASN A OD1 1 
ATOM   711  N ND2 . ASN A 1 86  ? -4.629  14.897  3.318   1.00 36.49 ? 1064 ASN A ND2 1 
ATOM   712  N N   . PRO A 1 87  ? -1.666  19.555  1.579   1.00 33.60 ? 1065 PRO A N   1 
ATOM   713  C CA  . PRO A 1 87  ? -0.409  20.310  1.484   1.00 34.13 ? 1065 PRO A CA  1 
ATOM   714  C C   . PRO A 1 87  ? -0.303  21.514  2.411   1.00 38.13 ? 1065 PRO A C   1 
ATOM   715  O O   . PRO A 1 87  ? 0.763   22.139  2.443   1.00 39.29 ? 1065 PRO A O   1 
ATOM   716  C CB  . PRO A 1 87  ? -0.431  20.776  0.019   1.00 35.51 ? 1065 PRO A CB  1 
ATOM   717  C CG  . PRO A 1 87  ? -1.876  21.035  -0.229  1.00 35.84 ? 1065 PRO A CG  1 
ATOM   718  C CD  . PRO A 1 87  ? -2.666  20.059  0.618   1.00 36.40 ? 1065 PRO A CD  1 
ATOM   719  N N   . ASP A 1 88  ? -1.355  21.856  3.150   1.00 37.08 ? 1066 ASP A N   1 
ATOM   720  C CA  . ASP A 1 88  ? -1.413  23.116  3.881   1.00 36.85 ? 1066 ASP A CA  1 
ATOM   721  C C   . ASP A 1 88  ? -0.675  23.004  5.213   1.00 39.60 ? 1066 ASP A C   1 
ATOM   722  O O   . ASP A 1 88  ? -0.406  21.903  5.707   1.00 33.80 ? 1066 ASP A O   1 
ATOM   723  C CB  . ASP A 1 88  ? -2.868  23.518  4.114   1.00 39.43 ? 1066 ASP A CB  1 
ATOM   724  C CG  . ASP A 1 88  ? -3.623  23.755  2.814   1.00 48.70 ? 1066 ASP A CG  1 
ATOM   725  O OD1 . ASP A 1 88  ? -2.968  24.036  1.785   1.00 46.12 ? 1066 ASP A OD1 1 
ATOM   726  O OD2 . ASP A 1 88  ? -4.872  23.665  2.822   1.00 55.36 ? 1066 ASP A OD2 1 
ATOM   727  N N   . ARG A 1 89  ? -0.341  24.166  5.794   1.00 35.31 ? 1067 ARG A N   1 
ATOM   728  C CA  . ARG A 1 89  ? 0.404   24.192  7.051   1.00 34.52 ? 1067 ARG A CA  1 
ATOM   729  C C   . ARG A 1 89  ? -0.463  23.900  8.270   1.00 33.17 ? 1067 ARG A C   1 
ATOM   730  O O   . ARG A 1 89  ? 0.072   23.758  9.379   1.00 32.81 ? 1067 ARG A O   1 
ATOM   731  C CB  . ARG A 1 89  ? 1.095   25.546  7.262   1.00 34.13 ? 1067 ARG A CB  1 
ATOM   732  C CG  . ARG A 1 89  ? 0.182   26.776  7.289   1.00 33.19 ? 1067 ARG A CG  1 
ATOM   733  C CD  . ARG A 1 89  ? -0.261  27.125  8.720   1.00 35.08 ? 1067 ARG A CD  1 
ATOM   734  N NE  . ARG A 1 89  ? 0.883   27.160  9.637   1.00 34.84 ? 1067 ARG A NE  1 
ATOM   735  C CZ  . ARG A 1 89  ? 0.882   26.683  10.884  1.00 43.61 ? 1067 ARG A CZ  1 
ATOM   736  N NH1 . ARG A 1 89  ? -0.213  26.151  11.417  1.00 43.13 ? 1067 ARG A NH1 1 
ATOM   737  N NH2 . ARG A 1 89  ? 1.996   26.734  11.596  1.00 42.86 ? 1067 ARG A NH2 1 
ATOM   738  N N   . ASP A 1 90  ? -1.771  23.819  8.101   1.00 27.02 ? 1068 ASP A N   1 
ATOM   739  C CA  . ASP A 1 90  ? -2.650  23.681  9.239   1.00 36.13 ? 1068 ASP A CA  1 
ATOM   740  C C   . ASP A 1 90  ? -2.482  22.306  9.894   1.00 35.12 ? 1068 ASP A C   1 
ATOM   741  O O   . ASP A 1 90  ? -1.988  21.360  9.267   1.00 31.80 ? 1068 ASP A O   1 
ATOM   742  C CB  . ASP A 1 90  ? -4.090  23.924  8.810   1.00 34.19 ? 1068 ASP A CB  1 
ATOM   743  C CG  . ASP A 1 90  ? -4.656  22.786  8.034   1.00 43.57 ? 1068 ASP A CG  1 
ATOM   744  O OD1 . ASP A 1 90  ? -5.315  21.917  8.649   1.00 48.79 ? 1068 ASP A OD1 1 
ATOM   745  O OD2 . ASP A 1 90  ? -4.438  22.755  6.804   1.00 53.06 ? 1068 ASP A OD2 1 
ATOM   746  N N   . PRO A 1 91  ? -2.854  22.189  11.175  1.00 32.82 ? 1069 PRO A N   1 
ATOM   747  C CA  . PRO A 1 91  ? -2.543  20.954  11.914  1.00 30.91 ? 1069 PRO A CA  1 
ATOM   748  C C   . PRO A 1 91  ? -3.196  19.707  11.349  1.00 27.89 ? 1069 PRO A C   1 
ATOM   749  O O   . PRO A 1 91  ? -2.580  18.634  11.382  1.00 25.91 ? 1069 PRO A O   1 
ATOM   750  C CB  . PRO A 1 91  ? -3.065  21.247  13.331  1.00 30.54 ? 1069 PRO A CB  1 
ATOM   751  C CG  . PRO A 1 91  ? -3.156  22.712  13.420  1.00 35.49 ? 1069 PRO A CG  1 
ATOM   752  C CD  . PRO A 1 91  ? -3.433  23.228  12.046  1.00 32.84 ? 1069 PRO A CD  1 
ATOM   753  N N   . GLY A 1 92  ? -4.448  19.798  10.899  1.00 28.74 ? 1070 GLY A N   1 
ATOM   754  C CA  . GLY A 1 92  ? -5.104  18.626  10.340  1.00 31.46 ? 1070 GLY A CA  1 
ATOM   755  C C   . GLY A 1 92  ? -4.358  18.078  9.137   1.00 35.09 ? 1070 GLY A C   1 
ATOM   756  O O   . GLY A 1 92  ? -4.071  16.878  9.058   1.00 31.46 ? 1070 GLY A O   1 
ATOM   757  N N   . ASP A 1 93  ? -4.023  18.957  8.186   1.00 32.30 ? 1071 ASP A N   1 
ATOM   758  C CA  . ASP A 1 93  ? -3.188  18.556  7.058   1.00 33.12 ? 1071 ASP A CA  1 
ATOM   759  C C   . ASP A 1 93  ? -1.860  17.983  7.529   1.00 34.02 ? 1071 ASP A C   1 
ATOM   760  O O   . ASP A 1 93  ? -1.403  16.953  7.024   1.00 30.30 ? 1071 ASP A O   1 
ATOM   761  C CB  . ASP A 1 93  ? -2.935  19.738  6.122   1.00 33.36 ? 1071 ASP A CB  1 
ATOM   762  C CG  . ASP A 1 93  ? -4.117  20.035  5.227   1.00 35.36 ? 1071 ASP A CG  1 
ATOM   763  O OD1 . ASP A 1 93  ? -5.274  19.797  5.642   1.00 39.21 ? 1071 ASP A OD1 1 
ATOM   764  O OD2 . ASP A 1 93  ? -3.877  20.472  4.086   1.00 34.60 ? 1071 ASP A OD2 1 
ATOM   765  N N   . ARG A 1 94  ? -1.209  18.642  8.483   1.00 27.97 ? 1072 ARG A N   1 
ATOM   766  C CA  . ARG A 1 94  ? 0.127   18.205  8.857   1.00 30.43 ? 1072 ARG A CA  1 
ATOM   767  C C   . ARG A 1 94  ? 0.089   16.881  9.621   1.00 31.81 ? 1072 ARG A C   1 
ATOM   768  O O   . ARG A 1 94  ? 1.014   16.077  9.490   1.00 28.43 ? 1072 ARG A O   1 
ATOM   769  C CB  . ARG A 1 94  ? 0.827   19.304  9.655   1.00 35.19 ? 1072 ARG A CB  1 
ATOM   770  C CG  . ARG A 1 94  ? 2.323   19.124  9.728   1.00 44.52 ? 1072 ARG A CG  1 
ATOM   771  C CD  . ARG A 1 94  ? 2.959   19.907  10.847  1.00 51.37 ? 1072 ARG A CD  1 
ATOM   772  N NE  . ARG A 1 94  ? 4.356   19.605  11.076  1.00 52.72 ? 1072 ARG A NE  1 
ATOM   773  C CZ  . ARG A 1 94  ? 5.354   20.345  10.618  1.00 51.34 ? 1072 ARG A CZ  1 
ATOM   774  N NH1 . ARG A 1 94  ? 5.105   21.446  9.955   1.00 54.32 ? 1072 ARG A NH1 1 
ATOM   775  N NH2 . ARG A 1 94  ? 6.609   20.014  10.869  1.00 51.54 ? 1072 ARG A NH2 1 
ATOM   776  N N   . LEU A 1 95  ? -1.001  16.605  10.354  1.00 29.05 ? 1073 LEU A N   1 
ATOM   777  C CA  . LEU A 1 95  ? -1.156  15.309  11.019  1.00 30.17 ? 1073 LEU A CA  1 
ATOM   778  C C   . LEU A 1 95  ? -1.307  14.178  10.002  1.00 31.14 ? 1073 LEU A C   1 
ATOM   779  O O   . LEU A 1 95  ? -0.678  13.122  10.139  1.00 28.00 ? 1073 LEU A O   1 
ATOM   780  C CB  . LEU A 1 95  ? -2.356  15.341  11.964  1.00 26.01 ? 1073 LEU A CB  1 
ATOM   781  C CG  . LEU A 1 95  ? -2.749  14.032  12.649  1.00 27.43 ? 1073 LEU A CG  1 
ATOM   782  C CD1 . LEU A 1 95  ? -1.617  13.475  13.500  1.00 28.39 ? 1073 LEU A CD1 1 
ATOM   783  C CD2 . LEU A 1 95  ? -4.011  14.233  13.468  1.00 30.28 ? 1073 LEU A CD2 1 
ATOM   784  N N   . ILE A 1 96  ? -2.147  14.379  8.984   1.00 27.25 ? 1074 ILE A N   1 
ATOM   785  C CA  . ILE A 1 96  ? -2.313  13.353  7.955   1.00 31.14 ? 1074 ILE A CA  1 
ATOM   786  C C   . ILE A 1 96  ? -1.002  13.114  7.226   1.00 30.24 ? 1074 ILE A C   1 
ATOM   787  O O   . ILE A 1 96  ? -0.627  11.964  6.967   1.00 28.68 ? 1074 ILE A O   1 
ATOM   788  C CB  . ILE A 1 96  ? -3.441  13.733  6.973   1.00 33.05 ? 1074 ILE A CB  1 
ATOM   789  C CG1 . ILE A 1 96  ? -4.748  13.985  7.719   1.00 33.87 ? 1074 ILE A CG1 1 
ATOM   790  C CG2 . ILE A 1 96  ? -3.657  12.622  5.946   1.00 31.43 ? 1074 ILE A CG2 1 
ATOM   791  C CD1 . ILE A 1 96  ? -5.194  12.833  8.568   1.00 38.22 ? 1074 ILE A CD1 1 
ATOM   792  N N   . ARG A 1 97  ? -0.275  14.190  6.887   1.00 27.90 ? 1075 ARG A N   1 
ATOM   793  C CA  . ARG A 1 97  ? 1.009   14.011  6.208   1.00 28.78 ? 1075 ARG A CA  1 
ATOM   794  C C   . ARG A 1 97  ? 1.966   13.204  7.067   1.00 31.95 ? 1075 ARG A C   1 
ATOM   795  O O   . ARG A 1 97  ? 2.695   12.342  6.563   1.00 26.76 ? 1075 ARG A O   1 
ATOM   796  C CB  . ARG A 1 97  ? 1.651   15.361  5.862   1.00 32.68 ? 1075 ARG A CB  1 
ATOM   797  C CG  . ARG A 1 97  ? 0.947   16.128  4.762   1.00 33.07 ? 1075 ARG A CG  1 
ATOM   798  C CD  . ARG A 1 97  ? 1.879   17.112  4.051   1.00 32.57 ? 1075 ARG A CD  1 
ATOM   799  N NE  . ARG A 1 97  ? 2.546   18.056  4.944   1.00 35.69 ? 1075 ARG A NE  1 
ATOM   800  C CZ  . ARG A 1 97  ? 2.013   19.206  5.364   1.00 36.55 ? 1075 ARG A CZ  1 
ATOM   801  N NH1 . ARG A 1 97  ? 0.785   19.554  4.997   1.00 31.16 ? 1075 ARG A NH1 1 
ATOM   802  N NH2 . ARG A 1 97  ? 2.707   20.004  6.166   1.00 37.06 ? 1075 ARG A NH2 1 
ATOM   803  N N   . HIS A 1 98  ? 1.993   13.486  8.369   1.00 28.24 ? 1076 HIS A N   1 
ATOM   804  C CA  . HIS A 1 98  ? 2.891   12.743  9.244   1.00 29.39 ? 1076 HIS A CA  1 
ATOM   805  C C   . HIS A 1 98  ? 2.512   11.267  9.290   1.00 26.53 ? 1076 HIS A C   1 
ATOM   806  O O   . HIS A 1 98  ? 3.389   10.395  9.293   1.00 26.12 ? 1076 HIS A O   1 
ATOM   807  C CB  . HIS A 1 98  ? 2.874   13.346  10.646  1.00 26.80 ? 1076 HIS A CB  1 
ATOM   808  C CG  . HIS A 1 98  ? 3.957   12.827  11.532  1.00 28.07 ? 1076 HIS A CG  1 
ATOM   809  N ND1 . HIS A 1 98  ? 3.783   11.737  12.362  1.00 30.62 ? 1076 HIS A ND1 1 
ATOM   810  C CD2 . HIS A 1 98  ? 5.229   13.244  11.721  1.00 28.89 ? 1076 HIS A CD2 1 
ATOM   811  C CE1 . HIS A 1 98  ? 4.905   11.506  13.021  1.00 28.51 ? 1076 HIS A CE1 1 
ATOM   812  N NE2 . HIS A 1 98  ? 5.798   12.409  12.651  1.00 30.89 ? 1076 HIS A NE2 1 
ATOM   813  N N   . ARG A 1 99  ? 1.213   10.971  9.328   1.00 24.64 ? 1077 ARG A N   1 
ATOM   814  C CA  . ARG A 1 99  ? 0.766   9.582   9.338   1.00 29.88 ? 1077 ARG A CA  1 
ATOM   815  C C   . ARG A 1 99  ? 1.041   8.902   8.004   1.00 27.87 ? 1077 ARG A C   1 
ATOM   816  O O   . ARG A 1 99  ? 1.409   7.722   7.967   1.00 27.06 ? 1077 ARG A O   1 
ATOM   817  C CB  . ARG A 1 99  ? -0.723  9.514   9.665   1.00 27.86 ? 1077 ARG A CB  1 
ATOM   818  C CG  . ARG A 1 99  ? -1.045  9.951   11.082  1.00 27.55 ? 1077 ARG A CG  1 
ATOM   819  C CD  . ARG A 1 99  ? -2.528  10.218  11.263  1.00 28.02 ? 1077 ARG A CD  1 
ATOM   820  N NE  . ARG A 1 99  ? -2.878  10.244  12.691  1.00 31.87 ? 1077 ARG A NE  1 
ATOM   821  C CZ  . ARG A 1 99  ? -4.095  10.530  13.160  1.00 30.15 ? 1077 ARG A CZ  1 
ATOM   822  N NH1 . ARG A 1 99  ? -5.079  10.821  12.325  1.00 28.19 ? 1077 ARG A NH1 1 
ATOM   823  N NH2 . ARG A 1 99  ? -4.325  10.525  14.463  1.00 31.42 ? 1077 ARG A NH2 1 
ATOM   824  N N   . ALA A 1 100 ? 0.857   9.630   6.901   1.00 27.67 ? 1078 ALA A N   1 
ATOM   825  C CA  . ALA A 1 100 ? 1.138   9.074   5.581   1.00 29.77 ? 1078 ALA A CA  1 
ATOM   826  C C   . ALA A 1 100 ? 2.602   8.675   5.464   1.00 30.87 ? 1078 ALA A C   1 
ATOM   827  O O   . ALA A 1 100 ? 2.932   7.580   4.987   1.00 31.60 ? 1078 ALA A O   1 
ATOM   828  C CB  . ALA A 1 100 ? 0.757   10.088  4.498   1.00 29.77 ? 1078 ALA A CB  1 
ATOM   829  N N   . CYS A 1 101 ? 3.500   9.548   5.916   1.00 28.42 ? 1079 CYS A N   1 
ATOM   830  C CA  . CYS A 1 101 ? 4.915   9.224   5.855   1.00 29.26 ? 1079 CYS A CA  1 
ATOM   831  C C   . CYS A 1 101 ? 5.259   8.080   6.791   1.00 33.39 ? 1079 CYS A C   1 
ATOM   832  O O   . CYS A 1 101 ? 6.171   7.292   6.501   1.00 30.88 ? 1079 CYS A O   1 
ATOM   833  C CB  . CYS A 1 101 ? 5.743   10.463  6.196   1.00 33.92 ? 1079 CYS A CB  1 
ATOM   834  S SG  . CYS A 1 101 ? 5.746   11.656  4.844   1.00 41.45 ? 1079 CYS A SG  1 
ATOM   835  N N   . ALA A 1 102 ? 4.559   7.981   7.924   1.00 27.75 ? 1080 ALA A N   1 
ATOM   836  C CA  . ALA A 1 102 ? 4.823   6.888   8.849   1.00 28.99 ? 1080 ALA A CA  1 
ATOM   837  C C   . ALA A 1 102 ? 4.310   5.569   8.283   1.00 29.00 ? 1080 ALA A C   1 
ATOM   838  O O   . ALA A 1 102 ? 4.943   4.522   8.463   1.00 29.31 ? 1080 ALA A O   1 
ATOM   839  C CB  . ALA A 1 102 ? 4.197   7.185   10.210  1.00 24.67 ? 1080 ALA A CB  1 
ATOM   840  N N   . LEU A 1 103 ? 3.169   5.603   7.589   1.00 26.78 ? 1081 LEU A N   1 
ATOM   841  C CA  . LEU A 1 103 ? 2.682   4.414   6.890   1.00 27.36 ? 1081 LEU A CA  1 
ATOM   842  C C   . LEU A 1 103 ? 3.719   3.905   5.897   1.00 29.24 ? 1081 LEU A C   1 
ATOM   843  O O   . LEU A 1 103 ? 4.068   2.716   5.892   1.00 23.80 ? 1081 LEU A O   1 
ATOM   844  C CB  . LEU A 1 103 ? 1.372   4.723   6.162   1.00 26.75 ? 1081 LEU A CB  1 
ATOM   845  C CG  . LEU A 1 103 ? 0.857   3.563   5.290   1.00 29.69 ? 1081 LEU A CG  1 
ATOM   846  C CD1 . LEU A 1 103 ? 0.145   2.553   6.158   1.00 29.95 ? 1081 LEU A CD1 1 
ATOM   847  C CD2 . LEU A 1 103 ? -0.067  4.054   4.198   1.00 30.41 ? 1081 LEU A CD2 1 
ATOM   848  N N   . ARG A 1 104 ? 4.223   4.808   5.054   1.00 29.37 ? 1082 ARG A N   1 
ATOM   849  C CA  . ARG A 1 104 ? 5.250   4.469   4.076   1.00 31.48 ? 1082 ARG A CA  1 
ATOM   850  C C   . ARG A 1 104 ? 6.502   3.922   4.749   1.00 30.69 ? 1082 ARG A C   1 
ATOM   851  O O   . ARG A 1 104 ? 6.997   2.846   4.385   1.00 27.72 ? 1082 ARG A O   1 
ATOM   852  C CB  . ARG A 1 104 ? 5.585   5.708   3.242   1.00 30.15 ? 1082 ARG A CB  1 
ATOM   853  C CG  . ARG A 1 104 ? 6.490   5.475   2.023   1.00 34.64 ? 1082 ARG A CG  1 
ATOM   854  C CD  . ARG A 1 104 ? 7.219   6.761   1.626   1.00 42.46 ? 1082 ARG A CD  1 
ATOM   855  N NE  . ARG A 1 104 ? 7.906   7.354   2.784   1.00 51.07 ? 1082 ARG A NE  1 
ATOM   856  C CZ  . ARG A 1 104 ? 8.072   8.662   2.987   1.00 51.42 ? 1082 ARG A CZ  1 
ATOM   857  N NH1 . ARG A 1 104 ? 7.601   9.546   2.108   1.00 55.35 ? 1082 ARG A NH1 1 
ATOM   858  N NH2 . ARG A 1 104 ? 8.705   9.089   4.073   1.00 47.64 ? 1082 ARG A NH2 1 
ATOM   859  N N   . ASP A 1 105 ? 7.043   4.664   5.723   1.00 28.35 ? 1083 ASP A N   1 
ATOM   860  C CA  . ASP A 1 105 ? 8.254   4.229   6.414   1.00 29.21 ? 1083 ASP A CA  1 
ATOM   861  C C   . ASP A 1 105 ? 8.057   2.882   7.102   1.00 26.89 ? 1083 ASP A C   1 
ATOM   862  O O   . ASP A 1 105 ? 8.965   2.041   7.107   1.00 28.08 ? 1083 ASP A O   1 
ATOM   863  C CB  . ASP A 1 105 ? 8.683   5.270   7.445   1.00 32.35 ? 1083 ASP A CB  1 
ATOM   864  C CG  . ASP A 1 105 ? 9.155   6.578   6.816   1.00 40.26 ? 1083 ASP A CG  1 
ATOM   865  O OD1 . ASP A 1 105 ? 9.336   6.660   5.576   1.00 38.51 ? 1083 ASP A OD1 1 
ATOM   866  O OD2 . ASP A 1 105 ? 9.324   7.544   7.587   1.00 44.93 ? 1083 ASP A OD2 1 
ATOM   867  N N   . THR A 1 106 ? 6.895   2.670   7.714   1.00 26.01 ? 1084 THR A N   1 
ATOM   868  C CA  . THR A 1 106 ? 6.650   1.401   8.388   1.00 25.86 ? 1084 THR A CA  1 
ATOM   869  C C   . THR A 1 106 ? 6.600   0.251   7.389   1.00 23.65 ? 1084 THR A C   1 
ATOM   870  O O   . THR A 1 106 ? 7.197   -0.807  7.615   1.00 25.23 ? 1084 THR A O   1 
ATOM   871  C CB  . THR A 1 106 ? 5.344   1.463   9.182   1.00 27.93 ? 1084 THR A CB  1 
ATOM   872  O OG1 . THR A 1 106 ? 5.422   2.514   10.158  1.00 26.78 ? 1084 THR A OG1 1 
ATOM   873  C CG2 . THR A 1 106 ? 5.105   0.133   9.896   1.00 25.46 ? 1084 THR A CG2 1 
ATOM   874  N N   . ALA A 1 107 ? 5.891   0.441   6.276   1.00 22.87 ? 1085 ALA A N   1 
ATOM   875  C CA  . ALA A 1 107 ? 5.799   -0.611  5.267   1.00 26.00 ? 1085 ALA A CA  1 
ATOM   876  C C   . ALA A 1 107 ? 7.178   -0.963  4.724   1.00 25.36 ? 1085 ALA A C   1 
ATOM   877  O O   . ALA A 1 107 ? 7.537   -2.141  4.622   1.00 22.74 ? 1085 ALA A O   1 
ATOM   878  C CB  . ALA A 1 107 ? 4.874   -0.168  4.134   1.00 26.21 ? 1085 ALA A CB  1 
ATOM   879  N N   . TYR A 1 108 ? 7.979   0.052   4.389   1.00 22.70 ? 1086 TYR A N   1 
ATOM   880  C CA  . TYR A 1 108 ? 9.321   -0.217  3.884   1.00 25.91 ? 1086 TYR A CA  1 
ATOM   881  C C   . TYR A 1 108 ? 10.181  -0.914  4.932   1.00 26.75 ? 1086 TYR A C   1 
ATOM   882  O O   . TYR A 1 108 ? 10.969  -1.808  4.601   1.00 25.78 ? 1086 TYR A O   1 
ATOM   883  C CB  . TYR A 1 108 ? 9.987   1.082   3.420   1.00 27.21 ? 1086 TYR A CB  1 
ATOM   884  C CG  . TYR A 1 108 ? 9.641   1.442   1.989   1.00 30.68 ? 1086 TYR A CG  1 
ATOM   885  C CD1 . TYR A 1 108 ? 8.475   2.127   1.692   1.00 30.81 ? 1086 TYR A CD1 1 
ATOM   886  C CD2 . TYR A 1 108 ? 10.478  1.086   0.936   1.00 31.21 ? 1086 TYR A CD2 1 
ATOM   887  C CE1 . TYR A 1 108 ? 8.147   2.461   0.384   1.00 30.11 ? 1086 TYR A CE1 1 
ATOM   888  C CE2 . TYR A 1 108 ? 10.154  1.414   -0.377  1.00 29.93 ? 1086 TYR A CE2 1 
ATOM   889  C CZ  . TYR A 1 108 ? 8.997   2.095   -0.643  1.00 31.60 ? 1086 TYR A CZ  1 
ATOM   890  O OH  . TYR A 1 108 ? 8.677   2.416   -1.938  1.00 31.55 ? 1086 TYR A OH  1 
ATOM   891  N N   . ALA A 1 109 ? 10.027  -0.535  6.206   1.00 24.52 ? 1087 ALA A N   1 
ATOM   892  C CA  . ALA A 1 109 ? 10.848  -1.113  7.266   1.00 28.06 ? 1087 ALA A CA  1 
ATOM   893  C C   . ALA A 1 109 ? 10.488  -2.574  7.515   1.00 27.81 ? 1087 ALA A C   1 
ATOM   894  O O   . ALA A 1 109 ? 11.377  -3.397  7.753   1.00 27.18 ? 1087 ALA A O   1 
ATOM   895  C CB  . ALA A 1 109 ? 10.703  -0.301  8.559   1.00 27.76 ? 1087 ALA A CB  1 
ATOM   896  N N   . ILE A 1 110 ? 9.194   -2.915  7.479   1.00 25.75 ? 1088 ILE A N   1 
ATOM   897  C CA  . ILE A 1 110 ? 8.800   -4.315  7.657   1.00 25.48 ? 1088 ILE A CA  1 
ATOM   898  C C   . ILE A 1 110 ? 9.357   -5.156  6.520   1.00 25.59 ? 1088 ILE A C   1 
ATOM   899  O O   . ILE A 1 110 ? 9.945   -6.221  6.733   1.00 24.01 ? 1088 ILE A O   1 
ATOM   900  C CB  . ILE A 1 110 ? 7.268   -4.445  7.753   1.00 23.00 ? 1088 ILE A CB  1 
ATOM   901  C CG1 . ILE A 1 110 ? 6.769   -3.799  9.048   1.00 24.81 ? 1088 ILE A CG1 1 
ATOM   902  C CG2 . ILE A 1 110 ? 6.856   -5.922  7.684   1.00 19.33 ? 1088 ILE A CG2 1 
ATOM   903  C CD1 . ILE A 1 110 ? 5.277   -3.670  9.159   1.00 22.68 ? 1088 ILE A CD1 1 
ATOM   904  N N   . ILE A 1 111 ? 9.204   -4.668  5.291   1.00 24.97 ? 1089 ILE A N   1 
ATOM   905  C CA  . ILE A 1 111 ? 9.690   -5.399  4.127   1.00 25.98 ? 1089 ILE A CA  1 
ATOM   906  C C   . ILE A 1 111 ? 11.214  -5.558  4.177   1.00 27.72 ? 1089 ILE A C   1 
ATOM   907  O O   . ILE A 1 111 ? 11.751  -6.641  3.913   1.00 28.71 ? 1089 ILE A O   1 
ATOM   908  C CB  . ILE A 1 111 ? 9.199   -4.694  2.848   1.00 26.13 ? 1089 ILE A CB  1 
ATOM   909  C CG1 . ILE A 1 111 ? 7.723   -5.038  2.623   1.00 27.95 ? 1089 ILE A CG1 1 
ATOM   910  C CG2 . ILE A 1 111 ? 10.047  -5.071  1.636   1.00 29.56 ? 1089 ILE A CG2 1 
ATOM   911  C CD1 . ILE A 1 111 ? 6.998   -4.059  1.735   1.00 31.11 ? 1089 ILE A CD1 1 
ATOM   912  N N   . LYS A 1 112 ? 11.933  -4.494  4.534   1.00 27.78 ? 1090 LYS A N   1 
ATOM   913  C CA  . LYS A 1 112 ? 13.388  -4.597  4.640   1.00 31.83 ? 1090 LYS A CA  1 
ATOM   914  C C   . LYS A 1 112 ? 13.807  -5.620  5.687   1.00 31.77 ? 1090 LYS A C   1 
ATOM   915  O O   . LYS A 1 112 ? 14.792  -6.342  5.499   1.00 30.45 ? 1090 LYS A O   1 
ATOM   916  C CB  . LYS A 1 112 ? 13.997  -3.232  4.971   1.00 34.74 ? 1090 LYS A CB  1 
ATOM   917  C CG  . LYS A 1 112 ? 15.526  -3.229  4.991   1.00 42.25 ? 1090 LYS A CG  1 
ATOM   918  C CD  . LYS A 1 112 ? 16.075  -1.990  5.703   1.00 47.68 ? 1090 LYS A CD  1 
ATOM   919  C CE  . LYS A 1 112 ? 17.587  -1.880  5.530   1.00 52.21 ? 1090 LYS A CE  1 
ATOM   920  N NZ  . LYS A 1 112 ? 17.966  -1.770  4.093   1.00 54.41 ? 1090 LYS A NZ  1 
ATOM   921  N N   . GLU A 1 113 ? 13.075  -5.701  6.798   1.00 28.36 ? 1091 GLU A N   1 
ATOM   922  C CA  . GLU A 1 113 ? 13.456  -6.621  7.862   1.00 28.73 ? 1091 GLU A CA  1 
ATOM   923  C C   . GLU A 1 113 ? 12.998  -8.049  7.603   1.00 29.03 ? 1091 GLU A C   1 
ATOM   924  O O   . GLU A 1 113 ? 13.611  -8.990  8.118   1.00 29.66 ? 1091 GLU A O   1 
ATOM   925  C CB  . GLU A 1 113 ? 12.875  -6.161  9.197   1.00 33.39 ? 1091 GLU A CB  1 
ATOM   926  C CG  . GLU A 1 113 ? 13.879  -6.105  10.326  1.00 46.42 ? 1091 GLU A CG  1 
ATOM   927  C CD  . GLU A 1 113 ? 13.279  -5.559  11.620  1.00 58.06 ? 1091 GLU A CD  1 
ATOM   928  O OE1 . GLU A 1 113 ? 12.033  -5.583  11.762  1.00 61.07 ? 1091 GLU A OE1 1 
ATOM   929  O OE2 . GLU A 1 113 ? 14.054  -5.107  12.499  1.00 64.63 ? 1091 GLU A OE2 1 
ATOM   930  N N   . GLU A 1 114 ? 11.918  -8.243  6.850   1.00 23.42 ? 1092 GLU A N   1 
ATOM   931  C CA  . GLU A 1 114 ? 11.245  -9.531  6.854   1.00 25.44 ? 1092 GLU A CA  1 
ATOM   932  C C   . GLU A 1 114 ? 11.138  -10.214 5.497   1.00 26.86 ? 1092 GLU A C   1 
ATOM   933  O O   . GLU A 1 114 ? 10.884  -11.421 5.460   1.00 27.14 ? 1092 GLU A O   1 
ATOM   934  C CB  . GLU A 1 114 ? 9.833   -9.382  7.440   1.00 24.11 ? 1092 GLU A CB  1 
ATOM   935  C CG  . GLU A 1 114 ? 9.844   -8.866  8.890   1.00 26.39 ? 1092 GLU A CG  1 
ATOM   936  C CD  . GLU A 1 114 ? 8.446   -8.721  9.458   1.00 26.87 ? 1092 GLU A CD  1 
ATOM   937  O OE1 . GLU A 1 114 ? 7.525   -9.411  8.973   1.00 25.99 ? 1092 GLU A OE1 1 
ATOM   938  O OE2 . GLU A 1 114 ? 8.261   -7.912  10.384  1.00 24.22 ? 1092 GLU A OE2 1 
ATOM   939  N N   . LEU A 1 115 ? 11.295  -9.501  4.396   1.00 24.99 ? 1093 LEU A N   1 
ATOM   940  C CA  . LEU A 1 115 ? 11.199  -10.125 3.084   1.00 27.17 ? 1093 LEU A CA  1 
ATOM   941  C C   . LEU A 1 115 ? 12.597  -10.465 2.590   1.00 30.79 ? 1093 LEU A C   1 
ATOM   942  O O   . LEU A 1 115 ? 13.442  -9.574  2.451   1.00 30.39 ? 1093 LEU A O   1 
ATOM   943  C CB  . LEU A 1 115 ? 10.490  -9.218  2.089   1.00 26.44 ? 1093 LEU A CB  1 
ATOM   944  C CG  . LEU A 1 115 ? 10.212  -10.012 0.809   1.00 28.08 ? 1093 LEU A CG  1 
ATOM   945  C CD1 . LEU A 1 115 ? 9.052   -10.985 0.999   1.00 31.22 ? 1093 LEU A CD1 1 
ATOM   946  C CD2 . LEU A 1 115 ? 9.976   -9.046  -0.300  1.00 34.50 ? 1093 LEU A CD2 1 
ATOM   947  N N   . ASP A 1 116 ? 12.841  -11.746 2.328   1.00 28.86 ? 1094 ASP A N   1 
ATOM   948  C CA  . ASP A 1 116 ? 14.146  -12.162 1.833   1.00 28.58 ? 1094 ASP A CA  1 
ATOM   949  C C   . ASP A 1 116 ? 14.407  -11.580 0.448   1.00 26.36 ? 1094 ASP A C   1 
ATOM   950  O O   . ASP A 1 116 ? 13.566  -11.687 -0.451  1.00 24.40 ? 1094 ASP A O   1 
ATOM   951  C CB  . ASP A 1 116 ? 14.235  -13.689 1.807   1.00 28.21 ? 1094 ASP A CB  1 
ATOM   952  C CG  . ASP A 1 116 ? 15.635  -14.175 1.524   1.00 28.45 ? 1094 ASP A CG  1 
ATOM   953  O OD1 . ASP A 1 116 ? 16.199  -13.821 0.469   1.00 32.49 ? 1094 ASP A OD1 1 
ATOM   954  O OD2 . ASP A 1 116 ? 16.191  -14.887 2.367   1.00 32.76 ? 1094 ASP A OD2 1 
ATOM   955  N N   . GLU A 1 117 ? 15.584  -10.965 0.283   1.00 28.67 ? 1095 GLU A N   1 
ATOM   956  C CA  . GLU A 1 117 ? 15.952  -10.330 -0.983  1.00 32.85 ? 1095 GLU A CA  1 
ATOM   957  C C   . GLU A 1 117 ? 15.897  -11.314 -2.142  1.00 29.01 ? 1095 GLU A C   1 
ATOM   958  O O   . GLU A 1 117 ? 15.539  -10.946 -3.267  1.00 26.72 ? 1095 GLU A O   1 
ATOM   959  C CB  . GLU A 1 117 ? 17.365  -9.754  -0.893  1.00 34.49 ? 1095 GLU A CB  1 
ATOM   960  C CG  . GLU A 1 117 ? 17.517  -8.501  -0.067  1.00 49.08 ? 1095 GLU A CG  1 
ATOM   961  C CD  . GLU A 1 117 ? 18.932  -7.934  -0.146  1.00 62.94 ? 1095 GLU A CD  1 
ATOM   962  O OE1 . GLU A 1 117 ? 19.137  -6.785  0.308   1.00 70.00 ? 1095 GLU A OE1 1 
ATOM   963  O OE2 . GLU A 1 117 ? 19.834  -8.640  -0.665  1.00 60.69 ? 1095 GLU A OE2 1 
ATOM   964  N N   . ASP A 1 118 ? 16.315  -12.555 -1.897  1.00 27.17 ? 1096 ASP A N   1 
ATOM   965  C CA  . ASP A 1 118 ? 16.281  -13.573 -2.939  1.00 28.04 ? 1096 ASP A CA  1 
ATOM   966  C C   . ASP A 1 118 ? 14.853  -13.973 -3.285  1.00 28.11 ? 1096 ASP A C   1 
ATOM   967  O O   . ASP A 1 118 ? 14.568  -14.308 -4.444  1.00 27.03 ? 1096 ASP A O   1 
ATOM   968  C CB  . ASP A 1 118 ? 17.093  -14.794 -2.491  1.00 26.49 ? 1096 ASP A CB  1 
ATOM   969  C CG  . ASP A 1 118 ? 18.588  -14.514 -2.442  1.00 32.02 ? 1096 ASP A CG  1 
ATOM   970  O OD1 . ASP A 1 118 ? 19.072  -13.665 -3.209  1.00 32.70 ? 1096 ASP A OD1 1 
ATOM   971  O OD2 . ASP A 1 118 ? 19.282  -15.128 -1.620  1.00 34.67 ? 1096 ASP A OD2 1 
ATOM   972  N N   . PHE A 1 119 ? 13.948  -13.977 -2.299  1.00 26.52 ? 1097 PHE A N   1 
ATOM   973  C CA  . PHE A 1 119 ? 12.552  -14.256 -2.607  1.00 24.06 ? 1097 PHE A CA  1 
ATOM   974  C C   . PHE A 1 119 ? 11.987  -13.183 -3.527  1.00 27.32 ? 1097 PHE A C   1 
ATOM   975  O O   . PHE A 1 119 ? 11.328  -13.485 -4.532  1.00 28.92 ? 1097 PHE A O   1 
ATOM   976  C CB  . PHE A 1 119 ? 11.717  -14.357 -1.321  1.00 25.51 ? 1097 PHE A CB  1 
ATOM   977  C CG  . PHE A 1 119 ? 10.258  -14.638 -1.588  1.00 27.33 ? 1097 PHE A CG  1 
ATOM   978  C CD1 . PHE A 1 119 ? 9.808   -15.941 -1.763  1.00 26.54 ? 1097 PHE A CD1 1 
ATOM   979  C CD2 . PHE A 1 119 ? 9.349   -13.601 -1.718  1.00 25.24 ? 1097 PHE A CD2 1 
ATOM   980  C CE1 . PHE A 1 119 ? 8.479   -16.205 -2.043  1.00 27.79 ? 1097 PHE A CE1 1 
ATOM   981  C CE2 . PHE A 1 119 ? 8.021   -13.853 -1.998  1.00 23.85 ? 1097 PHE A CE2 1 
ATOM   982  C CZ  . PHE A 1 119 ? 7.576   -15.156 -2.158  1.00 24.39 ? 1097 PHE A CZ  1 
ATOM   983  N N   . GLU A 1 120 ? 12.228  -11.912 -3.194  1.00 24.83 ? 1098 GLU A N   1 
ATOM   984  C CA  . GLU A 1 120 ? 11.745  -10.846 -4.059  1.00 26.62 ? 1098 GLU A CA  1 
ATOM   985  C C   . GLU A 1 120 ? 12.386  -10.931 -5.438  1.00 27.42 ? 1098 GLU A C   1 
ATOM   986  O O   . GLU A 1 120 ? 11.710  -10.735 -6.453  1.00 24.51 ? 1098 GLU A O   1 
ATOM   987  C CB  . GLU A 1 120 ? 12.017  -9.483  -3.431  1.00 27.05 ? 1098 GLU A CB  1 
ATOM   988  C CG  . GLU A 1 120 ? 11.835  -8.329  -4.404  1.00 26.09 ? 1098 GLU A CG  1 
ATOM   989  C CD  . GLU A 1 120 ? 10.403  -8.149  -4.883  1.00 24.40 ? 1098 GLU A CD  1 
ATOM   990  O OE1 . GLU A 1 120 ? 9.480   -8.797  -4.359  1.00 25.15 ? 1098 GLU A OE1 1 
ATOM   991  O OE2 . GLU A 1 120 ? 10.177  -7.329  -5.794  1.00 30.65 ? 1098 GLU A OE2 1 
ATOM   992  N N   . GLN A 1 121 ? 13.689  -11.231 -5.493  1.00 28.55 ? 1099 GLN A N   1 
ATOM   993  C CA  . GLN A 1 121 ? 14.358  -11.361 -6.785  1.00 29.66 ? 1099 GLN A CA  1 
ATOM   994  C C   . GLN A 1 121 ? 13.712  -12.462 -7.625  1.00 31.55 ? 1099 GLN A C   1 
ATOM   995  O O   . GLN A 1 121 ? 13.448  -12.270 -8.819  1.00 28.41 ? 1099 GLN A O   1 
ATOM   996  C CB  . GLN A 1 121 ? 15.852  -11.620 -6.572  1.00 30.94 ? 1099 GLN A CB  1 
ATOM   997  C CG  . GLN A 1 121 ? 16.661  -11.721 -7.868  1.00 29.58 ? 1099 GLN A CG  1 
ATOM   998  C CD  . GLN A 1 121 ? 16.622  -10.430 -8.670  1.00 38.21 ? 1099 GLN A CD  1 
ATOM   999  O OE1 . GLN A 1 121 ? 16.596  -9.345  -8.097  1.00 37.25 ? 1099 GLN A OE1 1 
ATOM   1000 N NE2 . GLN A 1 121 ? 16.609  -10.542 -9.998  1.00 36.67 ? 1099 GLN A NE2 1 
ATOM   1001 N N   . LEU A 1 122 ? 13.405  -13.609 -7.007  1.00 26.47 ? 1100 LEU A N   1 
ATOM   1002 C CA  . LEU A 1 122 ? 12.686  -14.659 -7.723  1.00 27.12 ? 1100 LEU A CA  1 
ATOM   1003 C C   . LEU A 1 122 ? 11.365  -14.141 -8.279  1.00 29.60 ? 1100 LEU A C   1 
ATOM   1004 O O   . LEU A 1 122 ? 11.029  -14.383 -9.448  1.00 26.48 ? 1100 LEU A O   1 
ATOM   1005 C CB  . LEU A 1 122 ? 12.455  -15.866 -6.804  1.00 24.80 ? 1100 LEU A CB  1 
ATOM   1006 C CG  . LEU A 1 122 ? 11.611  -17.007 -7.389  1.00 28.24 ? 1100 LEU A CG  1 
ATOM   1007 C CD1 . LEU A 1 122 ? 12.230  -17.498 -8.699  1.00 26.03 ? 1100 LEU A CD1 1 
ATOM   1008 C CD2 . LEU A 1 122 ? 11.428  -18.163 -6.389  1.00 29.43 ? 1100 LEU A CD2 1 
ATOM   1009 N N   . CYS A 1 123 ? 10.591  -13.435 -7.446  1.00 27.43 ? 1101 CYS A N   1 
ATOM   1010 C CA  . CYS A 1 123 ? 9.325   -12.877 -7.912  1.00 27.43 ? 1101 CYS A CA  1 
ATOM   1011 C C   . CYS A 1 123 ? 9.537   -11.989 -9.131  1.00 28.10 ? 1101 CYS A C   1 
ATOM   1012 O O   . CYS A 1 123 ? 8.795   -12.080 -10.114 1.00 30.04 ? 1101 CYS A O   1 
ATOM   1013 C CB  . CYS A 1 123 ? 8.653   -12.082 -6.792  1.00 23.23 ? 1101 CYS A CB  1 
ATOM   1014 S SG  . CYS A 1 123 ? 7.945   -13.092 -5.493  1.00 24.50 ? 1101 CYS A SG  1 
ATOM   1015 N N   . GLU A 1 124 ? 10.549  -11.133 -9.092  1.00 28.41 ? 1102 GLU A N   1 
ATOM   1016 C CA  . GLU A 1 124 ? 10.769  -10.233 -10.220 1.00 33.65 ? 1102 GLU A CA  1 
ATOM   1017 C C   . GLU A 1 124 ? 11.182  -11.003 -11.471 1.00 37.85 ? 1102 GLU A C   1 
ATOM   1018 O O   . GLU A 1 124 ? 10.775  -10.650 -12.584 1.00 36.15 ? 1102 GLU A O   1 
ATOM   1019 C CB  . GLU A 1 124 ? 11.809  -9.181  -9.847  1.00 30.42 ? 1102 GLU A CB  1 
ATOM   1020 C CG  . GLU A 1 124 ? 11.337  -8.278  -8.715  1.00 33.26 ? 1102 GLU A CG  1 
ATOM   1021 C CD  . GLU A 1 124 ? 12.369  -7.256  -8.317  1.00 38.69 ? 1102 GLU A CD  1 
ATOM   1022 O OE1 . GLU A 1 124 ? 13.277  -7.005  -9.134  1.00 39.21 ? 1102 GLU A OE1 1 
ATOM   1023 O OE2 . GLU A 1 124 ? 12.275  -6.707  -7.189  1.00 33.79 ? 1102 GLU A OE2 1 
ATOM   1024 N N   . GLU A 1 125 ? 11.969  -12.073 -11.310 1.00 33.67 ? 1103 GLU A N   1 
ATOM   1025 C CA  . GLU A 1 125 ? 12.389  -12.829 -12.487 1.00 35.82 ? 1103 GLU A CA  1 
ATOM   1026 C C   . GLU A 1 125 ? 11.230  -13.617 -13.093 1.00 35.52 ? 1103 GLU A C   1 
ATOM   1027 O O   . GLU A 1 125 ? 11.136  -13.723 -14.320 1.00 39.25 ? 1103 GLU A O   1 
ATOM   1028 C CB  . GLU A 1 125 ? 13.592  -13.718 -12.136 1.00 30.13 ? 1103 GLU A CB  1 
ATOM   1029 C CG  . GLU A 1 125 ? 14.862  -12.875 -11.933 1.00 34.87 ? 1103 GLU A CG  1 
ATOM   1030 C CD  . GLU A 1 125 ? 16.126  -13.675 -11.639 1.00 33.60 ? 1103 GLU A CD  1 
ATOM   1031 O OE1 . GLU A 1 125 ? 16.122  -14.904 -11.840 1.00 32.55 ? 1103 GLU A OE1 1 
ATOM   1032 O OE2 . GLU A 1 125 ? 17.131  -13.066 -11.198 1.00 32.10 ? 1103 GLU A OE2 1 
ATOM   1033 N N   . ILE A 1 126 ? 10.312  -14.137 -12.278 1.00 32.30 ? 1104 ILE A N   1 
ATOM   1034 C CA  . ILE A 1 126 ? 9.114   -14.751 -12.841 1.00 33.75 ? 1104 ILE A CA  1 
ATOM   1035 C C   . ILE A 1 126 ? 8.284   -13.702 -13.574 1.00 40.94 ? 1104 ILE A C   1 
ATOM   1036 O O   . ILE A 1 126 ? 7.816   -13.929 -14.696 1.00 41.84 ? 1104 ILE A O   1 
ATOM   1037 C CB  . ILE A 1 126 ? 8.295   -15.460 -11.752 1.00 32.90 ? 1104 ILE A CB  1 
ATOM   1038 C CG1 . ILE A 1 126 ? 9.170   -16.451 -10.973 1.00 31.90 ? 1104 ILE A CG1 1 
ATOM   1039 C CG2 . ILE A 1 126 ? 7.113   -16.191 -12.375 1.00 35.48 ? 1104 ILE A CG2 1 
ATOM   1040 C CD1 . ILE A 1 126 ? 8.460   -17.073 -9.773  1.00 29.94 ? 1104 ILE A CD1 1 
ATOM   1041 N N   . GLN A 1 127 ? 8.115   -12.524 -12.964 1.00 40.76 ? 1105 GLN A N   1 
ATOM   1042 C CA  . GLN A 1 127 ? 7.349   -11.459 -13.612 1.00 41.41 ? 1105 GLN A CA  1 
ATOM   1043 C C   . GLN A 1 127 ? 7.978   -11.058 -14.946 1.00 41.74 ? 1105 GLN A C   1 
ATOM   1044 O O   . GLN A 1 127 ? 7.283   -10.936 -15.959 1.00 42.08 ? 1105 GLN A O   1 
ATOM   1045 C CB  . GLN A 1 127 ? 7.229   -10.247 -12.683 1.00 35.13 ? 1105 GLN A CB  1 
ATOM   1046 C CG  . GLN A 1 127 ? 6.461   -9.058  -13.292 1.00 38.48 ? 1105 GLN A CG  1 
ATOM   1047 C CD  . GLN A 1 127 ? 6.445   -7.835  -12.385 1.00 41.02 ? 1105 GLN A CD  1 
ATOM   1048 O OE1 . GLN A 1 127 ? 7.494   -7.266  -12.060 1.00 43.71 ? 1105 GLN A OE1 1 
ATOM   1049 N NE2 . GLN A 1 127 ? 5.249   -7.423  -11.968 1.00 38.55 ? 1105 GLN A NE2 1 
ATOM   1050 N N   . GLU A 1 128 ? 9.296   -10.845 -14.963 1.00 43.42 ? 1106 GLU A N   1 
ATOM   1051 C CA  . GLU A 1 128 ? 9.982   -10.420 -16.183 1.00 43.03 ? 1106 GLU A CA  1 
ATOM   1052 C C   . GLU A 1 128 ? 9.931   -11.468 -17.284 1.00 48.52 ? 1106 GLU A C   1 
ATOM   1053 O O   . GLU A 1 128 ? 10.230  -11.148 -18.441 1.00 50.73 ? 1106 GLU A O   1 
ATOM   1054 C CB  . GLU A 1 128 ? 11.446  -10.092 -15.897 1.00 42.36 ? 1106 GLU A CB  1 
ATOM   1055 C CG  . GLU A 1 128 ? 11.670  -8.819  -15.114 1.00 49.91 ? 1106 GLU A CG  1 
ATOM   1056 C CD  . GLU A 1 128 ? 12.988  -8.836  -14.362 1.00 54.10 ? 1106 GLU A CD  1 
ATOM   1057 O OE1 . GLU A 1 128 ? 13.782  -9.784  -14.560 1.00 53.45 ? 1106 GLU A OE1 1 
ATOM   1058 O OE2 . GLU A 1 128 ? 13.236  -7.899  -13.571 1.00 57.57 ? 1106 GLU A OE2 1 
ATOM   1059 N N   . SER A 1 129 ? 9.581   -12.705 -16.953 1.00 47.69 ? 1107 SER A N   1 
ATOM   1060 C CA  . SER A 1 129 ? 9.494   -13.786 -17.923 1.00 52.68 ? 1107 SER A CA  1 
ATOM   1061 C C   . SER A 1 129 ? 8.102   -13.931 -18.526 1.00 54.50 ? 1107 SER A C   1 
ATOM   1062 O O   . SER A 1 129 ? 7.895   -14.823 -19.356 1.00 56.81 ? 1107 SER A O   1 
ATOM   1063 C CB  . SER A 1 129 ? 9.912   -15.112 -17.276 1.00 46.28 ? 1107 SER A CB  1 
ATOM   1064 O OG  . SER A 1 129 ? 8.797   -15.757 -16.669 1.00 50.21 ? 1107 SER A OG  1 
ATOM   1065 N N   . ARG A 1 130 ? 7.151   -13.089 -18.129 1.00 51.30 ? 1108 ARG A N   1 
ATOM   1066 C CA  . ARG A 1 130 ? 5.782   -13.199 -18.621 1.00 58.96 ? 1108 ARG A CA  1 
ATOM   1067 C C   . ARG A 1 130 ? 5.405   -12.018 -19.513 1.00 62.63 ? 1108 ARG A C   1 
ATOM   1068 O O   . ARG A 1 130 ? 6.097   -10.996 -19.555 1.00 60.87 ? 1108 ARG A O   1 
ATOM   1069 C CB  . ARG A 1 130 ? 4.798   -13.314 -17.450 1.00 53.78 ? 1108 ARG A CB  1 
ATOM   1070 C CG  . ARG A 1 130 ? 4.593   -14.745 -16.986 1.00 58.35 ? 1108 ARG A CG  1 
ATOM   1071 C CD  . ARG A 1 130 ? 4.028   -14.842 -15.581 1.00 49.99 ? 1108 ARG A CD  1 
ATOM   1072 N NE  . ARG A 1 130 ? 4.302   -16.160 -15.012 1.00 50.66 ? 1108 ARG A NE  1 
ATOM   1073 C CZ  . ARG A 1 130 ? 3.540   -16.766 -14.107 1.00 49.31 ? 1108 ARG A CZ  1 
ATOM   1074 N NH1 . ARG A 1 130 ? 3.876   -17.965 -13.648 1.00 51.69 ? 1108 ARG A NH1 1 
ATOM   1075 N NH2 . ARG A 1 130 ? 2.432   -16.182 -13.669 1.00 54.31 ? 1108 ARG A NH2 1 
ATOM   1076 O OXT . ARG A 1 130 ? 4.397   -12.072 -20.220 1.00 66.78 ? 1108 ARG A OXT 1 
HETATM 1077 N N   . G7N B 2 .   ? -7.520  18.590  5.252   1.00 43.84 ? 1201 G7N A N   1 
HETATM 1078 C CA  . G7N B 2 .   ? -8.333  18.016  6.335   1.00 44.15 ? 1201 G7N A CA  1 
HETATM 1079 C C   . G7N B 2 .   ? -8.797  16.580  6.035   1.00 47.29 ? 1201 G7N A C   1 
HETATM 1080 O O   . G7N B 2 .   ? -9.863  16.197  6.515   1.00 47.34 ? 1201 G7N A O   1 
HETATM 1081 C CB  . G7N B 2 .   ? -7.497  18.028  7.617   1.00 45.77 ? 1201 G7N A CB  1 
HETATM 1082 C CAB . G7N B 2 .   ? -10.647 9.012   4.917   1.00 56.13 ? 1201 G7N A CAB 1 
HETATM 1083 C CAC . G7N B 2 .   ? -9.693  10.019  4.999   1.00 55.80 ? 1201 G7N A CAC 1 
HETATM 1084 C CAD . G7N B 2 .   ? -9.972  11.284  4.500   1.00 55.71 ? 1201 G7N A CAD 1 
HETATM 1085 C CAE . G7N B 2 .   ? -9.127  12.322  4.514   1.00 51.79 ? 1201 G7N A CAE 1 
HETATM 1086 C CAG . G7N B 2 .   ? -8.248  14.570  4.928   1.00 43.77 ? 1201 G7N A CAG 1 
HETATM 1087 C CAL . G7N B 2 .   ? -7.952  18.802  4.003   1.00 44.47 ? 1201 G7N A CAL 1 
HETATM 1088 C CAN . G7N B 2 .   ? -11.902 9.255   4.355   1.00 58.22 ? 1201 G7N A CAN 1 
HETATM 1089 C CAP . G7N B 2 .   ? -11.221 11.527  3.937   1.00 55.62 ? 1201 G7N A CAP 1 
HETATM 1090 C CAQ . G7N B 2 .   ? -7.937  12.563  3.888   1.00 48.14 ? 1201 G7N A CAQ 1 
HETATM 1091 C CAV . G7N B 2 .   ? -7.657  10.429  2.555   1.00 50.40 ? 1201 G7N A CAV 1 
HETATM 1092 C CAW . G7N B 2 .   ? -7.160  11.775  3.096   1.00 46.80 ? 1201 G7N A CAW 1 
HETATM 1093 N NAA . G7N B 2 .   ? -10.367 7.806   5.396   1.00 56.93 ? 1201 G7N A NAA 1 
HETATM 1094 N NAH . G7N B 2 .   ? -7.955  15.833  5.273   1.00 43.68 ? 1201 G7N A NAH 1 
HETATM 1095 N NAM . G7N B 2 .   ? -9.199  18.458  3.653   1.00 46.00 ? 1201 G7N A NAM 1 
HETATM 1096 N NAO . G7N B 2 .   ? -12.185 10.521  3.859   1.00 61.35 ? 1201 G7N A NAO 1 
HETATM 1097 N NAR . G7N B 2 .   ? -7.464  13.811  4.151   1.00 43.99 ? 1201 G7N A NAR 1 
HETATM 1098 N NAU . G7N B 2 .   ? -7.123  19.347  3.105   1.00 43.36 ? 1201 G7N A NAU 1 
HETATM 1099 O OAX . G7N B 2 .   ? -6.040  12.155  2.755   1.00 41.12 ? 1201 G7N A OAX 1 
HETATM 1100 S SAF . G7N B 2 .   ? -9.569  13.672  5.333   1.00 52.43 ? 1201 G7N A SAF 1 
HETATM 1101 S S   . SO4 C 3 .   ? -4.271  -17.524 -1.743  1.00 36.12 ? 1202 SO4 A S   1 
HETATM 1102 O O1  . SO4 C 3 .   ? -3.914  -18.455 -0.666  1.00 40.49 ? 1202 SO4 A O1  1 
HETATM 1103 O O2  . SO4 C 3 .   ? -5.674  -17.131 -1.594  1.00 34.95 ? 1202 SO4 A O2  1 
HETATM 1104 O O3  . SO4 C 3 .   ? -4.031  -18.166 -3.035  1.00 42.13 ? 1202 SO4 A O3  1 
HETATM 1105 O O4  . SO4 C 3 .   ? -3.449  -16.326 -1.631  1.00 36.70 ? 1202 SO4 A O4  1 
HETATM 1106 O O   . HOH D 4 .   ? 5.738   -26.446 -11.411 1.00 56.15 ? 1301 HOH A O   1 
HETATM 1107 O O   . HOH D 4 .   ? -6.219  22.188  10.470  1.00 47.71 ? 1302 HOH A O   1 
HETATM 1108 O O   . HOH D 4 .   ? 14.346  -7.536  -11.838 1.00 53.70 ? 1303 HOH A O   1 
HETATM 1109 O O   . HOH D 4 .   ? 9.880   -6.179  11.532  1.00 39.95 ? 1304 HOH A O   1 
HETATM 1110 O O   . HOH D 4 .   ? -10.462 5.651   6.141   1.00 46.36 ? 1305 HOH A O   1 
HETATM 1111 O O   . HOH D 4 .   ? 9.795   -7.726  -12.317 1.00 53.37 ? 1306 HOH A O   1 
HETATM 1112 O O   . HOH D 4 .   ? 2.992   -7.789  -12.677 1.00 60.05 ? 1307 HOH A O   1 
HETATM 1113 O O   . HOH D 4 .   ? -0.582  10.826  -5.586  1.00 36.33 ? 1308 HOH A O   1 
HETATM 1114 O O   . HOH D 4 .   ? 12.849  -13.943 -16.098 1.00 41.84 ? 1309 HOH A O   1 
HETATM 1115 O O   . HOH D 4 .   ? 9.296   -17.919 -15.519 1.00 44.12 ? 1310 HOH A O   1 
HETATM 1116 O O   . HOH D 4 .   ? -5.372  10.847  0.371   1.00 38.12 ? 1311 HOH A O   1 
HETATM 1117 O O   . HOH D 4 .   ? -1.059  18.472  13.392  1.00 33.19 ? 1312 HOH A O   1 
HETATM 1118 O O   . HOH D 4 .   ? 7.015   2.654   -5.400  1.00 38.97 ? 1313 HOH A O   1 
HETATM 1119 O O   . HOH D 4 .   ? 9.065   -23.531 -12.405 1.00 52.61 ? 1314 HOH A O   1 
HETATM 1120 O O   . HOH D 4 .   ? -9.149  4.182   -2.333  1.00 39.69 ? 1315 HOH A O   1 
HETATM 1121 O O   . HOH D 4 .   ? -8.015  -11.300 2.038   1.00 40.47 ? 1316 HOH A O   1 
HETATM 1122 O O   . HOH D 4 .   ? -10.586 -9.641  -1.329  1.00 35.51 ? 1317 HOH A O   1 
HETATM 1123 O O   . HOH D 4 .   ? -8.282  6.517   2.806   1.00 41.56 ? 1318 HOH A O   1 
HETATM 1124 O O   . HOH D 4 .   ? -14.533 9.289   3.751   1.00 67.03 ? 1319 HOH A O   1 
HETATM 1125 O O   . HOH D 4 .   ? -2.620  27.037  10.721  1.00 31.75 ? 1320 HOH A O   1 
HETATM 1126 O O   . HOH D 4 .   ? 10.584  -18.070 1.430   1.00 33.10 ? 1321 HOH A O   1 
HETATM 1127 O O   . HOH D 4 .   ? 0.263   -3.288  13.816  1.00 37.22 ? 1322 HOH A O   1 
HETATM 1128 O O   . HOH D 4 .   ? 0.187   -4.304  -9.735  1.00 50.82 ? 1323 HOH A O   1 
HETATM 1129 O O   . HOH D 4 .   ? 15.042  -17.043 -13.061 1.00 29.42 ? 1324 HOH A O   1 
HETATM 1130 O O   . HOH D 4 .   ? -6.340  7.645   -1.951  1.00 37.59 ? 1325 HOH A O   1 
HETATM 1131 O O   . HOH D 4 .   ? -6.231  1.530   11.823  1.00 33.70 ? 1326 HOH A O   1 
HETATM 1132 O O   . HOH D 4 .   ? 8.251   -14.638 2.015   1.00 36.72 ? 1327 HOH A O   1 
HETATM 1133 O O   . HOH D 4 .   ? 3.192   5.072   -6.613  1.00 34.38 ? 1328 HOH A O   1 
HETATM 1134 O O   . HOH D 4 .   ? 8.823   -13.075 6.120   1.00 29.37 ? 1329 HOH A O   1 
HETATM 1135 O O   . HOH D 4 .   ? -1.337  -13.732 5.452   1.00 22.90 ? 1330 HOH A O   1 
HETATM 1136 O O   . HOH D 4 .   ? 8.075   -5.356  -10.120 1.00 37.82 ? 1331 HOH A O   1 
HETATM 1137 O O   . HOH D 4 .   ? 0.998   -1.570  -8.287  1.00 40.11 ? 1332 HOH A O   1 
HETATM 1138 O O   . HOH D 4 .   ? -0.433  -18.279 -7.259  1.00 43.91 ? 1333 HOH A O   1 
HETATM 1139 O O   . HOH D 4 .   ? 6.040   10.440  9.959   1.00 35.95 ? 1334 HOH A O   1 
HETATM 1140 O O   . HOH D 4 .   ? 8.670   -20.227 -1.739  1.00 44.94 ? 1335 HOH A O   1 
HETATM 1141 O O   . HOH D 4 .   ? -5.872  6.396   1.502   1.00 33.10 ? 1336 HOH A O   1 
HETATM 1142 O O   . HOH D 4 .   ? 5.745   2.021   12.897  1.00 39.30 ? 1337 HOH A O   1 
HETATM 1143 O O   . HOH D 4 .   ? -4.222  8.412   0.805   1.00 31.12 ? 1338 HOH A O   1 
HETATM 1144 O O   . HOH D 4 .   ? 6.033   -18.122 -16.141 1.00 52.63 ? 1339 HOH A O   1 
HETATM 1145 O O   . HOH D 4 .   ? 4.516   -10.977 6.514   1.00 33.68 ? 1340 HOH A O   1 
HETATM 1146 O O   . HOH D 4 .   ? -7.109  6.732   14.738  1.00 39.47 ? 1341 HOH A O   1 
HETATM 1147 O O   . HOH D 4 .   ? 15.792  -8.226  -3.828  1.00 41.64 ? 1342 HOH A O   1 
HETATM 1148 O O   . HOH D 4 .   ? -3.967  12.590  -8.343  1.00 46.39 ? 1343 HOH A O   1 
HETATM 1149 O O   . HOH D 4 .   ? 11.527  2.828   6.263   1.00 33.96 ? 1344 HOH A O   1 
HETATM 1150 O O   . HOH D 4 .   ? -9.761  9.569   -12.012 1.00 44.82 ? 1345 HOH A O   1 
HETATM 1151 O O   . HOH D 4 .   ? -5.832  -15.381 -3.803  1.00 49.54 ? 1346 HOH A O   1 
HETATM 1152 O O   . HOH D 4 .   ? -1.303  19.654  -3.761  1.00 43.84 ? 1347 HOH A O   1 
HETATM 1153 O O   . HOH D 4 .   ? -3.557  10.054  -7.615  1.00 37.48 ? 1348 HOH A O   1 
HETATM 1154 O O   . HOH D 4 .   ? -2.795  -10.945 9.864   1.00 37.71 ? 1349 HOH A O   1 
HETATM 1155 O O   . HOH D 4 .   ? -8.595  -14.702 -4.064  1.00 39.00 ? 1350 HOH A O   1 
HETATM 1156 O O   . HOH D 4 .   ? 17.319  -10.595 2.503   1.00 35.90 ? 1351 HOH A O   1 
HETATM 1157 O O   . HOH D 4 .   ? 6.482   -24.533 -3.358  1.00 51.17 ? 1352 HOH A O   1 
HETATM 1158 O O   . HOH D 4 .   ? 3.588   22.716  6.057   1.00 42.71 ? 1353 HOH A O   1 
HETATM 1159 O O   . HOH D 4 .   ? -1.286  -2.602  -9.850  1.00 55.20 ? 1354 HOH A O   1 
HETATM 1160 O O   . HOH D 4 .   ? 14.604  -16.316 4.266   1.00 43.52 ? 1355 HOH A O   1 
HETATM 1161 O O   . HOH D 4 .   ? -10.731 -5.432  1.188   1.00 35.81 ? 1356 HOH A O   1 
HETATM 1162 O O   . HOH D 4 .   ? 12.621  -4.220  14.813  1.00 60.59 ? 1357 HOH A O   1 
HETATM 1163 O O   . HOH D 4 .   ? 13.898  -2.258  8.527   1.00 46.98 ? 1358 HOH A O   1 
HETATM 1164 O O   . HOH D 4 .   ? -0.606  -9.328  10.445  1.00 33.64 ? 1359 HOH A O   1 
HETATM 1165 O O   . HOH D 4 .   ? -7.274  11.673  14.006  1.00 46.54 ? 1360 HOH A O   1 
HETATM 1166 O O   . HOH D 4 .   ? -8.724  -1.835  10.581  1.00 41.79 ? 1361 HOH A O   1 
HETATM 1167 O O   . HOH D 4 .   ? 2.440   18.134  0.723   1.00 39.97 ? 1362 HOH A O   1 
HETATM 1168 O O   . HOH D 4 .   ? 4.096   8.075   14.156  1.00 35.82 ? 1363 HOH A O   1 
HETATM 1169 O O   . HOH D 4 .   ? -8.762  6.024   -10.823 1.00 49.75 ? 1364 HOH A O   1 
HETATM 1170 O O   . HOH D 4 .   ? -8.403  -1.726  5.877   1.00 38.57 ? 1365 HOH A O   1 
HETATM 1171 O O   . HOH D 4 .   ? 19.096  -11.735 -5.390  1.00 42.28 ? 1366 HOH A O   1 
HETATM 1172 O O   . HOH D 4 .   ? 8.235   -18.781 4.232   1.00 26.15 ? 1367 HOH A O   1 
HETATM 1173 O O   . HOH D 4 .   ? -1.459  -10.189 -5.596  1.00 24.57 ? 1368 HOH A O   1 
HETATM 1174 O O   . HOH D 4 .   ? 7.917   0.312   -5.819  1.00 36.97 ? 1369 HOH A O   1 
HETATM 1175 O O   . HOH D 4 .   ? -7.330  -0.558  15.049  1.00 52.08 ? 1370 HOH A O   1 
HETATM 1176 O O   . HOH D 4 .   ? 18.850  -11.343 -12.840 1.00 39.40 ? 1371 HOH A O   1 
HETATM 1177 O O   . HOH D 4 .   ? 2.003   -3.793  -11.932 1.00 55.09 ? 1372 HOH A O   1 
HETATM 1178 O O   . HOH D 4 .   ? 12.334  -1.636  1.997   1.00 36.06 ? 1373 HOH A O   1 
HETATM 1179 O O   . HOH D 4 .   ? -5.625  7.893   11.173  1.00 31.80 ? 1374 HOH A O   1 
HETATM 1180 O O   . HOH D 4 .   ? 0.334   23.008  12.224  1.00 31.95 ? 1375 HOH A O   1 
HETATM 1181 O O   . HOH D 4 .   ? -2.549  0.867   17.262  1.00 35.04 ? 1376 HOH A O   1 
HETATM 1182 O O   . HOH D 4 .   ? 7.935   8.162   10.124  1.00 44.55 ? 1377 HOH A O   1 
HETATM 1183 O O   . HOH D 4 .   ? -7.047  20.025  -0.425  1.00 50.63 ? 1378 HOH A O   1 
HETATM 1184 O O   . HOH D 4 .   ? 3.268   7.486   -5.705  1.00 41.77 ? 1379 HOH A O   1 
HETATM 1185 O O   . HOH D 4 .   ? 1.848   -0.835  11.973  1.00 34.42 ? 1380 HOH A O   1 
HETATM 1186 O O   . HOH D 4 .   ? -5.567  -0.364  -9.167  1.00 41.28 ? 1381 HOH A O   1 
HETATM 1187 O O   . HOH D 4 .   ? 8.715   -21.147 -16.216 1.00 48.36 ? 1382 HOH A O   1 
HETATM 1188 O O   . HOH D 4 .   ? 21.939  -12.921 -3.721  1.00 52.82 ? 1383 HOH A O   1 
HETATM 1189 O O   . HOH D 4 .   ? 5.224   8.084   -1.714  1.00 39.79 ? 1384 HOH A O   1 
HETATM 1190 O O   . HOH D 4 .   ? 10.765  -13.899 2.799   1.00 31.27 ? 1385 HOH A O   1 
HETATM 1191 O O   . HOH D 4 .   ? 5.917   10.028  -0.379  1.00 53.73 ? 1386 HOH A O   1 
HETATM 1192 O O   . HOH D 4 .   ? -0.431  -12.873 -7.096  1.00 30.41 ? 1387 HOH A O   1 
HETATM 1193 O O   . HOH D 4 .   ? 9.434   -20.573 -8.485  1.00 29.10 ? 1388 HOH A O   1 
HETATM 1194 O O   . HOH D 4 .   ? 6.990   5.519   13.326  1.00 47.64 ? 1389 HOH A O   1 
HETATM 1195 O O   . HOH D 4 .   ? -2.254  -20.073 -6.262  1.00 57.13 ? 1390 HOH A O   1 
HETATM 1196 O O   . HOH D 4 .   ? 0.075   -7.787  -12.290 1.00 47.05 ? 1391 HOH A O   1 
HETATM 1197 O O   . HOH D 4 .   ? -9.497  6.559   -1.336  1.00 43.80 ? 1392 HOH A O   1 
HETATM 1198 O O   . HOH D 4 .   ? 14.890  -6.882  2.002   1.00 63.34 ? 1393 HOH A O   1 
HETATM 1199 O O   . HOH D 4 .   ? -10.615 -9.120  -3.924  1.00 36.57 ? 1394 HOH A O   1 
HETATM 1200 O O   . HOH D 4 .   ? -0.441  26.733  4.075   1.00 41.92 ? 1395 HOH A O   1 
HETATM 1201 O O   . HOH D 4 .   ? -9.201  20.015  0.914   1.00 50.00 ? 1396 HOH A O   1 
HETATM 1202 O O   . HOH D 4 .   ? 12.821  -2.631  11.082  1.00 49.92 ? 1397 HOH A O   1 
HETATM 1203 O O   . HOH D 4 .   ? 4.107   16.603  9.386   1.00 38.37 ? 1398 HOH A O   1 
HETATM 1204 O O   . HOH D 4 .   ? 16.765  -10.603 -15.107 1.00 48.87 ? 1399 HOH A O   1 
HETATM 1205 O O   . HOH D 4 .   ? -1.991  8.980   -9.643  1.00 42.50 ? 1400 HOH A O   1 
HETATM 1206 O O   . HOH D 4 .   ? -5.795  -18.354 -5.631  1.00 53.26 ? 1401 HOH A O   1 
HETATM 1207 O O   . HOH D 4 .   ? 0.853   -22.986 -1.750  0.50 45.06 ? 1402 HOH A O   1 
HETATM 1208 O O   . HOH D 4 .   ? -8.073  1.432   13.770  1.00 45.92 ? 1403 HOH A O   1 
HETATM 1209 O O   . HOH D 4 .   ? -11.567 7.347   -2.825  1.00 49.91 ? 1404 HOH A O   1 
HETATM 1210 O O   . HOH D 4 .   ? 9.866   0.230   -4.236  1.00 45.34 ? 1405 HOH A O   1 
HETATM 1211 O O   . HOH D 4 .   ? 16.750  -7.608  -11.708 1.00 61.19 ? 1406 HOH A O   1 
HETATM 1212 O O   . HOH D 4 .   ? 14.092  -6.940  0.305   1.00 48.34 ? 1407 HOH A O   1 
HETATM 1213 O O   . HOH D 4 .   ? -0.491  -14.552 -9.361  1.00 37.47 ? 1408 HOH A O   1 
HETATM 1214 O O   . HOH D 4 .   ? -13.626 19.868  -11.393 1.00 55.76 ? 1409 HOH A O   1 
HETATM 1215 O O   . HOH D 4 .   ? 9.824   3.066   10.454  1.00 48.00 ? 1410 HOH A O   1 
HETATM 1216 O O   . HOH D 4 .   ? -5.040  -10.085 7.079   1.00 44.28 ? 1411 HOH A O   1 
HETATM 1217 O O   . HOH D 4 .   ? -2.891  -12.104 7.103   1.00 35.74 ? 1412 HOH A O   1 
HETATM 1218 O O   . HOH D 4 .   ? 5.624   16.113  4.889   1.00 50.92 ? 1413 HOH A O   1 
HETATM 1219 O O   . HOH D 4 .   ? -7.949  8.553   12.751  1.00 40.89 ? 1414 HOH A O   1 
HETATM 1220 O O   . HOH D 4 .   ? -11.386 -7.781  0.528   1.00 41.61 ? 1415 HOH A O   1 
HETATM 1221 O O   . HOH D 4 .   ? -10.873 -11.726 -5.096  1.00 41.63 ? 1416 HOH A O   1 
HETATM 1222 O O   . HOH D 4 .   ? -8.734  13.511  -15.080 1.00 49.86 ? 1417 HOH A O   1 
HETATM 1223 O O   . HOH D 4 .   ? 13.374  1.081   5.642   1.00 37.69 ? 1418 HOH A O   1 
HETATM 1224 O O   . HOH D 4 .   ? -10.120 -5.194  4.065   1.00 49.17 ? 1419 HOH A O   1 
HETATM 1225 O O   . HOH D 4 .   ? 13.848  -4.038  1.274   1.00 45.63 ? 1420 HOH A O   1 
HETATM 1226 O O   . HOH D 4 .   ? 4.923   -0.418  13.598  1.00 49.31 ? 1421 HOH A O   1 
HETATM 1227 O O   . HOH D 4 .   ? 11.932  3.767   8.911   1.00 46.90 ? 1422 HOH A O   1 
HETATM 1228 O O   . HOH D 4 .   ? -5.947  7.825   16.854  1.00 46.86 ? 1423 HOH A O   1 
HETATM 1229 O O   . HOH D 4 .   ? 2.477   -14.654 7.575   1.00 24.23 ? 1424 HOH A O   1 
HETATM 1230 O O   . HOH D 4 .   ? 6.265   8.427   12.936  1.00 42.80 ? 1425 HOH A O   1 
HETATM 1231 O O   . HOH D 4 .   ? 1.032   20.629  13.047  1.00 41.85 ? 1426 HOH A O   1 
HETATM 1232 O O   . HOH D 4 .   ? 5.448   8.475   -4.824  1.00 48.07 ? 1427 HOH A O   1 
HETATM 1233 O O   . HOH D 4 .   ? 13.917  0.436   2.907   1.00 36.14 ? 1428 HOH A O   1 
HETATM 1234 O O   . HOH D 4 .   ? 5.766   14.926  7.813   1.00 49.32 ? 1429 HOH A O   1 
HETATM 1235 O O   . HOH D 4 .   ? 0.741   9.670   -8.186  1.00 59.41 ? 1430 HOH A O   1 
HETATM 1236 O O   . HOH D 4 .   ? -6.073  -2.862  -10.694 1.00 49.77 ? 1431 HOH A O   1 
HETATM 1237 O O   . HOH D 4 .   ? 11.747  -16.358 3.401   1.00 46.30 ? 1432 HOH A O   1 
HETATM 1238 O O   . HOH D 4 .   ? 5.972   4.646   -7.101  1.00 45.52 ? 1433 HOH A O   1 
HETATM 1239 O O   . HOH D 4 .   ? 3.172   9.260   -8.050  1.00 56.73 ? 1434 HOH A O   1 
HETATM 1240 O O   . HOH D 4 .   ? -0.369  -14.983 7.677   1.00 28.43 ? 1435 HOH A O   1 
HETATM 1241 O O   . HOH D 4 .   ? 1.658   4.623   -9.023  1.00 60.36 ? 1436 HOH A O   1 
HETATM 1242 O O   . HOH D 4 .   ? 15.365  -6.726  -2.180  1.00 55.88 ? 1437 HOH A O   1 
HETATM 1243 O O   . HOH D 4 .   ? 7.150   12.906  8.494   1.00 45.34 ? 1438 HOH A O   1 
HETATM 1244 O O   . HOH D 4 .   ? 9.316   1.113   11.669  1.00 43.36 ? 1439 HOH A O   1 
HETATM 1245 O O   . HOH D 4 .   ? 4.592   12.762  -2.892  1.00 52.66 ? 1440 HOH A O   1 
HETATM 1246 O O   . HOH D 4 .   ? -9.643  -2.095  8.322   1.00 47.10 ? 1441 HOH A O   1 
HETATM 1247 O O   . HOH D 4 .   ? 17.354  0.715   8.062   1.00 59.88 ? 1442 HOH A O   1 
HETATM 1248 O O   . HOH D 4 .   ? 4.066   -2.418  12.609  1.00 44.15 ? 1443 HOH A O   1 
HETATM 1249 O O   . HOH D 4 .   ? 14.500  0.272   8.165   1.00 52.38 ? 1444 HOH A O   1 
HETATM 1250 O O   . HOH D 4 .   ? 6.423   15.410  3.421   1.00 55.28 ? 1445 HOH A O   1 
HETATM 1251 O O   . HOH D 4 .   ? 6.036   11.300  -5.095  1.00 55.67 ? 1446 HOH A O   1 
HETATM 1252 O O   . HOH D 4 .   ? -11.862 -12.840 -7.276  1.00 47.57 ? 1447 HOH A O   1 
HETATM 1253 O O   . HOH D 4 .   ? 7.168   -1.771  12.710  1.00 53.22 ? 1448 HOH A O   1 
HETATM 1254 O O   . HOH D 4 .   ? 12.823  -5.575  -1.181  1.00 49.12 ? 1449 HOH A O   1 
HETATM 1255 O O   . HOH D 4 .   ? 13.804  1.695   9.922   1.00 50.48 ? 1450 HOH A O   1 
HETATM 1256 O O   . HOH D 4 .   ? 13.851  -0.533  -1.166  1.00 50.72 ? 1451 HOH A O   1 
HETATM 1257 O O   . HOH D 4 .   ? 4.979   8.792   -9.293  1.00 63.43 ? 1452 HOH A O   1 
HETATM 1258 O O   . HOH D 4 .   ? 12.521  -2.722  -1.764  1.00 47.48 ? 1453 HOH A O   1 
# 
